data_4WFW
# 
_entry.id   4WFW 
# 
_audit_conform.dict_name       mmcif_pdbx.dic 
_audit_conform.dict_version    5.383 
_audit_conform.dict_location   http://mmcif.pdb.org/dictionaries/ascii/mmcif_pdbx.dic 
# 
loop_
_database_2.database_id 
_database_2.database_code 
_database_2.pdbx_database_accession 
_database_2.pdbx_DOI 
PDB   4WFW         pdb_00004wfw 10.2210/pdb4wfw/pdb 
WWPDB D_1000203749 ?            ?                   
# 
loop_
_pdbx_audit_revision_history.ordinal 
_pdbx_audit_revision_history.data_content_type 
_pdbx_audit_revision_history.major_revision 
_pdbx_audit_revision_history.minor_revision 
_pdbx_audit_revision_history.revision_date 
1 'Structure model' 1 0 2015-09-30 
2 'Structure model' 2 0 2017-08-30 
3 'Structure model' 2 1 2024-01-10 
# 
_pdbx_audit_revision_details.ordinal             1 
_pdbx_audit_revision_details.revision_ordinal    1 
_pdbx_audit_revision_details.data_content_type   'Structure model' 
_pdbx_audit_revision_details.provider            repository 
_pdbx_audit_revision_details.type                'Initial release' 
_pdbx_audit_revision_details.description         ? 
_pdbx_audit_revision_details.details             ? 
# 
loop_
_pdbx_audit_revision_group.ordinal 
_pdbx_audit_revision_group.revision_ordinal 
_pdbx_audit_revision_group.data_content_type 
_pdbx_audit_revision_group.group 
1 2 'Structure model' Advisory                     
2 2 'Structure model' 'Atomic model'               
3 2 'Structure model' 'Author supporting evidence' 
4 3 'Structure model' 'Data collection'            
5 3 'Structure model' 'Database references'        
6 3 'Structure model' 'Refinement description'     
# 
loop_
_pdbx_audit_revision_category.ordinal 
_pdbx_audit_revision_category.revision_ordinal 
_pdbx_audit_revision_category.data_content_type 
_pdbx_audit_revision_category.category 
1 2 'Structure model' atom_site                     
2 2 'Structure model' pdbx_audit_support            
3 2 'Structure model' pdbx_validate_close_contact   
4 3 'Structure model' chem_comp_atom                
5 3 'Structure model' chem_comp_bond                
6 3 'Structure model' database_2                    
7 3 'Structure model' pdbx_initial_refinement_model 
# 
loop_
_pdbx_audit_revision_item.ordinal 
_pdbx_audit_revision_item.revision_ordinal 
_pdbx_audit_revision_item.data_content_type 
_pdbx_audit_revision_item.item 
1 2 'Structure model' '_atom_site.B_iso_or_equiv'                  
2 2 'Structure model' '_atom_site.Cartn_x'                         
3 2 'Structure model' '_atom_site.Cartn_y'                         
4 2 'Structure model' '_atom_site.Cartn_z'                         
5 2 'Structure model' '_pdbx_audit_support.funding_organization'   
6 2 'Structure model' '_pdbx_validate_close_contact.auth_seq_id_2' 
7 3 'Structure model' '_database_2.pdbx_DOI'                       
8 3 'Structure model' '_database_2.pdbx_database_accession'        
# 
_pdbx_database_status.status_code                     REL 
_pdbx_database_status.status_code_sf                  REL 
_pdbx_database_status.status_code_mr                  ? 
_pdbx_database_status.entry_id                        4WFW 
_pdbx_database_status.recvd_initial_deposition_date   2014-09-17 
_pdbx_database_status.SG_entry                        N 
_pdbx_database_status.deposit_site                    RCSB 
_pdbx_database_status.process_site                    PDBE 
_pdbx_database_status.status_code_cs                  ? 
_pdbx_database_status.methods_development_category    ? 
_pdbx_database_status.pdb_format_compatible           Y 
_pdbx_database_status.status_code_nmr_data            ? 
# 
loop_
_audit_author.name 
_audit_author.pdbx_ordinal 
'Rycroft, P.B.'     1 
'Pickersgill, R.W.' 2 
'Shevchik, V.E.'    3 
# 
_citation.abstract                  ? 
_citation.abstract_id_CAS           ? 
_citation.book_id_ISBN              ? 
_citation.book_publisher            ? 
_citation.book_publisher_city       ? 
_citation.book_title                ? 
_citation.coordinate_linkage        ? 
_citation.country                   ? 
_citation.database_id_Medline       ? 
_citation.details                   ? 
_citation.id                        primary 
_citation.journal_abbrev            'To Be Published' 
_citation.journal_id_ASTM           ? 
_citation.journal_id_CSD            0353 
_citation.journal_id_ISSN           ? 
_citation.journal_full              ? 
_citation.journal_issue             ? 
_citation.journal_volume            ? 
_citation.language                  ? 
_citation.page_first                ? 
_citation.page_last                 ? 
_citation.title                     'The crystal structure of Dickeya dadantii GspB from the type 2 secretion system' 
_citation.year                      ? 
_citation.database_id_CSD           ? 
_citation.pdbx_database_id_DOI      ? 
_citation.pdbx_database_id_PubMed   ? 
_citation.unpublished_flag          ? 
# 
_citation_author.citation_id        primary 
_citation_author.name               'Rycroft, P.B.' 
_citation_author.ordinal            1 
_citation_author.identifier_ORCID   ? 
# 
loop_
_entity.id 
_entity.type 
_entity.src_method 
_entity.pdbx_description 
_entity.formula_weight 
_entity.pdbx_number_of_molecules 
_entity.pdbx_ec 
_entity.pdbx_mutation 
_entity.pdbx_fragment 
_entity.details 
1 polymer man 'General secretion pathway protein B' 9921.942 1  ? ? ? ? 
2 water   nat water                                 18.015   15 ? ? ? ? 
# 
_entity_poly.entity_id                      1 
_entity_poly.type                           'polypeptide(L)' 
_entity_poly.nstd_linkage                   no 
_entity_poly.nstd_monomer                   no 
_entity_poly.pdbx_seq_one_letter_code       
;PAKLVTGWQTAKPGELPYIAFSAHVYTSAPDKRSVTLNGERYREGDSPYQGLVIEQIEQDMVIFSFNGEPFILDSLQDWP
GGKPGDDAAQ
;
_entity_poly.pdbx_seq_one_letter_code_can   
;PAKLVTGWQTAKPGELPYIAFSAHVYTSAPDKRSVTLNGERYREGDSPYQGLVIEQIEQDMVIFSFNGEPFILDSLQDWP
GGKPGDDAAQ
;
_entity_poly.pdbx_strand_id                 A 
_entity_poly.pdbx_target_identifier         ? 
# 
_pdbx_entity_nonpoly.entity_id   2 
_pdbx_entity_nonpoly.name        water 
_pdbx_entity_nonpoly.comp_id     HOH 
# 
loop_
_entity_poly_seq.entity_id 
_entity_poly_seq.num 
_entity_poly_seq.mon_id 
_entity_poly_seq.hetero 
1 1  PRO n 
1 2  ALA n 
1 3  LYS n 
1 4  LEU n 
1 5  VAL n 
1 6  THR n 
1 7  GLY n 
1 8  TRP n 
1 9  GLN n 
1 10 THR n 
1 11 ALA n 
1 12 LYS n 
1 13 PRO n 
1 14 GLY n 
1 15 GLU n 
1 16 LEU n 
1 17 PRO n 
1 18 TYR n 
1 19 ILE n 
1 20 ALA n 
1 21 PHE n 
1 22 SER n 
1 23 ALA n 
1 24 HIS n 
1 25 VAL n 
1 26 TYR n 
1 27 THR n 
1 28 SER n 
1 29 ALA n 
1 30 PRO n 
1 31 ASP n 
1 32 LYS n 
1 33 ARG n 
1 34 SER n 
1 35 VAL n 
1 36 THR n 
1 37 LEU n 
1 38 ASN n 
1 39 GLY n 
1 40 GLU n 
1 41 ARG n 
1 42 TYR n 
1 43 ARG n 
1 44 GLU n 
1 45 GLY n 
1 46 ASP n 
1 47 SER n 
1 48 PRO n 
1 49 TYR n 
1 50 GLN n 
1 51 GLY n 
1 52 LEU n 
1 53 VAL n 
1 54 ILE n 
1 55 GLU n 
1 56 GLN n 
1 57 ILE n 
1 58 GLU n 
1 59 GLN n 
1 60 ASP n 
1 61 MET n 
1 62 VAL n 
1 63 ILE n 
1 64 PHE n 
1 65 SER n 
1 66 PHE n 
1 67 ASN n 
1 68 GLY n 
1 69 GLU n 
1 70 PRO n 
1 71 PHE n 
1 72 ILE n 
1 73 LEU n 
1 74 ASP n 
1 75 SER n 
1 76 LEU n 
1 77 GLN n 
1 78 ASP n 
1 79 TRP n 
1 80 PRO n 
1 81 GLY n 
1 82 GLY n 
1 83 LYS n 
1 84 PRO n 
1 85 GLY n 
1 86 ASP n 
1 87 ASP n 
1 88 ALA n 
1 89 ALA n 
1 90 GLN n 
# 
_entity_src_gen.entity_id                          1 
_entity_src_gen.pdbx_src_id                        1 
_entity_src_gen.pdbx_alt_source_flag               sample 
_entity_src_gen.pdbx_seq_type                      'Biological sequence' 
_entity_src_gen.pdbx_beg_seq_num                   1 
_entity_src_gen.pdbx_end_seq_num                   90 
_entity_src_gen.gene_src_common_name               ? 
_entity_src_gen.gene_src_genus                     ? 
_entity_src_gen.pdbx_gene_src_gene                 'outB, Dda3937_02412' 
_entity_src_gen.gene_src_species                   ? 
_entity_src_gen.gene_src_strain                    3937 
_entity_src_gen.gene_src_tissue                    ? 
_entity_src_gen.gene_src_tissue_fraction           ? 
_entity_src_gen.gene_src_details                   ? 
_entity_src_gen.pdbx_gene_src_fragment             ? 
_entity_src_gen.pdbx_gene_src_scientific_name      'Dickeya dadantii (strain 3937)' 
_entity_src_gen.pdbx_gene_src_ncbi_taxonomy_id     198628 
_entity_src_gen.pdbx_gene_src_variant              ? 
_entity_src_gen.pdbx_gene_src_cell_line            ? 
_entity_src_gen.pdbx_gene_src_atcc                 ? 
_entity_src_gen.pdbx_gene_src_organ                ? 
_entity_src_gen.pdbx_gene_src_organelle            ? 
_entity_src_gen.pdbx_gene_src_cell                 ? 
_entity_src_gen.pdbx_gene_src_cellular_location    ? 
_entity_src_gen.host_org_common_name               ? 
_entity_src_gen.pdbx_host_org_scientific_name      'Escherichia coli BL21(DE3)' 
_entity_src_gen.pdbx_host_org_ncbi_taxonomy_id     469008 
_entity_src_gen.host_org_genus                     ? 
_entity_src_gen.pdbx_host_org_gene                 ? 
_entity_src_gen.pdbx_host_org_organ                ? 
_entity_src_gen.host_org_species                   ? 
_entity_src_gen.pdbx_host_org_tissue               ? 
_entity_src_gen.pdbx_host_org_tissue_fraction      ? 
_entity_src_gen.pdbx_host_org_strain               ? 
_entity_src_gen.pdbx_host_org_variant              ? 
_entity_src_gen.pdbx_host_org_cell_line            ? 
_entity_src_gen.pdbx_host_org_atcc                 ? 
_entity_src_gen.pdbx_host_org_culture_collection   ? 
_entity_src_gen.pdbx_host_org_cell                 ? 
_entity_src_gen.pdbx_host_org_organelle            ? 
_entity_src_gen.pdbx_host_org_cellular_location    ? 
_entity_src_gen.pdbx_host_org_vector_type          ? 
_entity_src_gen.pdbx_host_org_vector               ? 
_entity_src_gen.host_org_details                   ? 
_entity_src_gen.expression_system_id               ? 
_entity_src_gen.plasmid_name                       ? 
_entity_src_gen.plasmid_details                    ? 
_entity_src_gen.pdbx_description                   ? 
# 
loop_
_chem_comp.id 
_chem_comp.type 
_chem_comp.mon_nstd_flag 
_chem_comp.name 
_chem_comp.pdbx_synonyms 
_chem_comp.formula 
_chem_comp.formula_weight 
ALA 'L-peptide linking' y ALANINE         ? 'C3 H7 N O2'     89.093  
ARG 'L-peptide linking' y ARGININE        ? 'C6 H15 N4 O2 1' 175.209 
ASN 'L-peptide linking' y ASPARAGINE      ? 'C4 H8 N2 O3'    132.118 
ASP 'L-peptide linking' y 'ASPARTIC ACID' ? 'C4 H7 N O4'     133.103 
GLN 'L-peptide linking' y GLUTAMINE       ? 'C5 H10 N2 O3'   146.144 
GLU 'L-peptide linking' y 'GLUTAMIC ACID' ? 'C5 H9 N O4'     147.129 
GLY 'peptide linking'   y GLYCINE         ? 'C2 H5 N O2'     75.067  
HIS 'L-peptide linking' y HISTIDINE       ? 'C6 H10 N3 O2 1' 156.162 
HOH non-polymer         . WATER           ? 'H2 O'           18.015  
ILE 'L-peptide linking' y ISOLEUCINE      ? 'C6 H13 N O2'    131.173 
LEU 'L-peptide linking' y LEUCINE         ? 'C6 H13 N O2'    131.173 
LYS 'L-peptide linking' y LYSINE          ? 'C6 H15 N2 O2 1' 147.195 
MET 'L-peptide linking' y METHIONINE      ? 'C5 H11 N O2 S'  149.211 
PHE 'L-peptide linking' y PHENYLALANINE   ? 'C9 H11 N O2'    165.189 
PRO 'L-peptide linking' y PROLINE         ? 'C5 H9 N O2'     115.130 
SER 'L-peptide linking' y SERINE          ? 'C3 H7 N O3'     105.093 
THR 'L-peptide linking' y THREONINE       ? 'C4 H9 N O3'     119.119 
TRP 'L-peptide linking' y TRYPTOPHAN      ? 'C11 H12 N2 O2'  204.225 
TYR 'L-peptide linking' y TYROSINE        ? 'C9 H11 N O3'    181.189 
VAL 'L-peptide linking' y VALINE          ? 'C5 H11 N O2'    117.146 
# 
loop_
_pdbx_poly_seq_scheme.asym_id 
_pdbx_poly_seq_scheme.entity_id 
_pdbx_poly_seq_scheme.seq_id 
_pdbx_poly_seq_scheme.mon_id 
_pdbx_poly_seq_scheme.ndb_seq_num 
_pdbx_poly_seq_scheme.pdb_seq_num 
_pdbx_poly_seq_scheme.auth_seq_num 
_pdbx_poly_seq_scheme.pdb_mon_id 
_pdbx_poly_seq_scheme.auth_mon_id 
_pdbx_poly_seq_scheme.pdb_strand_id 
_pdbx_poly_seq_scheme.pdb_ins_code 
_pdbx_poly_seq_scheme.hetero 
A 1 1  PRO 1  112 ?   ?   ?   A . n 
A 1 2  ALA 2  113 ?   ?   ?   A . n 
A 1 3  LYS 3  114 ?   ?   ?   A . n 
A 1 4  LEU 4  115 115 LEU LEU A . n 
A 1 5  VAL 5  116 116 VAL VAL A . n 
A 1 6  THR 6  117 117 THR THR A . n 
A 1 7  GLY 7  118 118 GLY GLY A . n 
A 1 8  TRP 8  119 119 TRP TRP A . n 
A 1 9  GLN 9  120 120 GLN GLN A . n 
A 1 10 THR 10 121 121 THR THR A . n 
A 1 11 ALA 11 122 122 ALA ALA A . n 
A 1 12 LYS 12 123 123 LYS LYS A . n 
A 1 13 PRO 13 124 124 PRO PRO A . n 
A 1 14 GLY 14 125 125 GLY GLY A . n 
A 1 15 GLU 15 126 126 GLU GLU A . n 
A 1 16 LEU 16 127 127 LEU LEU A . n 
A 1 17 PRO 17 128 128 PRO PRO A . n 
A 1 18 TYR 18 129 129 TYR TYR A . n 
A 1 19 ILE 19 130 130 ILE ILE A . n 
A 1 20 ALA 20 131 131 ALA ALA A . n 
A 1 21 PHE 21 132 132 PHE PHE A . n 
A 1 22 SER 22 133 133 SER SER A . n 
A 1 23 ALA 23 134 134 ALA ALA A . n 
A 1 24 HIS 24 135 135 HIS HIS A . n 
A 1 25 VAL 25 136 136 VAL VAL A . n 
A 1 26 TYR 26 137 137 TYR TYR A . n 
A 1 27 THR 27 138 138 THR THR A . n 
A 1 28 SER 28 139 139 SER SER A . n 
A 1 29 ALA 29 140 140 ALA ALA A . n 
A 1 30 PRO 30 141 141 PRO PRO A . n 
A 1 31 ASP 31 142 142 ASP ASP A . n 
A 1 32 LYS 32 143 143 LYS LYS A . n 
A 1 33 ARG 33 144 144 ARG ARG A . n 
A 1 34 SER 34 145 145 SER SER A . n 
A 1 35 VAL 35 146 146 VAL VAL A . n 
A 1 36 THR 36 147 147 THR THR A . n 
A 1 37 LEU 37 148 148 LEU LEU A . n 
A 1 38 ASN 38 149 149 ASN ASN A . n 
A 1 39 GLY 39 150 150 GLY GLY A . n 
A 1 40 GLU 40 151 151 GLU GLU A . n 
A 1 41 ARG 41 152 152 ARG ARG A . n 
A 1 42 TYR 42 153 153 TYR TYR A . n 
A 1 43 ARG 43 154 154 ARG ARG A . n 
A 1 44 GLU 44 155 155 GLU GLU A . n 
A 1 45 GLY 45 156 156 GLY GLY A . n 
A 1 46 ASP 46 157 157 ASP ASP A . n 
A 1 47 SER 47 158 158 SER SER A . n 
A 1 48 PRO 48 159 159 PRO PRO A . n 
A 1 49 TYR 49 160 160 TYR TYR A . n 
A 1 50 GLN 50 161 161 GLN GLN A . n 
A 1 51 GLY 51 162 162 GLY GLY A . n 
A 1 52 LEU 52 163 163 LEU LEU A . n 
A 1 53 VAL 53 164 164 VAL VAL A . n 
A 1 54 ILE 54 165 165 ILE ILE A . n 
A 1 55 GLU 55 166 166 GLU GLU A . n 
A 1 56 GLN 56 167 167 GLN GLN A . n 
A 1 57 ILE 57 168 168 ILE ILE A . n 
A 1 58 GLU 58 169 169 GLU GLU A . n 
A 1 59 GLN 59 170 170 GLN GLN A . n 
A 1 60 ASP 60 171 171 ASP ASP A . n 
A 1 61 MET 61 172 172 MET MET A . n 
A 1 62 VAL 62 173 173 VAL VAL A . n 
A 1 63 ILE 63 174 174 ILE ILE A . n 
A 1 64 PHE 64 175 175 PHE PHE A . n 
A 1 65 SER 65 176 176 SER SER A . n 
A 1 66 PHE 66 177 177 PHE PHE A . n 
A 1 67 ASN 67 178 178 ASN ASN A . n 
A 1 68 GLY 68 179 179 GLY GLY A . n 
A 1 69 GLU 69 180 180 GLU GLU A . n 
A 1 70 PRO 70 181 181 PRO PRO A . n 
A 1 71 PHE 71 182 182 PHE PHE A . n 
A 1 72 ILE 72 183 183 ILE ILE A . n 
A 1 73 LEU 73 184 184 LEU LEU A . n 
A 1 74 ASP 74 185 185 ASP ASP A . n 
A 1 75 SER 75 186 186 SER SER A . n 
A 1 76 LEU 76 187 187 LEU LEU A . n 
A 1 77 GLN 77 188 188 GLN GLN A . n 
A 1 78 ASP 78 189 189 ASP ASP A . n 
A 1 79 TRP 79 190 190 TRP TRP A . n 
A 1 80 PRO 80 191 191 PRO PRO A . n 
A 1 81 GLY 81 192 192 GLY GLY A . n 
A 1 82 GLY 82 193 193 GLY GLY A . n 
A 1 83 LYS 83 194 194 LYS LYS A . n 
A 1 84 PRO 84 195 195 PRO PRO A . n 
A 1 85 GLY 85 196 196 GLY GLY A . n 
A 1 86 ASP 86 197 197 ASP ASP A . n 
A 1 87 ASP 87 198 198 ASP ASP A . n 
A 1 88 ALA 88 199 ?   ?   ?   A . n 
A 1 89 ALA 89 200 ?   ?   ?   A . n 
A 1 90 GLN 90 201 ?   ?   ?   A . n 
# 
loop_
_pdbx_nonpoly_scheme.asym_id 
_pdbx_nonpoly_scheme.entity_id 
_pdbx_nonpoly_scheme.mon_id 
_pdbx_nonpoly_scheme.ndb_seq_num 
_pdbx_nonpoly_scheme.pdb_seq_num 
_pdbx_nonpoly_scheme.auth_seq_num 
_pdbx_nonpoly_scheme.pdb_mon_id 
_pdbx_nonpoly_scheme.auth_mon_id 
_pdbx_nonpoly_scheme.pdb_strand_id 
_pdbx_nonpoly_scheme.pdb_ins_code 
B 2 HOH 1  301 5  HOH HOH A . 
B 2 HOH 2  302 3  HOH HOH A . 
B 2 HOH 3  303 14 HOH HOH A . 
B 2 HOH 4  304 6  HOH HOH A . 
B 2 HOH 5  305 2  HOH HOH A . 
B 2 HOH 6  306 4  HOH HOH A . 
B 2 HOH 7  307 1  HOH HOH A . 
B 2 HOH 8  308 7  HOH HOH A . 
B 2 HOH 9  309 12 HOH HOH A . 
B 2 HOH 10 310 15 HOH HOH A . 
B 2 HOH 11 311 9  HOH HOH A . 
B 2 HOH 12 312 8  HOH HOH A . 
B 2 HOH 13 313 13 HOH HOH A . 
B 2 HOH 14 314 10 HOH HOH A . 
B 2 HOH 15 315 11 HOH HOH A . 
# 
loop_
_software.citation_id 
_software.classification 
_software.compiler_name 
_software.compiler_version 
_software.contact_author 
_software.contact_author_email 
_software.date 
_software.description 
_software.dependencies 
_software.hardware 
_software.language 
_software.location 
_software.mods 
_software.name 
_software.os 
_software.os_version 
_software.type 
_software.version 
_software.pdbx_ordinal 
? refinement       ? ? ? ? ? ? ? ? ? ? ? REFMAC ? ? ? 5.8.0085 1 
? 'data reduction' ? ? ? ? ? ? ? ? ? ? ? XDS    ? ? ? .        2 
? 'data scaling'   ? ? ? ? ? ? ? ? ? ? ? xia2   ? ? ? .        3 
? phasing          ? ? ? ? ? ? ? ? ? ? ? PHASER ? ? ? .        4 
# 
_cell.entry_id           4WFW 
_cell.length_a           36.210 
_cell.length_b           36.210 
_cell.length_c           131.280 
_cell.angle_alpha        90.00 
_cell.angle_beta         90.00 
_cell.angle_gamma        90.00 
_cell.Z_PDB              8 
_cell.pdbx_unique_axis   ? 
# 
_symmetry.entry_id                         4WFW 
_symmetry.space_group_name_H-M             'P 43 21 2' 
_symmetry.pdbx_full_space_group_name_H-M   ? 
_symmetry.cell_setting                     ? 
_symmetry.Int_Tables_number                96 
# 
_exptl.absorpt_coefficient_mu     ? 
_exptl.absorpt_correction_T_max   ? 
_exptl.absorpt_correction_T_min   ? 
_exptl.absorpt_correction_type    ? 
_exptl.absorpt_process_details    ? 
_exptl.entry_id                   4WFW 
_exptl.crystals_number            ? 
_exptl.details                    ? 
_exptl.method                     'X-RAY DIFFRACTION' 
_exptl.method_details             ? 
# 
_exptl_crystal.colour                      ? 
_exptl_crystal.density_diffrn              ? 
_exptl_crystal.density_Matthews            2.17 
_exptl_crystal.density_method              ? 
_exptl_crystal.density_percent_sol         43.28 
_exptl_crystal.description                 ? 
_exptl_crystal.F_000                       ? 
_exptl_crystal.id                          1 
_exptl_crystal.preparation                 ? 
_exptl_crystal.size_max                    ? 
_exptl_crystal.size_mid                    ? 
_exptl_crystal.size_min                    ? 
_exptl_crystal.size_rad                    ? 
_exptl_crystal.colour_lustre               ? 
_exptl_crystal.colour_modifier             ? 
_exptl_crystal.colour_primary              ? 
_exptl_crystal.density_meas                ? 
_exptl_crystal.density_meas_esd            ? 
_exptl_crystal.density_meas_gt             ? 
_exptl_crystal.density_meas_lt             ? 
_exptl_crystal.density_meas_temp           ? 
_exptl_crystal.density_meas_temp_esd       ? 
_exptl_crystal.density_meas_temp_gt        ? 
_exptl_crystal.density_meas_temp_lt        ? 
_exptl_crystal.pdbx_crystal_image_url      ? 
_exptl_crystal.pdbx_crystal_image_format   ? 
_exptl_crystal.pdbx_mosaicity              ? 
_exptl_crystal.pdbx_mosaicity_esd          ? 
# 
_exptl_crystal_grow.apparatus       ? 
_exptl_crystal_grow.atmosphere      ? 
_exptl_crystal_grow.crystal_id      1 
_exptl_crystal_grow.details         ? 
_exptl_crystal_grow.method          'VAPOR DIFFUSION, HANGING DROP' 
_exptl_crystal_grow.method_ref      ? 
_exptl_crystal_grow.pH              8.5 
_exptl_crystal_grow.pressure        ? 
_exptl_crystal_grow.pressure_esd    ? 
_exptl_crystal_grow.seeding         ? 
_exptl_crystal_grow.seeding_ref     ? 
_exptl_crystal_grow.temp            291.15 
_exptl_crystal_grow.temp_details    'Air Conditioned room' 
_exptl_crystal_grow.temp_esd        ? 
_exptl_crystal_grow.time            ? 
_exptl_crystal_grow.pdbx_details    
;initial hit from nano drop. Scaled up using whisker streak seeding.

0.2M MgCl, 0.1M Tris, 30% w/v PEG4000, pH8.5
;
_exptl_crystal_grow.pdbx_pH_range   8.4-8.6 
# 
_diffrn.ambient_environment    ? 
_diffrn.ambient_temp           100 
_diffrn.ambient_temp_details   Cryostream 
_diffrn.ambient_temp_esd       ? 
_diffrn.crystal_id             1 
_diffrn.crystal_support        ? 
_diffrn.crystal_treatment      ? 
_diffrn.details                ? 
_diffrn.id                     1 
_diffrn.ambient_pressure       ? 
_diffrn.ambient_pressure_esd   ? 
_diffrn.ambient_pressure_gt    ? 
_diffrn.ambient_pressure_lt    ? 
_diffrn.ambient_temp_gt        ? 
_diffrn.ambient_temp_lt        ? 
# 
_diffrn_detector.details                      ? 
_diffrn_detector.detector                     PIXEL 
_diffrn_detector.diffrn_id                    1 
_diffrn_detector.type                         'PSI PILATUS 6M' 
_diffrn_detector.area_resol_mean              ? 
_diffrn_detector.dtime                        ? 
_diffrn_detector.pdbx_frames_total            ? 
_diffrn_detector.pdbx_collection_time_total   ? 
_diffrn_detector.pdbx_collection_date         2013-08-09 
# 
_diffrn_radiation.collimation                      ? 
_diffrn_radiation.diffrn_id                        1 
_diffrn_radiation.filter_edge                      ? 
_diffrn_radiation.inhomogeneity                    ? 
_diffrn_radiation.monochromator                    ? 
_diffrn_radiation.polarisn_norm                    ? 
_diffrn_radiation.polarisn_ratio                   ? 
_diffrn_radiation.probe                            ? 
_diffrn_radiation.type                             ? 
_diffrn_radiation.xray_symbol                      ? 
_diffrn_radiation.wavelength_id                    1 
_diffrn_radiation.pdbx_monochromatic_or_laue_m_l   M 
_diffrn_radiation.pdbx_wavelength_list             ? 
_diffrn_radiation.pdbx_wavelength                  ? 
_diffrn_radiation.pdbx_diffrn_protocol             'SINGLE WAVELENGTH' 
_diffrn_radiation.pdbx_analyzer                    ? 
_diffrn_radiation.pdbx_scattering_type             x-ray 
# 
_diffrn_radiation_wavelength.id           1 
_diffrn_radiation_wavelength.wavelength   1.0 
_diffrn_radiation_wavelength.wt           1.0 
# 
_diffrn_source.current                     ? 
_diffrn_source.details                     ? 
_diffrn_source.diffrn_id                   1 
_diffrn_source.power                       ? 
_diffrn_source.size                        ? 
_diffrn_source.source                      SYNCHROTRON 
_diffrn_source.target                      ? 
_diffrn_source.type                        'DIAMOND BEAMLINE I04' 
_diffrn_source.voltage                     ? 
_diffrn_source.take-off_angle              ? 
_diffrn_source.pdbx_wavelength_list        1.0 
_diffrn_source.pdbx_wavelength             ? 
_diffrn_source.pdbx_synchrotron_beamline   I04 
_diffrn_source.pdbx_synchrotron_site       Diamond 
# 
_reflns.B_iso_Wilson_estimate            ? 
_reflns.entry_id                         4WFW 
_reflns.data_reduction_details           ? 
_reflns.data_reduction_method            ? 
_reflns.d_resolution_high                2.02 
_reflns.d_resolution_low                 36.03 
_reflns.details                          ? 
_reflns.limit_h_max                      ? 
_reflns.limit_h_min                      ? 
_reflns.limit_k_max                      ? 
_reflns.limit_k_min                      ? 
_reflns.limit_l_max                      ? 
_reflns.limit_l_min                      ? 
_reflns.number_all                       ? 
_reflns.number_obs                       6380 
_reflns.observed_criterion               ? 
_reflns.observed_criterion_F_max         ? 
_reflns.observed_criterion_F_min         ? 
_reflns.observed_criterion_I_max         ? 
_reflns.observed_criterion_I_min         ? 
_reflns.observed_criterion_sigma_F       ? 
_reflns.observed_criterion_sigma_I       ? 
_reflns.percent_possible_obs             99.2 
_reflns.R_free_details                   ? 
_reflns.Rmerge_F_all                     ? 
_reflns.Rmerge_F_obs                     ? 
_reflns.Friedel_coverage                 ? 
_reflns.number_gt                        ? 
_reflns.threshold_expression             ? 
_reflns.pdbx_redundancy                  8.9 
_reflns.pdbx_Rmerge_I_obs                ? 
_reflns.pdbx_Rmerge_I_all                ? 
_reflns.pdbx_Rsym_value                  ? 
_reflns.pdbx_netI_over_av_sigmaI         ? 
_reflns.pdbx_netI_over_sigmaI            30.6 
_reflns.pdbx_res_netI_over_av_sigmaI_2   ? 
_reflns.pdbx_res_netI_over_sigmaI_2      ? 
_reflns.pdbx_chi_squared                 ? 
_reflns.pdbx_scaling_rejects             ? 
_reflns.pdbx_d_res_high_opt              ? 
_reflns.pdbx_d_res_low_opt               ? 
_reflns.pdbx_d_res_opt_method            ? 
_reflns.phase_calculation_details        ? 
_reflns.pdbx_Rrim_I_all                  ? 
_reflns.pdbx_Rpim_I_all                  ? 
_reflns.pdbx_d_opt                       ? 
_reflns.pdbx_number_measured_all         ? 
_reflns.pdbx_diffrn_id                   1 
_reflns.pdbx_ordinal                     1 
_reflns.pdbx_CC_half                     ? 
_reflns.pdbx_R_split                     ? 
# 
_refine.pdbx_refine_id                           'X-RAY DIFFRACTION' 
_refine.entry_id                                 4WFW 
_refine.pdbx_diffrn_id                           1 
_refine.pdbx_TLS_residual_ADP_flag               ? 
_refine.ls_number_reflns_obs                     5276 
_refine.ls_number_reflns_all                     ? 
_refine.pdbx_ls_sigma_I                          ? 
_refine.pdbx_ls_sigma_F                          ? 
_refine.pdbx_data_cutoff_high_absF               ? 
_refine.pdbx_data_cutoff_low_absF                ? 
_refine.pdbx_data_cutoff_high_rms_absF           ? 
_refine.ls_d_res_low                             34.91 
_refine.ls_d_res_high                            2.05 
_refine.ls_percent_reflns_obs                    97.39 
_refine.ls_R_factor_obs                          0.21303 
_refine.ls_R_factor_all                          ? 
_refine.ls_R_factor_R_work                       0.20853 
_refine.ls_R_factor_R_free                       0.25421 
_refine.ls_R_factor_R_free_error                 ? 
_refine.ls_R_factor_R_free_error_details         ? 
_refine.ls_percent_reflns_R_free                 10.1 
_refine.ls_number_reflns_R_free                  591 
_refine.ls_number_parameters                     ? 
_refine.ls_number_restraints                     ? 
_refine.occupancy_min                            ? 
_refine.occupancy_max                            ? 
_refine.correlation_coeff_Fo_to_Fc               0.961 
_refine.correlation_coeff_Fo_to_Fc_free          0.948 
_refine.B_iso_mean                               55.749 
_refine.aniso_B[1][1]                            -0.40 
_refine.aniso_B[2][2]                            -0.40 
_refine.aniso_B[3][3]                            0.79 
_refine.aniso_B[1][2]                            0.00 
_refine.aniso_B[1][3]                            0.00 
_refine.aniso_B[2][3]                            0.00 
_refine.solvent_model_details                    MASK 
_refine.solvent_model_param_ksol                 ? 
_refine.solvent_model_param_bsol                 ? 
_refine.pdbx_solvent_vdw_probe_radii             1.10 
_refine.pdbx_solvent_ion_probe_radii             0.90 
_refine.pdbx_solvent_shrinkage_radii             0.90 
_refine.pdbx_ls_cross_valid_method               THROUGHOUT 
_refine.details                                  'HYDROGENS HAVE BEEN ADDED IN THE RIDING POSITIONS' 
_refine.pdbx_starting_model                      3oss 
_refine.pdbx_method_to_determine_struct          'MOLECULAR REPLACEMENT' 
_refine.pdbx_isotropic_thermal_model             ? 
_refine.pdbx_stereochemistry_target_values       'MAXIMUM LIKELIHOOD' 
_refine.pdbx_stereochem_target_val_spec_case     ? 
_refine.pdbx_R_Free_selection_details            RANDOM 
_refine.pdbx_overall_ESU_R                       0.231 
_refine.pdbx_overall_ESU_R_Free                  0.196 
_refine.overall_SU_ML                            0.154 
_refine.pdbx_overall_phase_error                 ? 
_refine.overall_SU_B                             11.881 
_refine.overall_SU_R_Cruickshank_DPI             ? 
_refine.pdbx_overall_SU_R_free_Cruickshank_DPI   ? 
_refine.pdbx_overall_SU_R_Blow_DPI               ? 
_refine.pdbx_overall_SU_R_free_Blow_DPI          ? 
# 
_refine_hist.pdbx_refine_id                   'X-RAY DIFFRACTION' 
_refine_hist.cycle_id                         LAST 
_refine_hist.pdbx_number_atoms_protein        661 
_refine_hist.pdbx_number_atoms_nucleic_acid   0 
_refine_hist.pdbx_number_atoms_ligand         0 
_refine_hist.number_atoms_solvent             15 
_refine_hist.number_atoms_total               676 
_refine_hist.d_res_high                       2.05 
_refine_hist.d_res_low                        34.91 
# 
loop_
_refine_ls_restr.type 
_refine_ls_restr.dev_ideal 
_refine_ls_restr.dev_ideal_target 
_refine_ls_restr.weight 
_refine_ls_restr.number 
_refine_ls_restr.pdbx_refine_id 
_refine_ls_restr.pdbx_restraint_function 
r_bond_refined_d             0.013  0.020  ? 685  'X-RAY DIFFRACTION' ? 
r_bond_other_d               0.003  0.020  ? 616  'X-RAY DIFFRACTION' ? 
r_angle_refined_deg          1.682  1.959  ? 933  'X-RAY DIFFRACTION' ? 
r_angle_other_deg            0.950  3.000  ? 1427 'X-RAY DIFFRACTION' ? 
r_dihedral_angle_1_deg       8.603  5.000  ? 84   'X-RAY DIFFRACTION' ? 
r_dihedral_angle_2_deg       37.088 25.000 ? 34   'X-RAY DIFFRACTION' ? 
r_dihedral_angle_3_deg       14.024 15.000 ? 103  'X-RAY DIFFRACTION' ? 
r_dihedral_angle_4_deg       6.034  15.000 ? 3    'X-RAY DIFFRACTION' ? 
r_chiral_restr               0.094  0.200  ? 96   'X-RAY DIFFRACTION' ? 
r_gen_planes_refined         0.006  0.021  ? 790  'X-RAY DIFFRACTION' ? 
r_gen_planes_other           0.001  0.020  ? 155  'X-RAY DIFFRACTION' ? 
r_nbd_refined                ?      ?      ? ?    'X-RAY DIFFRACTION' ? 
r_nbd_other                  ?      ?      ? ?    'X-RAY DIFFRACTION' ? 
r_nbtor_refined              ?      ?      ? ?    'X-RAY DIFFRACTION' ? 
r_nbtor_other                ?      ?      ? ?    'X-RAY DIFFRACTION' ? 
r_xyhbond_nbd_refined        ?      ?      ? ?    'X-RAY DIFFRACTION' ? 
r_xyhbond_nbd_other          ?      ?      ? ?    'X-RAY DIFFRACTION' ? 
r_metal_ion_refined          ?      ?      ? ?    'X-RAY DIFFRACTION' ? 
r_metal_ion_other            ?      ?      ? ?    'X-RAY DIFFRACTION' ? 
r_symmetry_vdw_refined       ?      ?      ? ?    'X-RAY DIFFRACTION' ? 
r_symmetry_vdw_other         ?      ?      ? ?    'X-RAY DIFFRACTION' ? 
r_symmetry_hbond_refined     ?      ?      ? ?    'X-RAY DIFFRACTION' ? 
r_symmetry_hbond_other       ?      ?      ? ?    'X-RAY DIFFRACTION' ? 
r_symmetry_metal_ion_refined ?      ?      ? ?    'X-RAY DIFFRACTION' ? 
r_symmetry_metal_ion_other   ?      ?      ? ?    'X-RAY DIFFRACTION' ? 
r_mcbond_it                  1.665  3.220  ? 339  'X-RAY DIFFRACTION' ? 
r_mcbond_other               1.666  3.206  ? 338  'X-RAY DIFFRACTION' ? 
r_mcangle_it                 2.608  4.805  ? 422  'X-RAY DIFFRACTION' ? 
r_mcangle_other              2.605  4.821  ? 423  'X-RAY DIFFRACTION' ? 
r_scbond_it                  1.860  3.428  ? 346  'X-RAY DIFFRACTION' ? 
r_scbond_other               1.859  3.440  ? 347  'X-RAY DIFFRACTION' ? 
r_scangle_it                 ?      ?      ? ?    'X-RAY DIFFRACTION' ? 
r_scangle_other              2.911  5.069  ? 512  'X-RAY DIFFRACTION' ? 
r_long_range_B_refined       4.680  26.228 ? 754  'X-RAY DIFFRACTION' ? 
r_long_range_B_other         4.677  26.296 ? 755  'X-RAY DIFFRACTION' ? 
r_rigid_bond_restr           ?      ?      ? ?    'X-RAY DIFFRACTION' ? 
r_sphericity_free            ?      ?      ? ?    'X-RAY DIFFRACTION' ? 
r_sphericity_bonded          ?      ?      ? ?    'X-RAY DIFFRACTION' ? 
# 
_refine_ls_shell.pdbx_refine_id                   'X-RAY DIFFRACTION' 
_refine_ls_shell.pdbx_total_number_of_bins_used   20 
_refine_ls_shell.d_res_high                       2.050 
_refine_ls_shell.d_res_low                        2.103 
_refine_ls_shell.number_reflns_R_work             356 
_refine_ls_shell.R_factor_R_work                  0.291 
_refine_ls_shell.percent_reflns_obs               93.62 
_refine_ls_shell.R_factor_R_free                  0.332 
_refine_ls_shell.R_factor_R_free_error            ? 
_refine_ls_shell.percent_reflns_R_free            ? 
_refine_ls_shell.number_reflns_R_free             40 
_refine_ls_shell.number_reflns_all                ? 
_refine_ls_shell.R_factor_all                     ? 
_refine_ls_shell.R_factor_obs                     ? 
_refine_ls_shell.number_reflns_obs                ? 
# 
_struct.entry_id                     4WFW 
_struct.title                        'The crystal structure of Dickeya dadantii GspB from the type 2 secretion system' 
_struct.pdbx_model_details           ? 
_struct.pdbx_formula_weight          ? 
_struct.pdbx_formula_weight_method   ? 
_struct.pdbx_model_type_details      ? 
_struct.pdbx_CASP_flag               ? 
# 
_struct_keywords.entry_id        4WFW 
_struct_keywords.text            'Type 2 Secretion System, GspB, structural protein' 
_struct_keywords.pdbx_keywords   'STRUCTURAL PROTEIN' 
# 
loop_
_struct_asym.id 
_struct_asym.pdbx_blank_PDB_chainid_flag 
_struct_asym.pdbx_modified 
_struct_asym.entity_id 
_struct_asym.details 
A N N 1 ? 
B N N 2 ? 
# 
_struct_ref.id                         1 
_struct_ref.db_name                    UNP 
_struct_ref.db_code                    GSPB_DICD3 
_struct_ref.pdbx_db_accession          Q01563 
_struct_ref.pdbx_db_isoform            ? 
_struct_ref.entity_id                  1 
_struct_ref.pdbx_seq_one_letter_code   
;PAKLVTGWQTAKPGELPYIAFSAHVYTSAPDKRSVTLNGERYREGDSPYQGLVIEQIEQDMVIFSFNGEPFILDSLQDWP
GGKPGDDAAQ
;
_struct_ref.pdbx_align_begin           112 
# 
_struct_ref_seq.align_id                      1 
_struct_ref_seq.ref_id                        1 
_struct_ref_seq.pdbx_PDB_id_code              4WFW 
_struct_ref_seq.pdbx_strand_id                A 
_struct_ref_seq.seq_align_beg                 1 
_struct_ref_seq.pdbx_seq_align_beg_ins_code   ? 
_struct_ref_seq.seq_align_end                 90 
_struct_ref_seq.pdbx_seq_align_end_ins_code   ? 
_struct_ref_seq.pdbx_db_accession             Q01563 
_struct_ref_seq.db_align_beg                  112 
_struct_ref_seq.pdbx_db_align_beg_ins_code    ? 
_struct_ref_seq.db_align_end                  201 
_struct_ref_seq.pdbx_db_align_end_ins_code    ? 
_struct_ref_seq.pdbx_auth_seq_align_beg       112 
_struct_ref_seq.pdbx_auth_seq_align_end       201 
# 
_pdbx_struct_assembly.id                   1 
_pdbx_struct_assembly.details              software_defined_assembly 
_pdbx_struct_assembly.method_details       PISA 
_pdbx_struct_assembly.oligomeric_details   monomeric 
_pdbx_struct_assembly.oligomeric_count     1 
# 
loop_
_pdbx_struct_assembly_prop.biol_id 
_pdbx_struct_assembly_prop.type 
_pdbx_struct_assembly_prop.value 
_pdbx_struct_assembly_prop.details 
1 'ABSA (A^2)' 0    ? 
1 MORE         0    ? 
1 'SSA (A^2)'  5100 ? 
# 
_pdbx_struct_assembly_gen.assembly_id       1 
_pdbx_struct_assembly_gen.oper_expression   1 
_pdbx_struct_assembly_gen.asym_id_list      A,B 
# 
_pdbx_struct_oper_list.id                   1 
_pdbx_struct_oper_list.type                 'identity operation' 
_pdbx_struct_oper_list.name                 1_555 
_pdbx_struct_oper_list.symmetry_operation   x,y,z 
_pdbx_struct_oper_list.matrix[1][1]         1.0000000000 
_pdbx_struct_oper_list.matrix[1][2]         0.0000000000 
_pdbx_struct_oper_list.matrix[1][3]         0.0000000000 
_pdbx_struct_oper_list.vector[1]            0.0000000000 
_pdbx_struct_oper_list.matrix[2][1]         0.0000000000 
_pdbx_struct_oper_list.matrix[2][2]         1.0000000000 
_pdbx_struct_oper_list.matrix[2][3]         0.0000000000 
_pdbx_struct_oper_list.vector[2]            0.0000000000 
_pdbx_struct_oper_list.matrix[3][1]         0.0000000000 
_pdbx_struct_oper_list.matrix[3][2]         0.0000000000 
_pdbx_struct_oper_list.matrix[3][3]         1.0000000000 
_pdbx_struct_oper_list.vector[3]            0.0000000000 
# 
_struct_conf.conf_type_id            HELX_P 
_struct_conf.id                      HELX_P1 
_struct_conf.pdbx_PDB_helix_id       AA1 
_struct_conf.beg_label_comp_id       ALA 
_struct_conf.beg_label_asym_id       A 
_struct_conf.beg_label_seq_id        29 
_struct_conf.pdbx_beg_PDB_ins_code   ? 
_struct_conf.end_label_comp_id       ARG 
_struct_conf.end_label_asym_id       A 
_struct_conf.end_label_seq_id        33 
_struct_conf.pdbx_end_PDB_ins_code   ? 
_struct_conf.beg_auth_comp_id        ALA 
_struct_conf.beg_auth_asym_id        A 
_struct_conf.beg_auth_seq_id         140 
_struct_conf.end_auth_comp_id        ARG 
_struct_conf.end_auth_asym_id        A 
_struct_conf.end_auth_seq_id         144 
_struct_conf.pdbx_PDB_helix_class    5 
_struct_conf.details                 ? 
_struct_conf.pdbx_PDB_helix_length   5 
# 
_struct_conf_type.id          HELX_P 
_struct_conf_type.criteria    ? 
_struct_conf_type.reference   ? 
# 
loop_
_struct_sheet.id 
_struct_sheet.type 
_struct_sheet.number_strands 
_struct_sheet.details 
AA1 ? 3 ? 
AA2 ? 3 ? 
# 
loop_
_struct_sheet_order.sheet_id 
_struct_sheet_order.range_id_1 
_struct_sheet_order.range_id_2 
_struct_sheet_order.offset 
_struct_sheet_order.sense 
AA1 1 2 ? anti-parallel 
AA1 2 3 ? anti-parallel 
AA2 1 2 ? anti-parallel 
AA2 2 3 ? anti-parallel 
# 
loop_
_struct_sheet_range.sheet_id 
_struct_sheet_range.id 
_struct_sheet_range.beg_label_comp_id 
_struct_sheet_range.beg_label_asym_id 
_struct_sheet_range.beg_label_seq_id 
_struct_sheet_range.pdbx_beg_PDB_ins_code 
_struct_sheet_range.end_label_comp_id 
_struct_sheet_range.end_label_asym_id 
_struct_sheet_range.end_label_seq_id 
_struct_sheet_range.pdbx_end_PDB_ins_code 
_struct_sheet_range.beg_auth_comp_id 
_struct_sheet_range.beg_auth_asym_id 
_struct_sheet_range.beg_auth_seq_id 
_struct_sheet_range.end_auth_comp_id 
_struct_sheet_range.end_auth_asym_id 
_struct_sheet_range.end_auth_seq_id 
AA1 1 PHE A 21 ? VAL A 25 ? PHE A 132 VAL A 136 
AA1 2 SER A 34 ? LEU A 37 ? SER A 145 LEU A 148 
AA1 3 GLU A 40 ? TYR A 42 ? GLU A 151 TYR A 153 
AA2 1 LEU A 52 ? ILE A 57 ? LEU A 163 ILE A 168 
AA2 2 MET A 61 ? PHE A 66 ? MET A 172 PHE A 177 
AA2 3 GLU A 69 ? ASP A 74 ? GLU A 180 ASP A 185 
# 
loop_
_pdbx_struct_sheet_hbond.sheet_id 
_pdbx_struct_sheet_hbond.range_id_1 
_pdbx_struct_sheet_hbond.range_id_2 
_pdbx_struct_sheet_hbond.range_1_label_atom_id 
_pdbx_struct_sheet_hbond.range_1_label_comp_id 
_pdbx_struct_sheet_hbond.range_1_label_asym_id 
_pdbx_struct_sheet_hbond.range_1_label_seq_id 
_pdbx_struct_sheet_hbond.range_1_PDB_ins_code 
_pdbx_struct_sheet_hbond.range_1_auth_atom_id 
_pdbx_struct_sheet_hbond.range_1_auth_comp_id 
_pdbx_struct_sheet_hbond.range_1_auth_asym_id 
_pdbx_struct_sheet_hbond.range_1_auth_seq_id 
_pdbx_struct_sheet_hbond.range_2_label_atom_id 
_pdbx_struct_sheet_hbond.range_2_label_comp_id 
_pdbx_struct_sheet_hbond.range_2_label_asym_id 
_pdbx_struct_sheet_hbond.range_2_label_seq_id 
_pdbx_struct_sheet_hbond.range_2_PDB_ins_code 
_pdbx_struct_sheet_hbond.range_2_auth_atom_id 
_pdbx_struct_sheet_hbond.range_2_auth_comp_id 
_pdbx_struct_sheet_hbond.range_2_auth_asym_id 
_pdbx_struct_sheet_hbond.range_2_auth_seq_id 
AA1 1 2 N VAL A 25 ? N VAL A 136 O SER A 34 ? O SER A 145 
AA1 2 3 N VAL A 35 ? N VAL A 146 O TYR A 42 ? O TYR A 153 
AA2 1 2 N GLN A 56 ? N GLN A 167 O ILE A 63 ? O ILE A 174 
AA2 2 3 N PHE A 64 ? N PHE A 175 O PHE A 71 ? O PHE A 182 
# 
_pdbx_validate_close_contact.id               1 
_pdbx_validate_close_contact.PDB_model_num    1 
_pdbx_validate_close_contact.auth_atom_id_1   O 
_pdbx_validate_close_contact.auth_asym_id_1   A 
_pdbx_validate_close_contact.auth_comp_id_1   HOH 
_pdbx_validate_close_contact.auth_seq_id_1    303 
_pdbx_validate_close_contact.PDB_ins_code_1   ? 
_pdbx_validate_close_contact.label_alt_id_1   ? 
_pdbx_validate_close_contact.auth_atom_id_2   O 
_pdbx_validate_close_contact.auth_asym_id_2   A 
_pdbx_validate_close_contact.auth_comp_id_2   HOH 
_pdbx_validate_close_contact.auth_seq_id_2    311 
_pdbx_validate_close_contact.PDB_ins_code_2   ? 
_pdbx_validate_close_contact.label_alt_id_2   ? 
_pdbx_validate_close_contact.dist             1.15 
# 
loop_
_pdbx_validate_rmsd_angle.id 
_pdbx_validate_rmsd_angle.PDB_model_num 
_pdbx_validate_rmsd_angle.auth_atom_id_1 
_pdbx_validate_rmsd_angle.auth_asym_id_1 
_pdbx_validate_rmsd_angle.auth_comp_id_1 
_pdbx_validate_rmsd_angle.auth_seq_id_1 
_pdbx_validate_rmsd_angle.PDB_ins_code_1 
_pdbx_validate_rmsd_angle.label_alt_id_1 
_pdbx_validate_rmsd_angle.auth_atom_id_2 
_pdbx_validate_rmsd_angle.auth_asym_id_2 
_pdbx_validate_rmsd_angle.auth_comp_id_2 
_pdbx_validate_rmsd_angle.auth_seq_id_2 
_pdbx_validate_rmsd_angle.PDB_ins_code_2 
_pdbx_validate_rmsd_angle.label_alt_id_2 
_pdbx_validate_rmsd_angle.auth_atom_id_3 
_pdbx_validate_rmsd_angle.auth_asym_id_3 
_pdbx_validate_rmsd_angle.auth_comp_id_3 
_pdbx_validate_rmsd_angle.auth_seq_id_3 
_pdbx_validate_rmsd_angle.PDB_ins_code_3 
_pdbx_validate_rmsd_angle.label_alt_id_3 
_pdbx_validate_rmsd_angle.angle_value 
_pdbx_validate_rmsd_angle.angle_target_value 
_pdbx_validate_rmsd_angle.angle_deviation 
_pdbx_validate_rmsd_angle.angle_standard_deviation 
_pdbx_validate_rmsd_angle.linker_flag 
1 1 CA A LEU 115 ? ? C A LEU 115 ? ? N A VAL 116 ? ? 139.73 117.20 22.53  2.20 Y 
2 1 O  A LEU 115 ? ? C A LEU 115 ? ? N A VAL 116 ? ? 99.25  122.70 -23.45 1.60 Y 
# 
loop_
_pdbx_validate_torsion.id 
_pdbx_validate_torsion.PDB_model_num 
_pdbx_validate_torsion.auth_comp_id 
_pdbx_validate_torsion.auth_asym_id 
_pdbx_validate_torsion.auth_seq_id 
_pdbx_validate_torsion.PDB_ins_code 
_pdbx_validate_torsion.label_alt_id 
_pdbx_validate_torsion.phi 
_pdbx_validate_torsion.psi 
1 1 ALA A 140 ? ? -56.90 109.87  
2 1 PRO A 195 ? ? -66.62 96.49   
3 1 ASP A 197 ? ? -69.91 -152.76 
# 
_pdbx_validate_peptide_omega.id               1 
_pdbx_validate_peptide_omega.PDB_model_num    1 
_pdbx_validate_peptide_omega.auth_comp_id_1   GLN 
_pdbx_validate_peptide_omega.auth_asym_id_1   A 
_pdbx_validate_peptide_omega.auth_seq_id_1    161 
_pdbx_validate_peptide_omega.PDB_ins_code_1   ? 
_pdbx_validate_peptide_omega.label_alt_id_1   ? 
_pdbx_validate_peptide_omega.auth_comp_id_2   GLY 
_pdbx_validate_peptide_omega.auth_asym_id_2   A 
_pdbx_validate_peptide_omega.auth_seq_id_2    162 
_pdbx_validate_peptide_omega.PDB_ins_code_2   ? 
_pdbx_validate_peptide_omega.label_alt_id_2   ? 
_pdbx_validate_peptide_omega.omega            -42.63 
# 
_pdbx_validate_main_chain_plane.id                       1 
_pdbx_validate_main_chain_plane.PDB_model_num            1 
_pdbx_validate_main_chain_plane.auth_comp_id             LEU 
_pdbx_validate_main_chain_plane.auth_asym_id             A 
_pdbx_validate_main_chain_plane.auth_seq_id              115 
_pdbx_validate_main_chain_plane.PDB_ins_code             ? 
_pdbx_validate_main_chain_plane.label_alt_id             ? 
_pdbx_validate_main_chain_plane.improper_torsion_angle   -14.83 
# 
_pdbx_refine_tls.pdbx_refine_id   'X-RAY DIFFRACTION' 
_pdbx_refine_tls.id               1 
_pdbx_refine_tls.details          ? 
_pdbx_refine_tls.method           refined 
_pdbx_refine_tls.origin_x         -0.1499 
_pdbx_refine_tls.origin_y         -0.2935 
_pdbx_refine_tls.origin_z         0.0504 
_pdbx_refine_tls.T[1][1]          0.1877 
_pdbx_refine_tls.T[2][2]          0.1383 
_pdbx_refine_tls.T[3][3]          0.0550 
_pdbx_refine_tls.T[1][2]          -0.0394 
_pdbx_refine_tls.T[1][3]          -0.0665 
_pdbx_refine_tls.T[2][3]          0.0062 
_pdbx_refine_tls.L[1][1]          7.6178 
_pdbx_refine_tls.L[2][2]          4.9125 
_pdbx_refine_tls.L[3][3]          4.6807 
_pdbx_refine_tls.L[1][2]          1.9899 
_pdbx_refine_tls.L[1][3]          -0.5045 
_pdbx_refine_tls.L[2][3]          -1.5425 
_pdbx_refine_tls.S[1][1]          -0.1990 
_pdbx_refine_tls.S[1][2]          0.6934 
_pdbx_refine_tls.S[1][3]          0.3046 
_pdbx_refine_tls.S[2][1]          -0.5287 
_pdbx_refine_tls.S[2][2]          0.1857 
_pdbx_refine_tls.S[2][3]          0.4355 
_pdbx_refine_tls.S[3][1]          -0.0866 
_pdbx_refine_tls.S[3][2]          -0.4524 
_pdbx_refine_tls.S[3][3]          0.0134 
# 
_pdbx_refine_tls_group.pdbx_refine_id      'X-RAY DIFFRACTION' 
_pdbx_refine_tls_group.id                  1 
_pdbx_refine_tls_group.refine_tls_id       1 
_pdbx_refine_tls_group.beg_auth_asym_id    A 
_pdbx_refine_tls_group.beg_auth_seq_id     115 
_pdbx_refine_tls_group.beg_label_asym_id   ? 
_pdbx_refine_tls_group.beg_label_seq_id    ? 
_pdbx_refine_tls_group.end_auth_asym_id    A 
_pdbx_refine_tls_group.end_auth_seq_id     198 
_pdbx_refine_tls_group.end_label_asym_id   ? 
_pdbx_refine_tls_group.end_label_seq_id    ? 
_pdbx_refine_tls_group.selection           ? 
_pdbx_refine_tls_group.selection_details   ? 
# 
loop_
_pdbx_unobs_or_zero_occ_residues.id 
_pdbx_unobs_or_zero_occ_residues.PDB_model_num 
_pdbx_unobs_or_zero_occ_residues.polymer_flag 
_pdbx_unobs_or_zero_occ_residues.occupancy_flag 
_pdbx_unobs_or_zero_occ_residues.auth_asym_id 
_pdbx_unobs_or_zero_occ_residues.auth_comp_id 
_pdbx_unobs_or_zero_occ_residues.auth_seq_id 
_pdbx_unobs_or_zero_occ_residues.PDB_ins_code 
_pdbx_unobs_or_zero_occ_residues.label_asym_id 
_pdbx_unobs_or_zero_occ_residues.label_comp_id 
_pdbx_unobs_or_zero_occ_residues.label_seq_id 
1 1 Y 1 A PRO 112 ? A PRO 1  
2 1 Y 1 A ALA 113 ? A ALA 2  
3 1 Y 1 A LYS 114 ? A LYS 3  
4 1 Y 1 A ALA 199 ? A ALA 88 
5 1 Y 1 A ALA 200 ? A ALA 89 
6 1 Y 1 A GLN 201 ? A GLN 90 
# 
loop_
_chem_comp_atom.comp_id 
_chem_comp_atom.atom_id 
_chem_comp_atom.type_symbol 
_chem_comp_atom.pdbx_aromatic_flag 
_chem_comp_atom.pdbx_stereo_config 
_chem_comp_atom.pdbx_ordinal 
ALA N    N N N 1   
ALA CA   C N S 2   
ALA C    C N N 3   
ALA O    O N N 4   
ALA CB   C N N 5   
ALA OXT  O N N 6   
ALA H    H N N 7   
ALA H2   H N N 8   
ALA HA   H N N 9   
ALA HB1  H N N 10  
ALA HB2  H N N 11  
ALA HB3  H N N 12  
ALA HXT  H N N 13  
ARG N    N N N 14  
ARG CA   C N S 15  
ARG C    C N N 16  
ARG O    O N N 17  
ARG CB   C N N 18  
ARG CG   C N N 19  
ARG CD   C N N 20  
ARG NE   N N N 21  
ARG CZ   C N N 22  
ARG NH1  N N N 23  
ARG NH2  N N N 24  
ARG OXT  O N N 25  
ARG H    H N N 26  
ARG H2   H N N 27  
ARG HA   H N N 28  
ARG HB2  H N N 29  
ARG HB3  H N N 30  
ARG HG2  H N N 31  
ARG HG3  H N N 32  
ARG HD2  H N N 33  
ARG HD3  H N N 34  
ARG HE   H N N 35  
ARG HH11 H N N 36  
ARG HH12 H N N 37  
ARG HH21 H N N 38  
ARG HH22 H N N 39  
ARG HXT  H N N 40  
ASN N    N N N 41  
ASN CA   C N S 42  
ASN C    C N N 43  
ASN O    O N N 44  
ASN CB   C N N 45  
ASN CG   C N N 46  
ASN OD1  O N N 47  
ASN ND2  N N N 48  
ASN OXT  O N N 49  
ASN H    H N N 50  
ASN H2   H N N 51  
ASN HA   H N N 52  
ASN HB2  H N N 53  
ASN HB3  H N N 54  
ASN HD21 H N N 55  
ASN HD22 H N N 56  
ASN HXT  H N N 57  
ASP N    N N N 58  
ASP CA   C N S 59  
ASP C    C N N 60  
ASP O    O N N 61  
ASP CB   C N N 62  
ASP CG   C N N 63  
ASP OD1  O N N 64  
ASP OD2  O N N 65  
ASP OXT  O N N 66  
ASP H    H N N 67  
ASP H2   H N N 68  
ASP HA   H N N 69  
ASP HB2  H N N 70  
ASP HB3  H N N 71  
ASP HD2  H N N 72  
ASP HXT  H N N 73  
GLN N    N N N 74  
GLN CA   C N S 75  
GLN C    C N N 76  
GLN O    O N N 77  
GLN CB   C N N 78  
GLN CG   C N N 79  
GLN CD   C N N 80  
GLN OE1  O N N 81  
GLN NE2  N N N 82  
GLN OXT  O N N 83  
GLN H    H N N 84  
GLN H2   H N N 85  
GLN HA   H N N 86  
GLN HB2  H N N 87  
GLN HB3  H N N 88  
GLN HG2  H N N 89  
GLN HG3  H N N 90  
GLN HE21 H N N 91  
GLN HE22 H N N 92  
GLN HXT  H N N 93  
GLU N    N N N 94  
GLU CA   C N S 95  
GLU C    C N N 96  
GLU O    O N N 97  
GLU CB   C N N 98  
GLU CG   C N N 99  
GLU CD   C N N 100 
GLU OE1  O N N 101 
GLU OE2  O N N 102 
GLU OXT  O N N 103 
GLU H    H N N 104 
GLU H2   H N N 105 
GLU HA   H N N 106 
GLU HB2  H N N 107 
GLU HB3  H N N 108 
GLU HG2  H N N 109 
GLU HG3  H N N 110 
GLU HE2  H N N 111 
GLU HXT  H N N 112 
GLY N    N N N 113 
GLY CA   C N N 114 
GLY C    C N N 115 
GLY O    O N N 116 
GLY OXT  O N N 117 
GLY H    H N N 118 
GLY H2   H N N 119 
GLY HA2  H N N 120 
GLY HA3  H N N 121 
GLY HXT  H N N 122 
HIS N    N N N 123 
HIS CA   C N S 124 
HIS C    C N N 125 
HIS O    O N N 126 
HIS CB   C N N 127 
HIS CG   C Y N 128 
HIS ND1  N Y N 129 
HIS CD2  C Y N 130 
HIS CE1  C Y N 131 
HIS NE2  N Y N 132 
HIS OXT  O N N 133 
HIS H    H N N 134 
HIS H2   H N N 135 
HIS HA   H N N 136 
HIS HB2  H N N 137 
HIS HB3  H N N 138 
HIS HD1  H N N 139 
HIS HD2  H N N 140 
HIS HE1  H N N 141 
HIS HE2  H N N 142 
HIS HXT  H N N 143 
HOH O    O N N 144 
HOH H1   H N N 145 
HOH H2   H N N 146 
ILE N    N N N 147 
ILE CA   C N S 148 
ILE C    C N N 149 
ILE O    O N N 150 
ILE CB   C N S 151 
ILE CG1  C N N 152 
ILE CG2  C N N 153 
ILE CD1  C N N 154 
ILE OXT  O N N 155 
ILE H    H N N 156 
ILE H2   H N N 157 
ILE HA   H N N 158 
ILE HB   H N N 159 
ILE HG12 H N N 160 
ILE HG13 H N N 161 
ILE HG21 H N N 162 
ILE HG22 H N N 163 
ILE HG23 H N N 164 
ILE HD11 H N N 165 
ILE HD12 H N N 166 
ILE HD13 H N N 167 
ILE HXT  H N N 168 
LEU N    N N N 169 
LEU CA   C N S 170 
LEU C    C N N 171 
LEU O    O N N 172 
LEU CB   C N N 173 
LEU CG   C N N 174 
LEU CD1  C N N 175 
LEU CD2  C N N 176 
LEU OXT  O N N 177 
LEU H    H N N 178 
LEU H2   H N N 179 
LEU HA   H N N 180 
LEU HB2  H N N 181 
LEU HB3  H N N 182 
LEU HG   H N N 183 
LEU HD11 H N N 184 
LEU HD12 H N N 185 
LEU HD13 H N N 186 
LEU HD21 H N N 187 
LEU HD22 H N N 188 
LEU HD23 H N N 189 
LEU HXT  H N N 190 
LYS N    N N N 191 
LYS CA   C N S 192 
LYS C    C N N 193 
LYS O    O N N 194 
LYS CB   C N N 195 
LYS CG   C N N 196 
LYS CD   C N N 197 
LYS CE   C N N 198 
LYS NZ   N N N 199 
LYS OXT  O N N 200 
LYS H    H N N 201 
LYS H2   H N N 202 
LYS HA   H N N 203 
LYS HB2  H N N 204 
LYS HB3  H N N 205 
LYS HG2  H N N 206 
LYS HG3  H N N 207 
LYS HD2  H N N 208 
LYS HD3  H N N 209 
LYS HE2  H N N 210 
LYS HE3  H N N 211 
LYS HZ1  H N N 212 
LYS HZ2  H N N 213 
LYS HZ3  H N N 214 
LYS HXT  H N N 215 
MET N    N N N 216 
MET CA   C N S 217 
MET C    C N N 218 
MET O    O N N 219 
MET CB   C N N 220 
MET CG   C N N 221 
MET SD   S N N 222 
MET CE   C N N 223 
MET OXT  O N N 224 
MET H    H N N 225 
MET H2   H N N 226 
MET HA   H N N 227 
MET HB2  H N N 228 
MET HB3  H N N 229 
MET HG2  H N N 230 
MET HG3  H N N 231 
MET HE1  H N N 232 
MET HE2  H N N 233 
MET HE3  H N N 234 
MET HXT  H N N 235 
PHE N    N N N 236 
PHE CA   C N S 237 
PHE C    C N N 238 
PHE O    O N N 239 
PHE CB   C N N 240 
PHE CG   C Y N 241 
PHE CD1  C Y N 242 
PHE CD2  C Y N 243 
PHE CE1  C Y N 244 
PHE CE2  C Y N 245 
PHE CZ   C Y N 246 
PHE OXT  O N N 247 
PHE H    H N N 248 
PHE H2   H N N 249 
PHE HA   H N N 250 
PHE HB2  H N N 251 
PHE HB3  H N N 252 
PHE HD1  H N N 253 
PHE HD2  H N N 254 
PHE HE1  H N N 255 
PHE HE2  H N N 256 
PHE HZ   H N N 257 
PHE HXT  H N N 258 
PRO N    N N N 259 
PRO CA   C N S 260 
PRO C    C N N 261 
PRO O    O N N 262 
PRO CB   C N N 263 
PRO CG   C N N 264 
PRO CD   C N N 265 
PRO OXT  O N N 266 
PRO H    H N N 267 
PRO HA   H N N 268 
PRO HB2  H N N 269 
PRO HB3  H N N 270 
PRO HG2  H N N 271 
PRO HG3  H N N 272 
PRO HD2  H N N 273 
PRO HD3  H N N 274 
PRO HXT  H N N 275 
SER N    N N N 276 
SER CA   C N S 277 
SER C    C N N 278 
SER O    O N N 279 
SER CB   C N N 280 
SER OG   O N N 281 
SER OXT  O N N 282 
SER H    H N N 283 
SER H2   H N N 284 
SER HA   H N N 285 
SER HB2  H N N 286 
SER HB3  H N N 287 
SER HG   H N N 288 
SER HXT  H N N 289 
THR N    N N N 290 
THR CA   C N S 291 
THR C    C N N 292 
THR O    O N N 293 
THR CB   C N R 294 
THR OG1  O N N 295 
THR CG2  C N N 296 
THR OXT  O N N 297 
THR H    H N N 298 
THR H2   H N N 299 
THR HA   H N N 300 
THR HB   H N N 301 
THR HG1  H N N 302 
THR HG21 H N N 303 
THR HG22 H N N 304 
THR HG23 H N N 305 
THR HXT  H N N 306 
TRP N    N N N 307 
TRP CA   C N S 308 
TRP C    C N N 309 
TRP O    O N N 310 
TRP CB   C N N 311 
TRP CG   C Y N 312 
TRP CD1  C Y N 313 
TRP CD2  C Y N 314 
TRP NE1  N Y N 315 
TRP CE2  C Y N 316 
TRP CE3  C Y N 317 
TRP CZ2  C Y N 318 
TRP CZ3  C Y N 319 
TRP CH2  C Y N 320 
TRP OXT  O N N 321 
TRP H    H N N 322 
TRP H2   H N N 323 
TRP HA   H N N 324 
TRP HB2  H N N 325 
TRP HB3  H N N 326 
TRP HD1  H N N 327 
TRP HE1  H N N 328 
TRP HE3  H N N 329 
TRP HZ2  H N N 330 
TRP HZ3  H N N 331 
TRP HH2  H N N 332 
TRP HXT  H N N 333 
TYR N    N N N 334 
TYR CA   C N S 335 
TYR C    C N N 336 
TYR O    O N N 337 
TYR CB   C N N 338 
TYR CG   C Y N 339 
TYR CD1  C Y N 340 
TYR CD2  C Y N 341 
TYR CE1  C Y N 342 
TYR CE2  C Y N 343 
TYR CZ   C Y N 344 
TYR OH   O N N 345 
TYR OXT  O N N 346 
TYR H    H N N 347 
TYR H2   H N N 348 
TYR HA   H N N 349 
TYR HB2  H N N 350 
TYR HB3  H N N 351 
TYR HD1  H N N 352 
TYR HD2  H N N 353 
TYR HE1  H N N 354 
TYR HE2  H N N 355 
TYR HH   H N N 356 
TYR HXT  H N N 357 
VAL N    N N N 358 
VAL CA   C N S 359 
VAL C    C N N 360 
VAL O    O N N 361 
VAL CB   C N N 362 
VAL CG1  C N N 363 
VAL CG2  C N N 364 
VAL OXT  O N N 365 
VAL H    H N N 366 
VAL H2   H N N 367 
VAL HA   H N N 368 
VAL HB   H N N 369 
VAL HG11 H N N 370 
VAL HG12 H N N 371 
VAL HG13 H N N 372 
VAL HG21 H N N 373 
VAL HG22 H N N 374 
VAL HG23 H N N 375 
VAL HXT  H N N 376 
# 
loop_
_chem_comp_bond.comp_id 
_chem_comp_bond.atom_id_1 
_chem_comp_bond.atom_id_2 
_chem_comp_bond.value_order 
_chem_comp_bond.pdbx_aromatic_flag 
_chem_comp_bond.pdbx_stereo_config 
_chem_comp_bond.pdbx_ordinal 
ALA N   CA   sing N N 1   
ALA N   H    sing N N 2   
ALA N   H2   sing N N 3   
ALA CA  C    sing N N 4   
ALA CA  CB   sing N N 5   
ALA CA  HA   sing N N 6   
ALA C   O    doub N N 7   
ALA C   OXT  sing N N 8   
ALA CB  HB1  sing N N 9   
ALA CB  HB2  sing N N 10  
ALA CB  HB3  sing N N 11  
ALA OXT HXT  sing N N 12  
ARG N   CA   sing N N 13  
ARG N   H    sing N N 14  
ARG N   H2   sing N N 15  
ARG CA  C    sing N N 16  
ARG CA  CB   sing N N 17  
ARG CA  HA   sing N N 18  
ARG C   O    doub N N 19  
ARG C   OXT  sing N N 20  
ARG CB  CG   sing N N 21  
ARG CB  HB2  sing N N 22  
ARG CB  HB3  sing N N 23  
ARG CG  CD   sing N N 24  
ARG CG  HG2  sing N N 25  
ARG CG  HG3  sing N N 26  
ARG CD  NE   sing N N 27  
ARG CD  HD2  sing N N 28  
ARG CD  HD3  sing N N 29  
ARG NE  CZ   sing N N 30  
ARG NE  HE   sing N N 31  
ARG CZ  NH1  sing N N 32  
ARG CZ  NH2  doub N N 33  
ARG NH1 HH11 sing N N 34  
ARG NH1 HH12 sing N N 35  
ARG NH2 HH21 sing N N 36  
ARG NH2 HH22 sing N N 37  
ARG OXT HXT  sing N N 38  
ASN N   CA   sing N N 39  
ASN N   H    sing N N 40  
ASN N   H2   sing N N 41  
ASN CA  C    sing N N 42  
ASN CA  CB   sing N N 43  
ASN CA  HA   sing N N 44  
ASN C   O    doub N N 45  
ASN C   OXT  sing N N 46  
ASN CB  CG   sing N N 47  
ASN CB  HB2  sing N N 48  
ASN CB  HB3  sing N N 49  
ASN CG  OD1  doub N N 50  
ASN CG  ND2  sing N N 51  
ASN ND2 HD21 sing N N 52  
ASN ND2 HD22 sing N N 53  
ASN OXT HXT  sing N N 54  
ASP N   CA   sing N N 55  
ASP N   H    sing N N 56  
ASP N   H2   sing N N 57  
ASP CA  C    sing N N 58  
ASP CA  CB   sing N N 59  
ASP CA  HA   sing N N 60  
ASP C   O    doub N N 61  
ASP C   OXT  sing N N 62  
ASP CB  CG   sing N N 63  
ASP CB  HB2  sing N N 64  
ASP CB  HB3  sing N N 65  
ASP CG  OD1  doub N N 66  
ASP CG  OD2  sing N N 67  
ASP OD2 HD2  sing N N 68  
ASP OXT HXT  sing N N 69  
GLN N   CA   sing N N 70  
GLN N   H    sing N N 71  
GLN N   H2   sing N N 72  
GLN CA  C    sing N N 73  
GLN CA  CB   sing N N 74  
GLN CA  HA   sing N N 75  
GLN C   O    doub N N 76  
GLN C   OXT  sing N N 77  
GLN CB  CG   sing N N 78  
GLN CB  HB2  sing N N 79  
GLN CB  HB3  sing N N 80  
GLN CG  CD   sing N N 81  
GLN CG  HG2  sing N N 82  
GLN CG  HG3  sing N N 83  
GLN CD  OE1  doub N N 84  
GLN CD  NE2  sing N N 85  
GLN NE2 HE21 sing N N 86  
GLN NE2 HE22 sing N N 87  
GLN OXT HXT  sing N N 88  
GLU N   CA   sing N N 89  
GLU N   H    sing N N 90  
GLU N   H2   sing N N 91  
GLU CA  C    sing N N 92  
GLU CA  CB   sing N N 93  
GLU CA  HA   sing N N 94  
GLU C   O    doub N N 95  
GLU C   OXT  sing N N 96  
GLU CB  CG   sing N N 97  
GLU CB  HB2  sing N N 98  
GLU CB  HB3  sing N N 99  
GLU CG  CD   sing N N 100 
GLU CG  HG2  sing N N 101 
GLU CG  HG3  sing N N 102 
GLU CD  OE1  doub N N 103 
GLU CD  OE2  sing N N 104 
GLU OE2 HE2  sing N N 105 
GLU OXT HXT  sing N N 106 
GLY N   CA   sing N N 107 
GLY N   H    sing N N 108 
GLY N   H2   sing N N 109 
GLY CA  C    sing N N 110 
GLY CA  HA2  sing N N 111 
GLY CA  HA3  sing N N 112 
GLY C   O    doub N N 113 
GLY C   OXT  sing N N 114 
GLY OXT HXT  sing N N 115 
HIS N   CA   sing N N 116 
HIS N   H    sing N N 117 
HIS N   H2   sing N N 118 
HIS CA  C    sing N N 119 
HIS CA  CB   sing N N 120 
HIS CA  HA   sing N N 121 
HIS C   O    doub N N 122 
HIS C   OXT  sing N N 123 
HIS CB  CG   sing N N 124 
HIS CB  HB2  sing N N 125 
HIS CB  HB3  sing N N 126 
HIS CG  ND1  sing Y N 127 
HIS CG  CD2  doub Y N 128 
HIS ND1 CE1  doub Y N 129 
HIS ND1 HD1  sing N N 130 
HIS CD2 NE2  sing Y N 131 
HIS CD2 HD2  sing N N 132 
HIS CE1 NE2  sing Y N 133 
HIS CE1 HE1  sing N N 134 
HIS NE2 HE2  sing N N 135 
HIS OXT HXT  sing N N 136 
HOH O   H1   sing N N 137 
HOH O   H2   sing N N 138 
ILE N   CA   sing N N 139 
ILE N   H    sing N N 140 
ILE N   H2   sing N N 141 
ILE CA  C    sing N N 142 
ILE CA  CB   sing N N 143 
ILE CA  HA   sing N N 144 
ILE C   O    doub N N 145 
ILE C   OXT  sing N N 146 
ILE CB  CG1  sing N N 147 
ILE CB  CG2  sing N N 148 
ILE CB  HB   sing N N 149 
ILE CG1 CD1  sing N N 150 
ILE CG1 HG12 sing N N 151 
ILE CG1 HG13 sing N N 152 
ILE CG2 HG21 sing N N 153 
ILE CG2 HG22 sing N N 154 
ILE CG2 HG23 sing N N 155 
ILE CD1 HD11 sing N N 156 
ILE CD1 HD12 sing N N 157 
ILE CD1 HD13 sing N N 158 
ILE OXT HXT  sing N N 159 
LEU N   CA   sing N N 160 
LEU N   H    sing N N 161 
LEU N   H2   sing N N 162 
LEU CA  C    sing N N 163 
LEU CA  CB   sing N N 164 
LEU CA  HA   sing N N 165 
LEU C   O    doub N N 166 
LEU C   OXT  sing N N 167 
LEU CB  CG   sing N N 168 
LEU CB  HB2  sing N N 169 
LEU CB  HB3  sing N N 170 
LEU CG  CD1  sing N N 171 
LEU CG  CD2  sing N N 172 
LEU CG  HG   sing N N 173 
LEU CD1 HD11 sing N N 174 
LEU CD1 HD12 sing N N 175 
LEU CD1 HD13 sing N N 176 
LEU CD2 HD21 sing N N 177 
LEU CD2 HD22 sing N N 178 
LEU CD2 HD23 sing N N 179 
LEU OXT HXT  sing N N 180 
LYS N   CA   sing N N 181 
LYS N   H    sing N N 182 
LYS N   H2   sing N N 183 
LYS CA  C    sing N N 184 
LYS CA  CB   sing N N 185 
LYS CA  HA   sing N N 186 
LYS C   O    doub N N 187 
LYS C   OXT  sing N N 188 
LYS CB  CG   sing N N 189 
LYS CB  HB2  sing N N 190 
LYS CB  HB3  sing N N 191 
LYS CG  CD   sing N N 192 
LYS CG  HG2  sing N N 193 
LYS CG  HG3  sing N N 194 
LYS CD  CE   sing N N 195 
LYS CD  HD2  sing N N 196 
LYS CD  HD3  sing N N 197 
LYS CE  NZ   sing N N 198 
LYS CE  HE2  sing N N 199 
LYS CE  HE3  sing N N 200 
LYS NZ  HZ1  sing N N 201 
LYS NZ  HZ2  sing N N 202 
LYS NZ  HZ3  sing N N 203 
LYS OXT HXT  sing N N 204 
MET N   CA   sing N N 205 
MET N   H    sing N N 206 
MET N   H2   sing N N 207 
MET CA  C    sing N N 208 
MET CA  CB   sing N N 209 
MET CA  HA   sing N N 210 
MET C   O    doub N N 211 
MET C   OXT  sing N N 212 
MET CB  CG   sing N N 213 
MET CB  HB2  sing N N 214 
MET CB  HB3  sing N N 215 
MET CG  SD   sing N N 216 
MET CG  HG2  sing N N 217 
MET CG  HG3  sing N N 218 
MET SD  CE   sing N N 219 
MET CE  HE1  sing N N 220 
MET CE  HE2  sing N N 221 
MET CE  HE3  sing N N 222 
MET OXT HXT  sing N N 223 
PHE N   CA   sing N N 224 
PHE N   H    sing N N 225 
PHE N   H2   sing N N 226 
PHE CA  C    sing N N 227 
PHE CA  CB   sing N N 228 
PHE CA  HA   sing N N 229 
PHE C   O    doub N N 230 
PHE C   OXT  sing N N 231 
PHE CB  CG   sing N N 232 
PHE CB  HB2  sing N N 233 
PHE CB  HB3  sing N N 234 
PHE CG  CD1  doub Y N 235 
PHE CG  CD2  sing Y N 236 
PHE CD1 CE1  sing Y N 237 
PHE CD1 HD1  sing N N 238 
PHE CD2 CE2  doub Y N 239 
PHE CD2 HD2  sing N N 240 
PHE CE1 CZ   doub Y N 241 
PHE CE1 HE1  sing N N 242 
PHE CE2 CZ   sing Y N 243 
PHE CE2 HE2  sing N N 244 
PHE CZ  HZ   sing N N 245 
PHE OXT HXT  sing N N 246 
PRO N   CA   sing N N 247 
PRO N   CD   sing N N 248 
PRO N   H    sing N N 249 
PRO CA  C    sing N N 250 
PRO CA  CB   sing N N 251 
PRO CA  HA   sing N N 252 
PRO C   O    doub N N 253 
PRO C   OXT  sing N N 254 
PRO CB  CG   sing N N 255 
PRO CB  HB2  sing N N 256 
PRO CB  HB3  sing N N 257 
PRO CG  CD   sing N N 258 
PRO CG  HG2  sing N N 259 
PRO CG  HG3  sing N N 260 
PRO CD  HD2  sing N N 261 
PRO CD  HD3  sing N N 262 
PRO OXT HXT  sing N N 263 
SER N   CA   sing N N 264 
SER N   H    sing N N 265 
SER N   H2   sing N N 266 
SER CA  C    sing N N 267 
SER CA  CB   sing N N 268 
SER CA  HA   sing N N 269 
SER C   O    doub N N 270 
SER C   OXT  sing N N 271 
SER CB  OG   sing N N 272 
SER CB  HB2  sing N N 273 
SER CB  HB3  sing N N 274 
SER OG  HG   sing N N 275 
SER OXT HXT  sing N N 276 
THR N   CA   sing N N 277 
THR N   H    sing N N 278 
THR N   H2   sing N N 279 
THR CA  C    sing N N 280 
THR CA  CB   sing N N 281 
THR CA  HA   sing N N 282 
THR C   O    doub N N 283 
THR C   OXT  sing N N 284 
THR CB  OG1  sing N N 285 
THR CB  CG2  sing N N 286 
THR CB  HB   sing N N 287 
THR OG1 HG1  sing N N 288 
THR CG2 HG21 sing N N 289 
THR CG2 HG22 sing N N 290 
THR CG2 HG23 sing N N 291 
THR OXT HXT  sing N N 292 
TRP N   CA   sing N N 293 
TRP N   H    sing N N 294 
TRP N   H2   sing N N 295 
TRP CA  C    sing N N 296 
TRP CA  CB   sing N N 297 
TRP CA  HA   sing N N 298 
TRP C   O    doub N N 299 
TRP C   OXT  sing N N 300 
TRP CB  CG   sing N N 301 
TRP CB  HB2  sing N N 302 
TRP CB  HB3  sing N N 303 
TRP CG  CD1  doub Y N 304 
TRP CG  CD2  sing Y N 305 
TRP CD1 NE1  sing Y N 306 
TRP CD1 HD1  sing N N 307 
TRP CD2 CE2  doub Y N 308 
TRP CD2 CE3  sing Y N 309 
TRP NE1 CE2  sing Y N 310 
TRP NE1 HE1  sing N N 311 
TRP CE2 CZ2  sing Y N 312 
TRP CE3 CZ3  doub Y N 313 
TRP CE3 HE3  sing N N 314 
TRP CZ2 CH2  doub Y N 315 
TRP CZ2 HZ2  sing N N 316 
TRP CZ3 CH2  sing Y N 317 
TRP CZ3 HZ3  sing N N 318 
TRP CH2 HH2  sing N N 319 
TRP OXT HXT  sing N N 320 
TYR N   CA   sing N N 321 
TYR N   H    sing N N 322 
TYR N   H2   sing N N 323 
TYR CA  C    sing N N 324 
TYR CA  CB   sing N N 325 
TYR CA  HA   sing N N 326 
TYR C   O    doub N N 327 
TYR C   OXT  sing N N 328 
TYR CB  CG   sing N N 329 
TYR CB  HB2  sing N N 330 
TYR CB  HB3  sing N N 331 
TYR CG  CD1  doub Y N 332 
TYR CG  CD2  sing Y N 333 
TYR CD1 CE1  sing Y N 334 
TYR CD1 HD1  sing N N 335 
TYR CD2 CE2  doub Y N 336 
TYR CD2 HD2  sing N N 337 
TYR CE1 CZ   doub Y N 338 
TYR CE1 HE1  sing N N 339 
TYR CE2 CZ   sing Y N 340 
TYR CE2 HE2  sing N N 341 
TYR CZ  OH   sing N N 342 
TYR OH  HH   sing N N 343 
TYR OXT HXT  sing N N 344 
VAL N   CA   sing N N 345 
VAL N   H    sing N N 346 
VAL N   H2   sing N N 347 
VAL CA  C    sing N N 348 
VAL CA  CB   sing N N 349 
VAL CA  HA   sing N N 350 
VAL C   O    doub N N 351 
VAL C   OXT  sing N N 352 
VAL CB  CG1  sing N N 353 
VAL CB  CG2  sing N N 354 
VAL CB  HB   sing N N 355 
VAL CG1 HG11 sing N N 356 
VAL CG1 HG12 sing N N 357 
VAL CG1 HG13 sing N N 358 
VAL CG2 HG21 sing N N 359 
VAL CG2 HG22 sing N N 360 
VAL CG2 HG23 sing N N 361 
VAL OXT HXT  sing N N 362 
# 
_pdbx_audit_support.funding_organization   'Biotechnology and Biological Sciences Research Council' 
_pdbx_audit_support.country                'United Kingdom' 
_pdbx_audit_support.grant_number           BB/I013334/1 
_pdbx_audit_support.ordinal                1 
# 
_pdbx_initial_refinement_model.id               1 
_pdbx_initial_refinement_model.entity_id_list   ? 
_pdbx_initial_refinement_model.type             'experimental model' 
_pdbx_initial_refinement_model.source_name      PDB 
_pdbx_initial_refinement_model.accession_code   3OSS 
_pdbx_initial_refinement_model.details          ? 
# 
_atom_sites.entry_id                    4WFW 
_atom_sites.fract_transf_matrix[1][1]   -0.02083278 
_atom_sites.fract_transf_matrix[1][2]   0.01812327 
_atom_sites.fract_transf_matrix[1][3]   -0.00049098 
_atom_sites.fract_transf_matrix[2][1]   -0.01702243 
_atom_sites.fract_transf_matrix[2][2]   -0.01929562 
_atom_sites.fract_transf_matrix[2][3]   0.01003068 
_atom_sites.fract_transf_matrix[3][1]   0.00172089 
_atom_sites.fract_transf_matrix[3][2]   0.00217040 
_atom_sites.fract_transf_matrix[3][3]   0.00709553 
_atom_sites.fract_transf_vector[1]      0.428876 
_atom_sites.fract_transf_vector[2]      0.257424 
_atom_sites.fract_transf_vector[3]      0.317611 
# 
loop_
_atom_type.symbol 
C 
N 
O 
S 
# 
loop_
_atom_site.group_PDB 
_atom_site.id 
_atom_site.type_symbol 
_atom_site.label_atom_id 
_atom_site.label_alt_id 
_atom_site.label_comp_id 
_atom_site.label_asym_id 
_atom_site.label_entity_id 
_atom_site.label_seq_id 
_atom_site.pdbx_PDB_ins_code 
_atom_site.Cartn_x 
_atom_site.Cartn_y 
_atom_site.Cartn_z 
_atom_site.occupancy 
_atom_site.B_iso_or_equiv 
_atom_site.pdbx_formal_charge 
_atom_site.auth_seq_id 
_atom_site.auth_comp_id 
_atom_site.auth_asym_id 
_atom_site.auth_atom_id 
_atom_site.pdbx_PDB_model_num 
ATOM   1   N N   . LEU A 1 4  ? 12.528  -5.525  8.727   1.00 51.39  ? 115 LEU A N   1 
ATOM   2   C CA  . LEU A 1 4  ? 13.243  -5.802  7.450   1.00 49.72  ? 115 LEU A CA  1 
ATOM   3   C C   . LEU A 1 4  ? 13.075  -4.552  6.507   1.00 45.66  ? 115 LEU A C   1 
ATOM   4   O O   . LEU A 1 4  ? 13.990  -3.723  6.461   1.00 40.91  ? 115 LEU A O   1 
ATOM   5   C CB  . LEU A 1 4  ? 12.838  -7.190  6.843   1.00 53.39  ? 115 LEU A CB  1 
ATOM   6   C CG  . LEU A 1 4  ? 13.617  -7.742  5.607   1.00 55.55  ? 115 LEU A CG  1 
ATOM   7   C CD1 . LEU A 1 4  ? 13.720  -9.266  5.622   1.00 58.44  ? 115 LEU A CD1 1 
ATOM   8   C CD2 . LEU A 1 4  ? 13.049  -7.281  4.267   1.00 55.13  ? 115 LEU A CD2 1 
ATOM   9   N N   . VAL A 1 5  ? 12.192  -3.898  5.977   1.00 42.17  ? 116 VAL A N   1 
ATOM   10  C CA  . VAL A 1 5  ? 12.159  -2.585  5.267   1.00 42.65  ? 116 VAL A CA  1 
ATOM   11  C C   . VAL A 1 5  ? 11.394  -1.470  5.968   1.00 38.40  ? 116 VAL A C   1 
ATOM   12  O O   . VAL A 1 5  ? 10.227  -1.602  6.226   1.00 39.56  ? 116 VAL A O   1 
ATOM   13  C CB  . VAL A 1 5  ? 11.624  -2.700  3.828   1.00 42.08  ? 116 VAL A CB  1 
ATOM   14  C CG1 . VAL A 1 5  ? 11.718  -1.348  3.140   1.00 42.51  ? 116 VAL A CG1 1 
ATOM   15  C CG2 . VAL A 1 5  ? 12.437  -3.713  3.050   1.00 44.18  ? 116 VAL A CG2 1 
ATOM   16  N N   . THR A 1 6  ? 12.070  -0.352  6.228   1.00 38.17  ? 117 THR A N   1 
ATOM   17  C CA  . THR A 1 6  ? 11.507  0.815   6.908   1.00 37.94  ? 117 THR A CA  1 
ATOM   18  C C   . THR A 1 6  ? 11.641  2.045   6.010   1.00 36.33  ? 117 THR A C   1 
ATOM   19  O O   . THR A 1 6  ? 12.738  2.368   5.557   1.00 37.50  ? 117 THR A O   1 
ATOM   20  C CB  . THR A 1 6  ? 12.275  1.087   8.218   1.00 41.78  ? 117 THR A CB  1 
ATOM   21  O OG1 . THR A 1 6  ? 12.424  -0.144  8.927   1.00 47.71  ? 117 THR A OG1 1 
ATOM   22  C CG2 . THR A 1 6  ? 11.545  2.077   9.113   1.00 43.83  ? 117 THR A CG2 1 
ATOM   23  N N   . GLY A 1 7  ? 10.545  2.758   5.811   1.00 32.87  ? 118 GLY A N   1 
ATOM   24  C CA  . GLY A 1 7  ? 10.512  3.920   4.905   1.00 34.49  ? 118 GLY A CA  1 
ATOM   25  C C   . GLY A 1 7  ? 10.460  3.514   3.456   1.00 33.15  ? 118 GLY A C   1 
ATOM   26  O O   . GLY A 1 7  ? 10.310  2.349   3.121   1.00 33.75  ? 118 GLY A O   1 
ATOM   27  N N   . TRP A 1 8  ? 10.651  4.488   2.596   1.00 34.56  ? 119 TRP A N   1 
ATOM   28  C CA  . TRP A 1 8  ? 10.360  4.371   1.178   1.00 36.36  ? 119 TRP A CA  1 
ATOM   29  C C   . TRP A 1 8  ? 11.603  4.660   0.375   1.00 35.63  ? 119 TRP A C   1 
ATOM   30  O O   . TRP A 1 8  ? 12.086  5.768   0.360   1.00 33.94  ? 119 TRP A O   1 
ATOM   31  C CB  . TRP A 1 8  ? 9.237   5.347   0.843   1.00 38.40  ? 119 TRP A CB  1 
ATOM   32  C CG  . TRP A 1 8  ? 8.012   4.911   1.546   1.00 40.69  ? 119 TRP A CG  1 
ATOM   33  C CD1 . TRP A 1 8  ? 7.678   5.151   2.856   1.00 40.39  ? 119 TRP A CD1 1 
ATOM   34  C CD2 . TRP A 1 8  ? 6.981   4.091   1.014   1.00 40.79  ? 119 TRP A CD2 1 
ATOM   35  N NE1 . TRP A 1 8  ? 6.489   4.546   3.157   1.00 38.90  ? 119 TRP A NE1 1 
ATOM   36  C CE2 . TRP A 1 8  ? 6.033   3.891   2.046   1.00 40.20  ? 119 TRP A CE2 1 
ATOM   37  C CE3 . TRP A 1 8  ? 6.732   3.544   -0.258  1.00 43.15  ? 119 TRP A CE3 1 
ATOM   38  C CZ2 . TRP A 1 8  ? 4.861   3.156   1.855   1.00 39.01  ? 119 TRP A CZ2 1 
ATOM   39  C CZ3 . TRP A 1 8  ? 5.561   2.820   -0.449  1.00 42.06  ? 119 TRP A CZ3 1 
ATOM   40  C CH2 . TRP A 1 8  ? 4.647   2.621   0.618   1.00 40.87  ? 119 TRP A CH2 1 
ATOM   41  N N   . GLN A 1 9  ? 12.124  3.632   -0.285  1.00 37.37  ? 120 GLN A N   1 
ATOM   42  C CA  . GLN A 1 9  ? 13.304  3.790   -1.129  1.00 40.82  ? 120 GLN A CA  1 
ATOM   43  C C   . GLN A 1 9  ? 12.995  4.710   -2.285  1.00 41.41  ? 120 GLN A C   1 
ATOM   44  O O   . GLN A 1 9  ? 11.842  4.997   -2.555  1.00 41.36  ? 120 GLN A O   1 
ATOM   45  C CB  . GLN A 1 9  ? 13.835  2.430   -1.582  1.00 41.65  ? 120 GLN A CB  1 
ATOM   46  C CG  . GLN A 1 9  ? 14.296  1.554   -0.421  1.00 43.60  ? 120 GLN A CG  1 
ATOM   47  C CD  . GLN A 1 9  ? 15.007  0.298   -0.886  1.00 46.93  ? 120 GLN A CD  1 
ATOM   48  O OE1 . GLN A 1 9  ? 14.516  -0.394  -1.766  1.00 51.17  ? 120 GLN A OE1 1 
ATOM   49  N NE2 . GLN A 1 9  ? 16.169  0.014   -0.320  1.00 48.07  ? 120 GLN A NE2 1 
ATOM   50  N N   . THR A 1 10 ? 14.013  5.257   -2.913  1.00 44.86  ? 121 THR A N   1 
ATOM   51  C CA  . THR A 1 10 ? 13.779  6.154   -4.041  1.00 48.99  ? 121 THR A CA  1 
ATOM   52  C C   . THR A 1 10 ? 13.313  5.293   -5.212  1.00 50.70  ? 121 THR A C   1 
ATOM   53  O O   . THR A 1 10 ? 13.626  4.129   -5.270  1.00 51.29  ? 121 THR A O   1 
ATOM   54  C CB  . THR A 1 10 ? 15.036  6.888   -4.445  1.00 54.18  ? 121 THR A CB  1 
ATOM   55  O OG1 . THR A 1 10 ? 16.004  5.916   -4.852  1.00 56.85  ? 121 THR A OG1 1 
ATOM   56  C CG2 . THR A 1 10 ? 15.572  7.744   -3.261  1.00 53.65  ? 121 THR A CG2 1 
ATOM   57  N N   . ALA A 1 11 ? 12.527  5.854   -6.113  1.00 53.98  ? 122 ALA A N   1 
ATOM   58  C CA  . ALA A 1 11 ? 11.955  5.077   -7.211  1.00 57.01  ? 122 ALA A CA  1 
ATOM   59  C C   . ALA A 1 11 ? 11.872  5.924   -8.490  1.00 62.42  ? 122 ALA A C   1 
ATOM   60  O O   . ALA A 1 11 ? 11.723  7.171   -8.444  1.00 61.88  ? 122 ALA A O   1 
ATOM   61  C CB  . ALA A 1 11 ? 10.585  4.514   -6.811  1.00 54.33  ? 122 ALA A CB  1 
ATOM   62  N N   . LYS A 1 12 ? 11.983  5.248   -9.635  1.00 68.62  ? 123 LYS A N   1 
ATOM   63  C CA  . LYS A 1 12 ? 11.893  5.954   -10.911 1.00 75.23  ? 123 LYS A CA  1 
ATOM   64  C C   . LYS A 1 12 ? 10.511  6.577   -10.998 1.00 74.57  ? 123 LYS A C   1 
ATOM   65  O O   . LYS A 1 12 ? 9.542   6.003   -10.474 1.00 70.26  ? 123 LYS A O   1 
ATOM   66  C CB  . LYS A 1 12 ? 12.126  5.035   -12.122 1.00 82.77  ? 123 LYS A CB  1 
ATOM   67  C CG  . LYS A 1 12 ? 13.563  4.988   -12.626 1.00 91.31  ? 123 LYS A CG  1 
ATOM   68  C CD  . LYS A 1 12 ? 14.434  3.981   -11.870 1.00 93.84  ? 123 LYS A CD  1 
ATOM   69  C CE  . LYS A 1 12 ? 15.917  4.178   -12.198 1.00 99.21  ? 123 LYS A CE  1 
ATOM   70  N NZ  . LYS A 1 12 ? 16.813  3.126   -11.575 1.00 98.96  ? 123 LYS A NZ  1 
ATOM   71  N N   . PRO A 1 13 ? 10.409  7.750   -11.645 1.00 77.23  ? 124 PRO A N   1 
ATOM   72  C CA  . PRO A 1 13 ? 9.111   8.343   -11.961 1.00 78.67  ? 124 PRO A CA  1 
ATOM   73  C C   . PRO A 1 13 ? 8.078   7.313   -12.471 1.00 78.53  ? 124 PRO A C   1 
ATOM   74  O O   . PRO A 1 13 ? 8.384   6.505   -13.352 1.00 80.54  ? 124 PRO A O   1 
ATOM   75  C CB  . PRO A 1 13 ? 9.468   9.356   -13.040 1.00 84.71  ? 124 PRO A CB  1 
ATOM   76  C CG  . PRO A 1 13 ? 10.839  9.822   -12.650 1.00 84.58  ? 124 PRO A CG  1 
ATOM   77  C CD  . PRO A 1 13 ? 11.522  8.645   -12.016 1.00 80.80  ? 124 PRO A CD  1 
ATOM   78  N N   . GLY A 1 14 ? 6.889   7.310   -11.874 1.00 75.45  ? 125 GLY A N   1 
ATOM   79  C CA  . GLY A 1 14 ? 5.845   6.323   -12.201 1.00 74.57  ? 125 GLY A CA  1 
ATOM   80  C C   . GLY A 1 14 ? 6.040   4.923   -11.621 1.00 69.49  ? 125 GLY A C   1 
ATOM   81  O O   . GLY A 1 14 ? 5.315   3.994   -11.986 1.00 68.94  ? 125 GLY A O   1 
ATOM   82  N N   . GLU A 1 15 ? 7.021   4.747   -10.742 1.00 63.19  ? 126 GLU A N   1 
ATOM   83  C CA  . GLU A 1 15 ? 7.274   3.440   -10.161 1.00 61.41  ? 126 GLU A CA  1 
ATOM   84  C C   . GLU A 1 15 ? 7.126   3.535   -8.643  1.00 56.37  ? 126 GLU A C   1 
ATOM   85  O O   . GLU A 1 15 ? 7.158   4.623   -8.070  1.00 54.74  ? 126 GLU A O   1 
ATOM   86  C CB  . GLU A 1 15 ? 8.650   2.930   -10.580 1.00 63.73  ? 126 GLU A CB  1 
ATOM   87  C CG  . GLU A 1 15 ? 8.879   3.056   -12.089 1.00 70.38  ? 126 GLU A CG  1 
ATOM   88  C CD  . GLU A 1 15 ? 9.773   1.982   -12.697 1.00 73.73  ? 126 GLU A CD  1 
ATOM   89  O OE1 . GLU A 1 15 ? 10.393  1.186   -11.970 1.00 74.24  ? 126 GLU A OE1 1 
ATOM   90  O OE2 . GLU A 1 15 ? 9.877   1.943   -13.930 1.00 82.32  ? 126 GLU A OE2 1 
ATOM   91  N N   . LEU A 1 16 ? 6.902   2.392   -8.015  1.00 54.57  ? 127 LEU A N   1 
ATOM   92  C CA  . LEU A 1 16 ? 6.821   2.294   -6.571  1.00 51.69  ? 127 LEU A CA  1 
ATOM   93  C C   . LEU A 1 16 ? 8.059   1.585   -6.122  1.00 49.30  ? 127 LEU A C   1 
ATOM   94  O O   . LEU A 1 16 ? 8.520   0.671   -6.806  1.00 49.64  ? 127 LEU A O   1 
ATOM   95  C CB  . LEU A 1 16 ? 5.609   1.485   -6.134  1.00 51.94  ? 127 LEU A CB  1 
ATOM   96  C CG  . LEU A 1 16 ? 4.278   2.178   -6.369  1.00 53.77  ? 127 LEU A CG  1 
ATOM   97  C CD1 . LEU A 1 16 ? 3.151   1.164   -6.216  1.00 54.99  ? 127 LEU A CD1 1 
ATOM   98  C CD2 . LEU A 1 16 ? 4.105   3.319   -5.385  1.00 52.07  ? 127 LEU A CD2 1 
ATOM   99  N N   . PRO A 1 17 ? 8.592   1.981   -4.957  1.00 45.94  ? 128 PRO A N   1 
ATOM   100 C CA  . PRO A 1 17 ? 9.699   1.222   -4.397  1.00 44.40  ? 128 PRO A CA  1 
ATOM   101 C C   . PRO A 1 17 ? 9.188   -0.069  -3.752  1.00 42.48  ? 128 PRO A C   1 
ATOM   102 O O   . PRO A 1 17 ? 8.006   -0.325  -3.752  1.00 40.09  ? 128 PRO A O   1 
ATOM   103 C CB  . PRO A 1 17 ? 10.269  2.174   -3.332  1.00 45.68  ? 128 PRO A CB  1 
ATOM   104 C CG  . PRO A 1 17 ? 9.090   2.988   -2.918  1.00 44.23  ? 128 PRO A CG  1 
ATOM   105 C CD  . PRO A 1 17 ? 8.208   3.141   -4.129  1.00 43.78  ? 128 PRO A CD  1 
ATOM   106 N N   . TYR A 1 18 ? 10.095  -0.868  -3.203  1.00 43.16  ? 129 TYR A N   1 
ATOM   107 C CA  . TYR A 1 18 ? 9.718   -2.053  -2.455  1.00 42.64  ? 129 TYR A CA  1 
ATOM   108 C C   . TYR A 1 18 ? 8.695   -1.658  -1.372  1.00 40.01  ? 129 TYR A C   1 
ATOM   109 O O   . TYR A 1 18 ? 8.865   -0.622  -0.707  1.00 37.21  ? 129 TYR A O   1 
ATOM   110 C CB  . TYR A 1 18 ? 10.935  -2.696  -1.803  1.00 43.15  ? 129 TYR A CB  1 
ATOM   111 C CG  . TYR A 1 18 ? 10.612  -4.078  -1.365  1.00 42.22  ? 129 TYR A CG  1 
ATOM   112 C CD1 . TYR A 1 18 ? 9.912   -4.313  -0.172  1.00 40.29  ? 129 TYR A CD1 1 
ATOM   113 C CD2 . TYR A 1 18 ? 10.915  -5.144  -2.160  1.00 44.34  ? 129 TYR A CD2 1 
ATOM   114 C CE1 . TYR A 1 18 ? 9.573   -5.578  0.223   1.00 40.37  ? 129 TYR A CE1 1 
ATOM   115 C CE2 . TYR A 1 18 ? 10.587  -6.418  -1.770  1.00 46.84  ? 129 TYR A CE2 1 
ATOM   116 C CZ  . TYR A 1 18 ? 9.916   -6.633  -0.584  1.00 42.92  ? 129 TYR A CZ  1 
ATOM   117 O OH  . TYR A 1 18 ? 9.594   -7.911  -0.222  1.00 45.24  ? 129 TYR A OH  1 
ATOM   118 N N   . ILE A 1 19 ? 7.641   -2.463  -1.218  1.00 38.07  ? 130 ILE A N   1 
ATOM   119 C CA  . ILE A 1 19 ? 6.669   -2.270  -0.142  1.00 38.32  ? 130 ILE A CA  1 
ATOM   120 C C   . ILE A 1 19 ? 6.577   -3.538  0.665   1.00 38.71  ? 130 ILE A C   1 
ATOM   121 O O   . ILE A 1 19 ? 6.039   -4.533  0.188   1.00 38.63  ? 130 ILE A O   1 
ATOM   122 C CB  . ILE A 1 19 ? 5.263   -1.896  -0.634  1.00 37.79  ? 130 ILE A CB  1 
ATOM   123 C CG1 . ILE A 1 19 ? 5.350   -0.685  -1.565  1.00 39.88  ? 130 ILE A CG1 1 
ATOM   124 C CG2 . ILE A 1 19 ? 4.376   -1.582  0.566   1.00 37.67  ? 130 ILE A CG2 1 
ATOM   125 C CD1 . ILE A 1 19 ? 4.035   -0.254  -2.226  1.00 40.70  ? 130 ILE A CD1 1 
ATOM   126 N N   . ALA A 1 20 ? 7.135   -3.501  1.876   1.00 36.21  ? 131 ALA A N   1 
ATOM   127 C CA  . ALA A 1 20 ? 6.962   -4.557  2.832   1.00 32.67  ? 131 ALA A CA  1 
ATOM   128 C C   . ALA A 1 20 ? 5.592   -4.354  3.503   1.00 32.35  ? 131 ALA A C   1 
ATOM   129 O O   . ALA A 1 20 ? 5.381   -3.392  4.258   1.00 30.50  ? 131 ALA A O   1 
ATOM   130 C CB  . ALA A 1 20 ? 8.094   -4.502  3.841   1.00 34.30  ? 131 ALA A CB  1 
ATOM   131 N N   . PHE A 1 21 ? 4.660   -5.263  3.218   1.00 31.38  ? 132 PHE A N   1 
ATOM   132 C CA  . PHE A 1 21 ? 3.299   -5.246  3.746   1.00 30.58  ? 132 PHE A CA  1 
ATOM   133 C C   . PHE A 1 21 ? 3.306   -6.268  4.879   1.00 31.80  ? 132 PHE A C   1 
ATOM   134 O O   . PHE A 1 21 ? 3.145   -7.460  4.665   1.00 33.30  ? 132 PHE A O   1 
ATOM   135 C CB  . PHE A 1 21 ? 2.323   -5.656  2.604   1.00 33.50  ? 132 PHE A CB  1 
ATOM   136 C CG  . PHE A 1 21 ? 0.870   -5.492  2.901   1.00 32.04  ? 132 PHE A CG  1 
ATOM   137 C CD1 . PHE A 1 21 ? 0.369   -5.225  4.187   1.00 31.03  ? 132 PHE A CD1 1 
ATOM   138 C CD2 . PHE A 1 21 ? -0.033  -5.651  1.857   1.00 34.41  ? 132 PHE A CD2 1 
ATOM   139 C CE1 . PHE A 1 21 ? -0.977  -5.080  4.364   1.00 32.02  ? 132 PHE A CE1 1 
ATOM   140 C CE2 . PHE A 1 21 ? -1.384  -5.527  2.047   1.00 33.59  ? 132 PHE A CE2 1 
ATOM   141 C CZ  . PHE A 1 21 ? -1.858  -5.245  3.287   1.00 33.77  ? 132 PHE A CZ  1 
ATOM   142 N N   . SER A 1 22 ? 3.523   -5.792  6.099   1.00 28.45  ? 133 SER A N   1 
ATOM   143 C CA  . SER A 1 22 ? 3.810   -6.678  7.170   1.00 29.04  ? 133 SER A CA  1 
ATOM   144 C C   . SER A 1 22 ? 2.623   -6.970  8.102   1.00 27.66  ? 133 SER A C   1 
ATOM   145 O O   . SER A 1 22 ? 2.663   -7.917  8.830   1.00 31.43  ? 133 SER A O   1 
ATOM   146 C CB  . SER A 1 22 ? 4.974   -6.067  7.948   1.00 28.79  ? 133 SER A CB  1 
ATOM   147 O OG  . SER A 1 22 ? 4.603   -4.792  8.483   1.00 29.59  ? 133 SER A OG  1 
ATOM   148 N N   . ALA A 1 23 ? 1.611   -6.121  8.142   1.00 26.96  ? 134 ALA A N   1 
ATOM   149 C CA  . ALA A 1 23 ? 0.476   -6.302  9.017   1.00 29.35  ? 134 ALA A CA  1 
ATOM   150 C C   . ALA A 1 23 ? -0.754  -5.665  8.357   1.00 31.39  ? 134 ALA A C   1 
ATOM   151 O O   . ALA A 1 23 ? -0.615  -4.811  7.494   1.00 30.92  ? 134 ALA A O   1 
ATOM   152 C CB  . ALA A 1 23 ? 0.736   -5.687  10.391  1.00 29.63  ? 134 ALA A CB  1 
ATOM   153 N N   . HIS A 1 24 ? -1.926  -6.084  8.812   1.00 35.01  ? 135 HIS A N   1 
ATOM   154 C CA  . HIS A 1 24 ? -3.237  -5.701  8.280   1.00 37.62  ? 135 HIS A CA  1 
ATOM   155 C C   . HIS A 1 24 ? -4.282  -5.913  9.389   1.00 38.70  ? 135 HIS A C   1 
ATOM   156 O O   . HIS A 1 24 ? -4.374  -7.014  9.952   1.00 38.88  ? 135 HIS A O   1 
ATOM   157 C CB  . HIS A 1 24 ? -3.522  -6.611  7.069   1.00 39.38  ? 135 HIS A CB  1 
ATOM   158 C CG  . HIS A 1 24 ? -4.847  -6.409  6.404   1.00 44.39  ? 135 HIS A CG  1 
ATOM   159 N ND1 . HIS A 1 24 ? -5.038  -6.732  5.087   1.00 52.23  ? 135 HIS A ND1 1 
ATOM   160 C CD2 . HIS A 1 24 ? -6.040  -5.965  6.851   1.00 48.95  ? 135 HIS A CD2 1 
ATOM   161 C CE1 . HIS A 1 24 ? -6.283  -6.472  4.739   1.00 51.36  ? 135 HIS A CE1 1 
ATOM   162 N NE2 . HIS A 1 24 ? -6.914  -6.005  5.793   1.00 50.12  ? 135 HIS A NE2 1 
ATOM   163 N N   . VAL A 1 25 ? -5.080  -4.874  9.678   1.00 39.97  ? 136 VAL A N   1 
ATOM   164 C CA  . VAL A 1 25 ? -6.190  -4.980  10.619  1.00 42.78  ? 136 VAL A CA  1 
ATOM   165 C C   . VAL A 1 25 ? -7.500  -4.579  9.969   1.00 43.92  ? 136 VAL A C   1 
ATOM   166 O O   . VAL A 1 25 ? -7.600  -3.477  9.413   1.00 42.43  ? 136 VAL A O   1 
ATOM   167 C CB  . VAL A 1 25 ? -5.966  -4.082  11.836  1.00 45.23  ? 136 VAL A CB  1 
ATOM   168 C CG1 . VAL A 1 25 ? -7.127  -4.215  12.818  1.00 47.64  ? 136 VAL A CG1 1 
ATOM   169 C CG2 . VAL A 1 25 ? -4.650  -4.457  12.488  1.00 45.53  ? 136 VAL A CG2 1 
ATOM   170 N N   . TYR A 1 26 ? -8.483  -5.479  10.035  1.00 47.24  ? 137 TYR A N   1 
ATOM   171 C CA  . TYR A 1 26 ? -9.815  -5.279  9.450   1.00 50.90  ? 137 TYR A CA  1 
ATOM   172 C C   . TYR A 1 26 ? -10.853 -5.313  10.553  1.00 54.54  ? 137 TYR A C   1 
ATOM   173 O O   . TYR A 1 26 ? -10.854 -6.208  11.394  1.00 53.62  ? 137 TYR A O   1 
ATOM   174 C CB  . TYR A 1 26 ? -10.189 -6.368  8.431   1.00 53.96  ? 137 TYR A CB  1 
ATOM   175 C CG  . TYR A 1 26 ? -11.506 -6.080  7.684   1.00 56.68  ? 137 TYR A CG  1 
ATOM   176 C CD1 . TYR A 1 26 ? -11.552 -5.134  6.654   1.00 56.48  ? 137 TYR A CD1 1 
ATOM   177 C CD2 . TYR A 1 26 ? -12.688 -6.750  8.012   1.00 60.74  ? 137 TYR A CD2 1 
ATOM   178 C CE1 . TYR A 1 26 ? -12.727 -4.862  5.973   1.00 60.20  ? 137 TYR A CE1 1 
ATOM   179 C CE2 . TYR A 1 26 ? -13.889 -6.485  7.324   1.00 64.74  ? 137 TYR A CE2 1 
ATOM   180 C CZ  . TYR A 1 26 ? -13.894 -5.535  6.303   1.00 64.81  ? 137 TYR A CZ  1 
ATOM   181 O OH  . TYR A 1 26 ? -15.049 -5.240  5.598   1.00 69.47  ? 137 TYR A OH  1 
ATOM   182 N N   . THR A 1 27 ? -11.745 -4.334  10.496  1.00 58.69  ? 138 THR A N   1 
ATOM   183 C CA  . THR A 1 27 ? -12.861 -4.180  11.412  1.00 60.93  ? 138 THR A CA  1 
ATOM   184 C C   . THR A 1 27 ? -14.010 -3.759  10.559  1.00 62.97  ? 138 THR A C   1 
ATOM   185 O O   . THR A 1 27 ? -13.798 -3.176  9.491   1.00 62.18  ? 138 THR A O   1 
ATOM   186 C CB  . THR A 1 27 ? -12.556 -3.062  12.403  1.00 61.28  ? 138 THR A CB  1 
ATOM   187 O OG1 . THR A 1 27 ? -12.110 -1.912  11.676  1.00 58.55  ? 138 THR A OG1 1 
ATOM   188 C CG2 . THR A 1 27 ? -11.443 -3.508  13.352  1.00 60.21  ? 138 THR A CG2 1 
ATOM   189 N N   . SER A 1 28 ? -15.225 -4.035  11.004  1.00 67.76  ? 139 SER A N   1 
ATOM   190 C CA  . SER A 1 28 ? -16.384 -3.503  10.295  1.00 71.43  ? 139 SER A CA  1 
ATOM   191 C C   . SER A 1 28 ? -16.270 -1.975  10.271  1.00 72.10  ? 139 SER A C   1 
ATOM   192 O O   . SER A 1 28 ? -16.437 -1.377  9.211   1.00 72.36  ? 139 SER A O   1 
ATOM   193 C CB  . SER A 1 28 ? -17.698 -3.957  10.929  1.00 76.08  ? 139 SER A CB  1 
ATOM   194 O OG  . SER A 1 28 ? -17.645 -3.841  12.336  1.00 77.48  ? 139 SER A OG  1 
ATOM   195 N N   . ALA A 1 29 ? -15.946 -1.368  11.421  1.00 71.77  ? 140 ALA A N   1 
ATOM   196 C CA  . ALA A 1 29 ? -15.670 0.074   11.501  1.00 72.99  ? 140 ALA A CA  1 
ATOM   197 C C   . ALA A 1 29 ? -14.539 0.472   10.549  1.00 69.62  ? 140 ALA A C   1 
ATOM   198 O O   . ALA A 1 29 ? -13.399 0.108   10.798  1.00 68.06  ? 140 ALA A O   1 
ATOM   199 C CB  . ALA A 1 29 ? -15.286 0.448   12.913  1.00 74.20  ? 140 ALA A CB  1 
ATOM   200 N N   . PRO A 1 30 ? -14.838 1.212   9.457   1.00 71.06  ? 141 PRO A N   1 
ATOM   201 C CA  . PRO A 1 30 ? -13.806 1.557   8.453   1.00 67.60  ? 141 PRO A CA  1 
ATOM   202 C C   . PRO A 1 30 ? -12.608 2.361   8.965   1.00 65.99  ? 141 PRO A C   1 
ATOM   203 O O   . PRO A 1 30 ? -11.461 2.036   8.649   1.00 60.24  ? 141 PRO A O   1 
ATOM   204 C CB  . PRO A 1 30 ? -14.583 2.387   7.415   1.00 71.04  ? 141 PRO A CB  1 
ATOM   205 C CG  . PRO A 1 30 ? -16.000 1.981   7.585   1.00 73.91  ? 141 PRO A CG  1 
ATOM   206 C CD  . PRO A 1 30 ? -16.154 1.748   9.056   1.00 75.09  ? 141 PRO A CD  1 
ATOM   207 N N   . ASP A 1 31 ? -12.878 3.399   9.742   1.00 69.40  ? 142 ASP A N   1 
ATOM   208 C CA  . ASP A 1 31 ? -11.805 4.227   10.339  1.00 69.65  ? 142 ASP A CA  1 
ATOM   209 C C   . ASP A 1 31 ? -10.863 3.491   11.317  1.00 67.30  ? 142 ASP A C   1 
ATOM   210 O O   . ASP A 1 31 ? -9.788  4.010   11.635  1.00 65.05  ? 142 ASP A O   1 
ATOM   211 C CB  . ASP A 1 31 ? -12.405 5.465   11.024  1.00 74.43  ? 142 ASP A CB  1 
ATOM   212 C CG  . ASP A 1 31 ? -13.502 5.126   12.051  1.00 77.77  ? 142 ASP A CG  1 
ATOM   213 O OD1 . ASP A 1 31 ? -13.887 3.943   12.221  1.00 76.38  ? 142 ASP A OD1 1 
ATOM   214 O OD2 . ASP A 1 31 ? -13.981 6.083   12.685  1.00 82.49  ? 142 ASP A OD2 1 
ATOM   215 N N   . LYS A 1 32 ? -11.279 2.315   11.809  1.00 69.03  ? 143 LYS A N   1 
ATOM   216 C CA  . LYS A 1 32 ? -10.410 1.431   12.610  1.00 68.60  ? 143 LYS A CA  1 
ATOM   217 C C   . LYS A 1 32 ? -9.671  0.318   11.820  1.00 62.35  ? 143 LYS A C   1 
ATOM   218 O O   . LYS A 1 32 ? -9.098  -0.585  12.415  1.00 60.26  ? 143 LYS A O   1 
ATOM   219 C CB  . LYS A 1 32 ? -11.186 0.850   13.816  1.00 72.77  ? 143 LYS A CB  1 
ATOM   220 C CG  . LYS A 1 32 ? -11.081 1.707   15.086  1.00 80.88  ? 143 LYS A CG  1 
ATOM   221 C CD  . LYS A 1 32 ? -9.615  2.080   15.417  1.00 81.39  ? 143 LYS A CD  1 
ATOM   222 C CE  . LYS A 1 32 ? -9.409  2.569   16.844  1.00 85.62  ? 143 LYS A CE  1 
ATOM   223 N NZ  . LYS A 1 32 ? -10.216 3.795   17.123  1.00 91.88  ? 143 LYS A NZ  1 
ATOM   224 N N   . ARG A 1 33 ? -9.646  0.398   10.494  1.00 58.94  ? 144 ARG A N   1 
ATOM   225 C CA  . ARG A 1 33 ? -8.796  -0.499  9.713   1.00 54.25  ? 144 ARG A CA  1 
ATOM   226 C C   . ARG A 1 33 ? -7.395  0.079   9.605   1.00 49.54  ? 144 ARG A C   1 
ATOM   227 O O   . ARG A 1 33 ? -7.195  1.277   9.698   1.00 49.60  ? 144 ARG A O   1 
ATOM   228 C CB  . ARG A 1 33 ? -9.366  -0.722  8.317   1.00 54.89  ? 144 ARG A CB  1 
ATOM   229 C CG  . ARG A 1 33 ? -10.694 -1.469  8.332   1.00 58.59  ? 144 ARG A CG  1 
ATOM   230 C CD  . ARG A 1 33 ? -11.520 -1.177  7.106   1.00 60.83  ? 144 ARG A CD  1 
ATOM   231 N NE  . ARG A 1 33 ? -12.866 -1.736  7.228   1.00 65.35  ? 144 ARG A NE  1 
ATOM   232 C CZ  . ARG A 1 33 ? -13.870 -1.509  6.380   1.00 67.01  ? 144 ARG A CZ  1 
ATOM   233 N NH1 . ARG A 1 33 ? -13.710 -0.726  5.311   1.00 66.32  ? 144 ARG A NH1 1 
ATOM   234 N NH2 . ARG A 1 33 ? -15.051 -2.069  6.608   1.00 69.66  ? 144 ARG A NH2 1 
ATOM   235 N N   . SER A 1 34 ? -6.421  -0.781  9.364   1.00 45.07  ? 145 SER A N   1 
ATOM   236 C CA  . SER A 1 34 ? -5.054  -0.303  9.176   1.00 41.88  ? 145 SER A CA  1 
ATOM   237 C C   . SER A 1 34 ? -4.276  -1.303  8.431   1.00 36.47  ? 145 SER A C   1 
ATOM   238 O O   . SER A 1 34 ? -4.632  -2.483  8.420   1.00 34.94  ? 145 SER A O   1 
ATOM   239 C CB  . SER A 1 34 ? -4.368  -0.103  10.515  1.00 42.09  ? 145 SER A CB  1 
ATOM   240 O OG  . SER A 1 34 ? -4.211  -1.362  11.161  1.00 41.08  ? 145 SER A OG  1 
ATOM   241 N N   . VAL A 1 35 ? -3.229  -0.814  7.784   1.00 34.86  ? 146 VAL A N   1 
ATOM   242 C CA  . VAL A 1 35 ? -2.175  -1.662  7.223   1.00 33.52  ? 146 VAL A CA  1 
ATOM   243 C C   . VAL A 1 35 ? -0.807  -1.137  7.604   1.00 32.80  ? 146 VAL A C   1 
ATOM   244 O O   . VAL A 1 35 ? -0.644  0.073   7.747   1.00 34.43  ? 146 VAL A O   1 
ATOM   245 C CB  . VAL A 1 35 ? -2.294  -1.744  5.711   1.00 33.87  ? 146 VAL A CB  1 
ATOM   246 C CG1 . VAL A 1 35 ? -3.527  -2.576  5.364   1.00 37.08  ? 146 VAL A CG1 1 
ATOM   247 C CG2 . VAL A 1 35 ? -2.387  -0.368  5.072   1.00 34.27  ? 146 VAL A CG2 1 
ATOM   248 N N   . THR A 1 36 ? 0.161   -2.031  7.786   1.00 30.58  ? 147 THR A N   1 
ATOM   249 C CA  . THR A 1 36 ? 1.520   -1.626  8.017   1.00 30.06  ? 147 THR A CA  1 
ATOM   250 C C   . THR A 1 36 ? 2.347   -1.860  6.751   1.00 29.42  ? 147 THR A C   1 
ATOM   251 O O   . THR A 1 36 ? 2.523   -3.003  6.266   1.00 28.35  ? 147 THR A O   1 
ATOM   252 C CB  . THR A 1 36 ? 2.138   -2.292  9.252   1.00 32.39  ? 147 THR A CB  1 
ATOM   253 O OG1 . THR A 1 36 ? 1.316   -2.046  10.394  1.00 29.79  ? 147 THR A OG1 1 
ATOM   254 C CG2 . THR A 1 36 ? 3.508   -1.709  9.539   1.00 33.37  ? 147 THR A CG2 1 
ATOM   255 N N   . LEU A 1 37 ? 2.844   -0.735  6.223   1.00 29.69  ? 148 LEU A N   1 
ATOM   256 C CA  . LEU A 1 37 ? 3.598   -0.697  4.979   1.00 30.22  ? 148 LEU A CA  1 
ATOM   257 C C   . LEU A 1 37 ? 4.929   -0.062  5.278   1.00 30.14  ? 148 LEU A C   1 
ATOM   258 O O   . LEU A 1 37 ? 4.987   1.072   5.790   1.00 30.31  ? 148 LEU A O   1 
ATOM   259 C CB  . LEU A 1 37 ? 2.834   0.140   3.951   1.00 30.90  ? 148 LEU A CB  1 
ATOM   260 C CG  . LEU A 1 37 ? 1.397   -0.288  3.727   1.00 33.24  ? 148 LEU A CG  1 
ATOM   261 C CD1 . LEU A 1 37 ? 0.745   0.680   2.761   1.00 36.95  ? 148 LEU A CD1 1 
ATOM   262 C CD2 . LEU A 1 37 ? 1.363   -1.720  3.203   1.00 32.58  ? 148 LEU A CD2 1 
ATOM   263 N N   . ASN A 1 38 ? 5.996   -0.786  5.001   1.00 27.98  ? 149 ASN A N   1 
ATOM   264 C CA  . ASN A 1 38 ? 7.319   -0.290  5.247   1.00 27.97  ? 149 ASN A CA  1 
ATOM   265 C C   . ASN A 1 38 ? 7.538   0.270   6.672   1.00 28.84  ? 149 ASN A C   1 
ATOM   266 O O   . ASN A 1 38 ? 8.206   1.302   6.839   1.00 28.40  ? 149 ASN A O   1 
ATOM   267 C CB  . ASN A 1 38 ? 7.703   0.720   4.173   1.00 29.03  ? 149 ASN A CB  1 
ATOM   268 C CG  . ASN A 1 38 ? 7.945   0.072   2.823   1.00 30.11  ? 149 ASN A CG  1 
ATOM   269 O OD1 . ASN A 1 38 ? 8.240   -1.093  2.742   1.00 31.33  ? 149 ASN A OD1 1 
ATOM   270 N ND2 . ASN A 1 38 ? 7.852   0.840   1.775   1.00 31.18  ? 149 ASN A ND2 1 
ATOM   271 N N   . GLY A 1 39 ? 7.029   -0.469  7.666   1.00 27.96  ? 150 GLY A N   1 
ATOM   272 C CA  . GLY A 1 39 ? 7.211   -0.157  9.089   1.00 31.72  ? 150 GLY A CA  1 
ATOM   273 C C   . GLY A 1 39 ? 6.336   0.933   9.656   1.00 33.07  ? 150 GLY A C   1 
ATOM   274 O O   . GLY A 1 39 ? 6.485   1.225   10.816  1.00 38.61  ? 150 GLY A O   1 
ATOM   275 N N   . GLU A 1 40 ? 5.456   1.552   8.865   1.00 33.77  ? 151 GLU A N   1 
ATOM   276 C CA  . GLU A 1 40 ? 4.522   2.548   9.349   1.00 37.94  ? 151 GLU A CA  1 
ATOM   277 C C   . GLU A 1 40 ? 3.084   2.078   9.152   1.00 36.17  ? 151 GLU A C   1 
ATOM   278 O O   . GLU A 1 40 ? 2.739   1.481   8.147   1.00 33.22  ? 151 GLU A O   1 
ATOM   279 C CB  . GLU A 1 40 ? 4.731   3.876   8.607   1.00 43.51  ? 151 GLU A CB  1 
ATOM   280 C CG  . GLU A 1 40 ? 3.835   5.034   9.096   1.00 49.88  ? 151 GLU A CG  1 
ATOM   281 C CD  . GLU A 1 40 ? 4.233   6.413   8.519   1.00 55.95  ? 151 GLU A CD  1 
ATOM   282 O OE1 . GLU A 1 40 ? 5.401   6.564   8.088   1.00 57.53  ? 151 GLU A OE1 1 
ATOM   283 O OE2 . GLU A 1 40 ? 3.391   7.358   8.494   1.00 56.78  ? 151 GLU A OE2 1 
ATOM   284 N N   . ARG A 1 41 ? 2.245   2.410   10.106  1.00 36.04  ? 152 ARG A N   1 
ATOM   285 C CA  . ARG A 1 41 ? 0.834   2.086   10.078  1.00 41.35  ? 152 ARG A CA  1 
ATOM   286 C C   . ARG A 1 41 ? 0.038   3.180   9.359   1.00 41.08  ? 152 ARG A C   1 
ATOM   287 O O   . ARG A 1 41 ? 0.221   4.356   9.636   1.00 39.84  ? 152 ARG A O   1 
ATOM   288 C CB  . ARG A 1 41 ? 0.329   1.922   11.504  1.00 46.06  ? 152 ARG A CB  1 
ATOM   289 C CG  . ARG A 1 41 ? -0.986  1.190   11.537  1.00 52.87  ? 152 ARG A CG  1 
ATOM   290 C CD  . ARG A 1 41 ? -1.622  1.265   12.892  1.00 61.07  ? 152 ARG A CD  1 
ATOM   291 N NE  . ARG A 1 41 ? -0.754  0.692   13.903  1.00 64.32  ? 152 ARG A NE  1 
ATOM   292 C CZ  . ARG A 1 41 ? -1.042  0.717   15.194  1.00 73.10  ? 152 ARG A CZ  1 
ATOM   293 N NH1 . ARG A 1 41 ? -2.176  1.290   15.619  1.00 73.22  ? 152 ARG A NH1 1 
ATOM   294 N NH2 . ARG A 1 41 ? -0.194  0.170   16.062  1.00 74.83  ? 152 ARG A NH2 1 
ATOM   295 N N   . TYR A 1 42 ? -0.812  2.788   8.409   1.00 40.74  ? 153 TYR A N   1 
ATOM   296 C CA  . TYR A 1 42 ? -1.627  3.731   7.638   1.00 41.12  ? 153 TYR A CA  1 
ATOM   297 C C   . TYR A 1 42 ? -3.113  3.374   7.692   1.00 44.11  ? 153 TYR A C   1 
ATOM   298 O O   . TYR A 1 42 ? -3.488  2.251   8.084   1.00 42.40  ? 153 TYR A O   1 
ATOM   299 C CB  . TYR A 1 42 ? -1.162  3.766   6.189   1.00 41.54  ? 153 TYR A CB  1 
ATOM   300 C CG  . TYR A 1 42 ? 0.269   4.175   5.996   1.00 40.52  ? 153 TYR A CG  1 
ATOM   301 C CD1 . TYR A 1 42 ? 0.636   5.536   5.948   1.00 42.51  ? 153 TYR A CD1 1 
ATOM   302 C CD2 . TYR A 1 42 ? 1.260   3.221   5.863   1.00 36.87  ? 153 TYR A CD2 1 
ATOM   303 C CE1 . TYR A 1 42 ? 1.958   5.917   5.749   1.00 40.27  ? 153 TYR A CE1 1 
ATOM   304 C CE2 . TYR A 1 42 ? 2.566   3.582   5.685   1.00 37.08  ? 153 TYR A CE2 1 
ATOM   305 C CZ  . TYR A 1 42 ? 2.917   4.944   5.640   1.00 39.27  ? 153 TYR A CZ  1 
ATOM   306 O OH  . TYR A 1 42 ? 4.249   5.266   5.457   1.00 40.15  ? 153 TYR A OH  1 
ATOM   307 N N   . ARG A 1 43 ? -3.945  4.356   7.308   1.00 46.26  ? 154 ARG A N   1 
ATOM   308 C CA  . ARG A 1 43 ? -5.404  4.253   7.304   1.00 48.32  ? 154 ARG A CA  1 
ATOM   309 C C   . ARG A 1 43 ? -5.973  4.485   5.921   1.00 47.91  ? 154 ARG A C   1 
ATOM   310 O O   . ARG A 1 43 ? -5.301  4.975   5.020   1.00 47.92  ? 154 ARG A O   1 
ATOM   311 C CB  . ARG A 1 43 ? -5.979  5.323   8.191   1.00 54.15  ? 154 ARG A CB  1 
ATOM   312 C CG  . ARG A 1 43 ? -5.468  5.321   9.607   1.00 56.67  ? 154 ARG A CG  1 
ATOM   313 C CD  . ARG A 1 43 ? -6.062  4.183   10.383  1.00 57.92  ? 154 ARG A CD  1 
ATOM   314 N NE  . ARG A 1 43 ? -5.654  4.228   11.786  1.00 62.99  ? 154 ARG A NE  1 
ATOM   315 C CZ  . ARG A 1 43 ? -5.962  3.304   12.696  1.00 64.94  ? 154 ARG A CZ  1 
ATOM   316 N NH1 . ARG A 1 43 ? -6.727  2.262   12.384  1.00 65.87  ? 154 ARG A NH1 1 
ATOM   317 N NH2 . ARG A 1 43 ? -5.502  3.421   13.933  1.00 69.35  ? 154 ARG A NH2 1 
ATOM   318 N N   . GLU A 1 44 ? -7.244  4.176   5.771   1.00 51.46  ? 155 GLU A N   1 
ATOM   319 C CA  . GLU A 1 44 ? -7.955  4.523   4.544   1.00 53.50  ? 155 GLU A CA  1 
ATOM   320 C C   . GLU A 1 44 ? -7.877  6.015   4.368   1.00 55.41  ? 155 GLU A C   1 
ATOM   321 O O   . GLU A 1 44 ? -8.148  6.772   5.298   1.00 56.06  ? 155 GLU A O   1 
ATOM   322 C CB  . GLU A 1 44 ? -9.416  4.091   4.576   1.00 56.21  ? 155 GLU A CB  1 
ATOM   323 C CG  . GLU A 1 44 ? -9.600  2.586   4.622   1.00 54.38  ? 155 GLU A CG  1 
ATOM   324 C CD  . GLU A 1 44 ? -11.043 2.179   4.418   1.00 59.23  ? 155 GLU A CD  1 
ATOM   325 O OE1 . GLU A 1 44 ? -11.951 3.011   4.594   1.00 63.43  ? 155 GLU A OE1 1 
ATOM   326 O OE2 . GLU A 1 44 ? -11.254 1.011   4.058   1.00 59.11  ? 155 GLU A OE2 1 
ATOM   327 N N   . GLY A 1 45 ? -7.443  6.421   3.182   1.00 54.36  ? 156 GLY A N   1 
ATOM   328 C CA  . GLY A 1 45 ? -7.301  7.818   2.863   1.00 57.13  ? 156 GLY A CA  1 
ATOM   329 C C   . GLY A 1 45 ? -5.873  8.307   2.814   1.00 55.01  ? 156 GLY A C   1 
ATOM   330 O O   . GLY A 1 45 ? -5.585  9.235   2.080   1.00 56.07  ? 156 GLY A O   1 
ATOM   331 N N   . ASP A 1 46 ? -4.985  7.701   3.601   1.00 51.75  ? 157 ASP A N   1 
ATOM   332 C CA  . ASP A 1 46 ? -3.588  8.115   3.648   1.00 50.02  ? 157 ASP A CA  1 
ATOM   333 C C   . ASP A 1 46 ? -2.890  7.854   2.335   1.00 49.22  ? 157 ASP A C   1 
ATOM   334 O O   . ASP A 1 46 ? -3.217  6.917   1.605   1.00 50.26  ? 157 ASP A O   1 
ATOM   335 C CB  . ASP A 1 46 ? -2.832  7.349   4.729   1.00 48.98  ? 157 ASP A CB  1 
ATOM   336 C CG  . ASP A 1 46 ? -3.248  7.725   6.117   1.00 49.99  ? 157 ASP A CG  1 
ATOM   337 O OD1 . ASP A 1 46 ? -3.906  8.748   6.274   1.00 53.49  ? 157 ASP A OD1 1 
ATOM   338 O OD2 . ASP A 1 46 ? -2.899  6.976   7.041   1.00 48.93  ? 157 ASP A OD2 1 
ATOM   339 N N   . SER A 1 47 ? -1.903  8.681   2.064   1.00 49.46  ? 158 SER A N   1 
ATOM   340 C CA  . SER A 1 47 ? -1.034  8.507   0.950   1.00 49.60  ? 158 SER A CA  1 
ATOM   341 C C   . SER A 1 47 ? 0.373   8.228   1.512   1.00 48.85  ? 158 SER A C   1 
ATOM   342 O O   . SER A 1 47 ? 1.077   9.156   1.924   1.00 50.18  ? 158 SER A O   1 
ATOM   343 C CB  . SER A 1 47 ? -1.065  9.733   0.073   1.00 53.18  ? 158 SER A CB  1 
ATOM   344 O OG  . SER A 1 47 ? -0.202  9.556   -1.021  1.00 56.16  ? 158 SER A OG  1 
ATOM   345 N N   . PRO A 1 48 ? 0.799   6.952   1.524   1.00 46.08  ? 159 PRO A N   1 
ATOM   346 C CA  . PRO A 1 48 ? 2.136   6.592   2.054   1.00 44.73  ? 159 PRO A CA  1 
ATOM   347 C C   . PRO A 1 48 ? 3.354   7.026   1.249   1.00 45.28  ? 159 PRO A C   1 
ATOM   348 O O   . PRO A 1 48 ? 4.484   6.887   1.711   1.00 45.67  ? 159 PRO A O   1 
ATOM   349 C CB  . PRO A 1 48 ? 2.109   5.058   2.029   1.00 43.12  ? 159 PRO A CB  1 
ATOM   350 C CG  . PRO A 1 48 ? 0.672   4.671   1.912   1.00 43.56  ? 159 PRO A CG  1 
ATOM   351 C CD  . PRO A 1 48 ? 0.042   5.751   1.108   1.00 45.17  ? 159 PRO A CD  1 
ATOM   352 N N   . TYR A 1 49 ? 3.122   7.415   0.018   1.00 46.97  ? 160 TYR A N   1 
ATOM   353 C CA  . TYR A 1 49 ? 4.160   7.715   -0.957  1.00 49.43  ? 160 TYR A CA  1 
ATOM   354 C C   . TYR A 1 49 ? 3.405   8.490   -2.054  1.00 51.02  ? 160 TYR A C   1 
ATOM   355 O O   . TYR A 1 49 ? 2.194   8.335   -2.178  1.00 50.44  ? 160 TYR A O   1 
ATOM   356 C CB  . TYR A 1 49 ? 4.722   6.404   -1.480  1.00 47.22  ? 160 TYR A CB  1 
ATOM   357 C CG  . TYR A 1 49 ? 5.858   6.534   -2.438  1.00 51.39  ? 160 TYR A CG  1 
ATOM   358 C CD1 . TYR A 1 49 ? 7.164   6.613   -1.977  1.00 52.19  ? 160 TYR A CD1 1 
ATOM   359 C CD2 . TYR A 1 49 ? 5.638   6.557   -3.813  1.00 54.30  ? 160 TYR A CD2 1 
ATOM   360 C CE1 . TYR A 1 49 ? 8.230   6.700   -2.861  1.00 55.28  ? 160 TYR A CE1 1 
ATOM   361 C CE2 . TYR A 1 49 ? 6.682   6.639   -4.705  1.00 55.90  ? 160 TYR A CE2 1 
ATOM   362 C CZ  . TYR A 1 49 ? 7.983   6.724   -4.234  1.00 58.32  ? 160 TYR A CZ  1 
ATOM   363 O OH  . TYR A 1 49 ? 9.043   6.809   -5.127  1.00 60.42  ? 160 TYR A OH  1 
ATOM   364 N N   . GLN A 1 50 ? 4.063   9.338   -2.824  1.00 56.43  ? 161 GLN A N   1 
ATOM   365 C CA  . GLN A 1 50 ? 3.310   10.186  -3.765  1.00 59.83  ? 161 GLN A CA  1 
ATOM   366 C C   . GLN A 1 50 ? 3.024   9.434   -5.058  1.00 59.00  ? 161 GLN A C   1 
ATOM   367 O O   . GLN A 1 50 ? 3.806   8.581   -5.425  1.00 56.48  ? 161 GLN A O   1 
ATOM   368 C CB  . GLN A 1 50 ? 4.074   11.474  -4.069  1.00 68.10  ? 161 GLN A CB  1 
ATOM   369 C CG  . GLN A 1 50 ? 5.341   11.332  -4.908  1.00 70.29  ? 161 GLN A CG  1 
ATOM   370 C CD  . GLN A 1 50 ? 5.791   12.650  -5.538  1.00 76.37  ? 161 GLN A CD  1 
ATOM   371 O OE1 . GLN A 1 50 ? 4.993   13.425  -6.065  1.00 85.12  ? 161 GLN A OE1 1 
ATOM   372 N NE2 . GLN A 1 50 ? 7.082   12.893  -5.502  1.00 76.74  ? 161 GLN A NE2 1 
ATOM   373 N N   . GLY A 1 51 ? 1.900   9.637   -5.742  1.00 61.95  ? 162 GLY A N   1 
ATOM   374 C CA  . GLY A 1 51 ? 0.575   9.771   -5.201  1.00 62.39  ? 162 GLY A CA  1 
ATOM   375 C C   . GLY A 1 51 ? 0.077   8.328   -5.248  1.00 59.03  ? 162 GLY A C   1 
ATOM   376 O O   . GLY A 1 51 ? -0.524  7.855   -6.218  1.00 59.84  ? 162 GLY A O   1 
ATOM   377 N N   . LEU A 1 52 ? 0.437   7.617   -4.208  1.00 53.52  ? 163 LEU A N   1 
ATOM   378 C CA  . LEU A 1 52 ? -0.139  6.343   -3.877  1.00 51.54  ? 163 LEU A CA  1 
ATOM   379 C C   . LEU A 1 52 ? -1.089  6.657   -2.754  1.00 50.57  ? 163 LEU A C   1 
ATOM   380 O O   . LEU A 1 52 ? -0.694  7.227   -1.765  1.00 48.25  ? 163 LEU A O   1 
ATOM   381 C CB  . LEU A 1 52 ? 0.937   5.396   -3.374  1.00 48.04  ? 163 LEU A CB  1 
ATOM   382 C CG  . LEU A 1 52 ? 0.455   4.009   -2.988  1.00 46.20  ? 163 LEU A CG  1 
ATOM   383 C CD1 . LEU A 1 52 ? 0.184   3.202   -4.255  1.00 48.16  ? 163 LEU A CD1 1 
ATOM   384 C CD2 . LEU A 1 52 ? 1.489   3.341   -2.095  1.00 42.82  ? 163 LEU A CD2 1 
ATOM   385 N N   . VAL A 1 53 ? -2.336  6.284   -2.913  1.00 51.60  ? 164 VAL A N   1 
ATOM   386 C CA  . VAL A 1 53 ? -3.361  6.571   -1.921  1.00 53.04  ? 164 VAL A CA  1 
ATOM   387 C C   . VAL A 1 53 ? -3.980  5.243   -1.515  1.00 51.58  ? 164 VAL A C   1 
ATOM   388 O O   . VAL A 1 53 ? -4.276  4.400   -2.380  1.00 51.60  ? 164 VAL A O   1 
ATOM   389 C CB  . VAL A 1 53 ? -4.492  7.442   -2.545  1.00 56.18  ? 164 VAL A CB  1 
ATOM   390 C CG1 . VAL A 1 53 ? -5.482  7.883   -1.471  1.00 57.12  ? 164 VAL A CG1 1 
ATOM   391 C CG2 . VAL A 1 53 ? -3.912  8.629   -3.304  1.00 57.82  ? 164 VAL A CG2 1 
ATOM   392 N N   . ILE A 1 54 ? -4.184  5.056   -0.222  1.00 50.30  ? 165 ILE A N   1 
ATOM   393 C CA  . ILE A 1 54 ? -4.923  3.911   0.245   1.00 50.82  ? 165 ILE A CA  1 
ATOM   394 C C   . ILE A 1 54 ? -6.389  4.249   0.072   1.00 56.70  ? 165 ILE A C   1 
ATOM   395 O O   . ILE A 1 54 ? -6.899  5.104   0.791   1.00 59.52  ? 165 ILE A O   1 
ATOM   396 C CB  . ILE A 1 54 ? -4.625  3.592   1.715   1.00 50.11  ? 165 ILE A CB  1 
ATOM   397 C CG1 . ILE A 1 54 ? -3.142  3.195   1.866   1.00 46.82  ? 165 ILE A CG1 1 
ATOM   398 C CG2 . ILE A 1 54 ? -5.565  2.480   2.215   1.00 50.60  ? 165 ILE A CG2 1 
ATOM   399 C CD1 . ILE A 1 54 ? -2.683  3.066   3.315   1.00 44.94  ? 165 ILE A CD1 1 
ATOM   400 N N   . GLU A 1 55 ? -7.054  3.591   -0.886  1.00 58.80  ? 166 GLU A N   1 
ATOM   401 C CA  . GLU A 1 55 ? -8.473  3.838   -1.160  1.00 62.99  ? 166 GLU A CA  1 
ATOM   402 C C   . GLU A 1 55 ? -9.378  3.066   -0.213  1.00 63.60  ? 166 GLU A C   1 
ATOM   403 O O   . GLU A 1 55 ? -10.247 3.673   0.401   1.00 66.10  ? 166 GLU A O   1 
ATOM   404 C CB  . GLU A 1 55 ? -8.832  3.502   -2.603  1.00 64.63  ? 166 GLU A CB  1 
ATOM   405 C CG  . GLU A 1 55 ? -8.031  4.295   -3.616  1.00 66.82  ? 166 GLU A CG  1 
ATOM   406 C CD  . GLU A 1 55 ? -8.458  5.753   -3.733  1.00 70.40  ? 166 GLU A CD  1 
ATOM   407 O OE1 . GLU A 1 55 ? -9.466  6.163   -3.112  1.00 72.32  ? 166 GLU A OE1 1 
ATOM   408 O OE2 . GLU A 1 55 ? -7.778  6.496   -4.477  1.00 72.20  ? 166 GLU A OE2 1 
ATOM   409 N N   . GLN A 1 56 ? -9.207  1.745   -0.117  1.00 61.99  ? 167 GLN A N   1 
ATOM   410 C CA  . GLN A 1 56 ? -9.984  0.932   0.869   1.00 62.32  ? 167 GLN A CA  1 
ATOM   411 C C   . GLN A 1 56 ? -9.208  -0.263  1.387   1.00 55.19  ? 167 GLN A C   1 
ATOM   412 O O   . GLN A 1 56 ? -8.499  -0.919  0.648   1.00 53.00  ? 167 GLN A O   1 
ATOM   413 C CB  . GLN A 1 56 ? -11.339 0.452   0.314   1.00 68.88  ? 167 GLN A CB  1 
ATOM   414 C CG  . GLN A 1 56 ? -12.375 1.569   0.185   1.00 76.78  ? 167 GLN A CG  1 
ATOM   415 C CD  . GLN A 1 56 ? -13.790 1.145   0.516   1.00 81.26  ? 167 GLN A CD  1 
ATOM   416 O OE1 . GLN A 1 56 ? -14.614 0.928   -0.379  1.00 85.83  ? 167 GLN A OE1 1 
ATOM   417 N NE2 . GLN A 1 56 ? -14.088 1.051   1.817   1.00 82.64  ? 167 GLN A NE2 1 
ATOM   418 N N   . ILE A 1 57 ? -9.350  -0.521  2.678   1.00 53.37  ? 168 ILE A N   1 
ATOM   419 C CA  . ILE A 1 57 ? -8.761  -1.689  3.326   1.00 51.37  ? 168 ILE A CA  1 
ATOM   420 C C   . ILE A 1 57 ? -9.905  -2.699  3.452   1.00 53.92  ? 168 ILE A C   1 
ATOM   421 O O   . ILE A 1 57 ? -10.877 -2.439  4.137   1.00 55.38  ? 168 ILE A O   1 
ATOM   422 C CB  . ILE A 1 57 ? -8.161  -1.330  4.704   1.00 47.65  ? 168 ILE A CB  1 
ATOM   423 C CG1 . ILE A 1 57 ? -7.077  -0.251  4.538   1.00 45.86  ? 168 ILE A CG1 1 
ATOM   424 C CG2 . ILE A 1 57 ? -7.620  -2.578  5.392   1.00 47.47  ? 168 ILE A CG2 1 
ATOM   425 C CD1 . ILE A 1 57 ? -6.506  0.244   5.841   1.00 44.06  ? 168 ILE A CD1 1 
ATOM   426 N N   . GLU A 1 58 ? -9.784  -3.820  2.740   1.00 56.06  ? 169 GLU A N   1 
ATOM   427 C CA  . GLU A 1 58 ? -10.749 -4.924  2.766   1.00 57.21  ? 169 GLU A CA  1 
ATOM   428 C C   . GLU A 1 58 ? -10.212 -6.001  3.677   1.00 54.66  ? 169 GLU A C   1 
ATOM   429 O O   . GLU A 1 58 ? -9.120  -5.911  4.161   1.00 47.48  ? 169 GLU A O   1 
ATOM   430 C CB  . GLU A 1 58 ? -10.954 -5.501  1.356   1.00 59.17  ? 169 GLU A CB  1 
ATOM   431 C CG  . GLU A 1 58 ? -11.674 -4.558  0.413   1.00 63.74  ? 169 GLU A CG  1 
ATOM   432 C CD  . GLU A 1 58 ? -13.157 -4.477  0.695   1.00 69.34  ? 169 GLU A CD  1 
ATOM   433 O OE1 . GLU A 1 58 ? -13.546 -3.719  1.613   1.00 69.67  ? 169 GLU A OE1 1 
ATOM   434 O OE2 . GLU A 1 58 ? -13.928 -5.166  -0.010  1.00 74.72  ? 169 GLU A OE2 1 
ATOM   435 N N   . GLN A 1 59 ? -10.995 -7.039  3.885   1.00 56.01  ? 170 GLN A N   1 
ATOM   436 C CA  . GLN A 1 59 ? -10.573 -8.145  4.719   1.00 56.62  ? 170 GLN A CA  1 
ATOM   437 C C   . GLN A 1 59 ? -9.349  -8.884  4.186   1.00 54.60  ? 170 GLN A C   1 
ATOM   438 O O   . GLN A 1 59 ? -8.473  -9.230  4.948   1.00 52.00  ? 170 GLN A O   1 
ATOM   439 C CB  . GLN A 1 59 ? -11.728 -9.113  4.843   1.00 61.42  ? 170 GLN A CB  1 
ATOM   440 C CG  . GLN A 1 59 ? -11.612 -10.134 5.940   1.00 62.59  ? 170 GLN A CG  1 
ATOM   441 C CD  . GLN A 1 59 ? -12.895 -10.913 6.039   1.00 68.18  ? 170 GLN A CD  1 
ATOM   442 O OE1 . GLN A 1 59 ? -13.985 -10.336 6.058   1.00 70.51  ? 170 GLN A OE1 1 
ATOM   443 N NE2 . GLN A 1 59 ? -12.784 -12.230 6.060   1.00 70.95  ? 170 GLN A NE2 1 
ATOM   444 N N   . ASP A 1 60 ? -9.297  -9.133  2.885   1.00 56.41  ? 171 ASP A N   1 
ATOM   445 C CA  . ASP A 1 60 ? -8.237  -9.976  2.295   1.00 57.00  ? 171 ASP A CA  1 
ATOM   446 C C   . ASP A 1 60 ? -7.286  -9.186  1.388   1.00 53.11  ? 171 ASP A C   1 
ATOM   447 O O   . ASP A 1 60 ? -6.422  -9.774  0.761   1.00 54.18  ? 171 ASP A O   1 
ATOM   448 C CB  . ASP A 1 60 ? -8.867  -11.144 1.527   1.00 62.28  ? 171 ASP A CB  1 
ATOM   449 C CG  . ASP A 1 60 ? -9.896  -10.685 0.475   1.00 68.58  ? 171 ASP A CG  1 
ATOM   450 O OD1 . ASP A 1 60 ? -10.200 -9.466  0.393   1.00 66.61  ? 171 ASP A OD1 1 
ATOM   451 O OD2 . ASP A 1 60 ? -10.430 -11.555 -0.272  1.00 80.27  ? 171 ASP A OD2 1 
ATOM   452 N N   . MET A 1 61 ? -7.442  -7.868  1.294   1.00 50.50  ? 172 MET A N   1 
ATOM   453 C CA  . MET A 1 61 ? -6.588  -7.064  0.395   1.00 49.18  ? 172 MET A CA  1 
ATOM   454 C C   . MET A 1 61 ? -6.707  -5.596  0.698   1.00 45.86  ? 172 MET A C   1 
ATOM   455 O O   . MET A 1 61 ? -7.601  -5.178  1.407   1.00 47.98  ? 172 MET A O   1 
ATOM   456 C CB  . MET A 1 61 ? -7.002  -7.266  -1.059  1.00 53.25  ? 172 MET A CB  1 
ATOM   457 C CG  . MET A 1 61 ? -8.357  -6.625  -1.385  1.00 56.57  ? 172 MET A CG  1 
ATOM   458 S SD  . MET A 1 61 ? -9.081  -7.063  -2.950  1.00 66.13  ? 172 MET A SD  1 
ATOM   459 C CE  . MET A 1 61 ? -9.012  -8.857  -2.933  1.00 67.77  ? 172 MET A CE  1 
ATOM   460 N N   . VAL A 1 62 ? -5.826  -4.808  0.103   1.00 44.59  ? 173 VAL A N   1 
ATOM   461 C CA  . VAL A 1 62 ? -5.959  -3.356  0.163   1.00 45.60  ? 173 VAL A CA  1 
ATOM   462 C C   . VAL A 1 62 ? -5.929  -2.829  -1.267  1.00 45.63  ? 173 VAL A C   1 
ATOM   463 O O   . VAL A 1 62 ? -5.175  -3.304  -2.109  1.00 44.07  ? 173 VAL A O   1 
ATOM   464 C CB  . VAL A 1 62 ? -4.925  -2.663  1.115   1.00 42.59  ? 173 VAL A CB  1 
ATOM   465 C CG1 . VAL A 1 62 ? -3.556  -3.230  0.918   1.00 42.53  ? 173 VAL A CG1 1 
ATOM   466 C CG2 . VAL A 1 62 ? -4.911  -1.153  0.903   1.00 43.99  ? 173 VAL A CG2 1 
ATOM   467 N N   . ILE A 1 63 ? -6.824  -1.881  -1.507  1.00 47.68  ? 174 ILE A N   1 
ATOM   468 C CA  . ILE A 1 63 ? -7.040  -1.285  -2.790  1.00 52.19  ? 174 ILE A CA  1 
ATOM   469 C C   . ILE A 1 63 ? -6.417  0.112   -2.726  1.00 50.11  ? 174 ILE A C   1 
ATOM   470 O O   . ILE A 1 63 ? -6.865  0.971   -1.954  1.00 49.36  ? 174 ILE A O   1 
ATOM   471 C CB  . ILE A 1 63 ? -8.557  -1.242  -3.101  1.00 57.63  ? 174 ILE A CB  1 
ATOM   472 C CG1 . ILE A 1 63 ? -9.198  -2.644  -2.927  1.00 58.83  ? 174 ILE A CG1 1 
ATOM   473 C CG2 . ILE A 1 63 ? -8.819  -0.684  -4.497  1.00 62.78  ? 174 ILE A CG2 1 
ATOM   474 C CD1 . ILE A 1 63 ? -10.663 -2.597  -2.594  1.00 62.34  ? 174 ILE A CD1 1 
ATOM   475 N N   . PHE A 1 64 ? -5.342  0.292   -3.483  1.00 49.20  ? 175 PHE A N   1 
ATOM   476 C CA  . PHE A 1 64 ? -4.733  1.591   -3.671  1.00 52.55  ? 175 PHE A CA  1 
ATOM   477 C C   . PHE A 1 64 ? -5.197  2.168   -4.995  1.00 57.12  ? 175 PHE A C   1 
ATOM   478 O O   . PHE A 1 64 ? -5.710  1.458   -5.858  1.00 59.31  ? 175 PHE A O   1 
ATOM   479 C CB  . PHE A 1 64 ? -3.214  1.505   -3.771  1.00 50.37  ? 175 PHE A CB  1 
ATOM   480 C CG  . PHE A 1 64 ? -2.550  0.875   -2.598  1.00 48.48  ? 175 PHE A CG  1 
ATOM   481 C CD1 . PHE A 1 64 ? -2.318  -0.499  -2.563  1.00 48.08  ? 175 PHE A CD1 1 
ATOM   482 C CD2 . PHE A 1 64 ? -2.068  1.667   -1.553  1.00 46.58  ? 175 PHE A CD2 1 
ATOM   483 C CE1 . PHE A 1 64 ? -1.654  -1.069  -1.485  1.00 45.09  ? 175 PHE A CE1 1 
ATOM   484 C CE2 . PHE A 1 64 ? -1.410  1.097   -0.473  1.00 44.21  ? 175 PHE A CE2 1 
ATOM   485 C CZ  . PHE A 1 64 ? -1.201  -0.265  -0.440  1.00 43.91  ? 175 PHE A CZ  1 
ATOM   486 N N   . SER A 1 65 ? -4.991  3.469   -5.138  1.00 59.88  ? 176 SER A N   1 
ATOM   487 C CA  . SER A 1 65 ? -4.838  4.085   -6.436  1.00 63.03  ? 176 SER A CA  1 
ATOM   488 C C   . SER A 1 65 ? -3.376  4.517   -6.518  1.00 61.32  ? 176 SER A C   1 
ATOM   489 O O   . SER A 1 65 ? -2.804  5.009   -5.544  1.00 57.70  ? 176 SER A O   1 
ATOM   490 C CB  . SER A 1 65 ? -5.763  5.286   -6.586  1.00 67.02  ? 176 SER A CB  1 
ATOM   491 O OG  . SER A 1 65 ? -5.479  6.249   -5.579  1.00 66.78  ? 176 SER A OG  1 
ATOM   492 N N   . PHE A 1 66 ? -2.775  4.318   -7.685  1.00 63.88  ? 177 PHE A N   1 
ATOM   493 C CA  . PHE A 1 66 ? -1.481  4.875   -7.988  1.00 63.13  ? 177 PHE A CA  1 
ATOM   494 C C   . PHE A 1 66 ? -1.492  5.587   -9.332  1.00 69.95  ? 177 PHE A C   1 
ATOM   495 O O   . PHE A 1 66 ? -1.718  4.964   -10.379 1.00 72.15  ? 177 PHE A O   1 
ATOM   496 C CB  . PHE A 1 66 ? -0.434  3.792   -8.015  1.00 59.86  ? 177 PHE A CB  1 
ATOM   497 C CG  . PHE A 1 66 ? 0.952   4.326   -8.197  1.00 58.99  ? 177 PHE A CG  1 
ATOM   498 C CD1 . PHE A 1 66 ? 1.439   5.319   -7.345  1.00 57.57  ? 177 PHE A CD1 1 
ATOM   499 C CD2 . PHE A 1 66 ? 1.771   3.845   -9.213  1.00 59.99  ? 177 PHE A CD2 1 
ATOM   500 C CE1 . PHE A 1 66 ? 2.726   5.821   -7.510  1.00 58.40  ? 177 PHE A CE1 1 
ATOM   501 C CE2 . PHE A 1 66 ? 3.055   4.342   -9.381  1.00 60.08  ? 177 PHE A CE2 1 
ATOM   502 C CZ  . PHE A 1 66 ? 3.532   5.327   -8.534  1.00 60.13  ? 177 PHE A CZ  1 
ATOM   503 N N   . ASN A 1 67 ? -1.218  6.892   -9.284  1.00 73.39  ? 178 ASN A N   1 
ATOM   504 C CA  . ASN A 1 67 ? -1.337  7.783   -10.437 1.00 79.29  ? 178 ASN A CA  1 
ATOM   505 C C   . ASN A 1 67 ? -2.622  7.568   -11.243 1.00 83.85  ? 178 ASN A C   1 
ATOM   506 O O   . ASN A 1 67 ? -2.614  7.527   -12.484 1.00 85.21  ? 178 ASN A O   1 
ATOM   507 C CB  . ASN A 1 67 ? -0.059  7.699   -11.275 1.00 80.02  ? 178 ASN A CB  1 
ATOM   508 C CG  . ASN A 1 67 ? 1.150   8.253   -10.528 1.00 78.70  ? 178 ASN A CG  1 
ATOM   509 O OD1 . ASN A 1 67 ? 1.010   9.065   -9.605  1.00 75.73  ? 178 ASN A OD1 1 
ATOM   510 N ND2 . ASN A 1 67 ? 2.343   7.813   -10.917 1.00 79.07  ? 178 ASN A ND2 1 
ATOM   511 N N   . GLY A 1 68 ? -3.726  7.443   -10.498 1.00 84.23  ? 179 GLY A N   1 
ATOM   512 C CA  . GLY A 1 68 ? -5.057  7.233   -11.070 1.00 89.41  ? 179 GLY A CA  1 
ATOM   513 C C   . GLY A 1 68 ? -5.476  5.782   -10.989 1.00 89.03  ? 179 GLY A C   1 
ATOM   514 O O   . GLY A 1 68 ? -6.478  5.452   -10.338 1.00 88.36  ? 179 GLY A O   1 
ATOM   515 N N   . GLU A 1 69 ? -4.671  4.916   -11.609 1.00 88.36  ? 180 GLU A N   1 
ATOM   516 C CA  . GLU A 1 69 ? -5.030  3.513   -11.826 1.00 86.54  ? 180 GLU A CA  1 
ATOM   517 C C   . GLU A 1 69 ? -5.148  2.720   -10.511 1.00 78.94  ? 180 GLU A C   1 
ATOM   518 O O   . GLU A 1 69 ? -4.427  2.997   -9.531  1.00 72.30  ? 180 GLU A O   1 
ATOM   519 C CB  . GLU A 1 69 ? -4.020  2.807   -12.755 1.00 89.38  ? 180 GLU A CB  1 
ATOM   520 C CG  . GLU A 1 69 ? -3.698  3.489   -14.092 1.00 95.11  ? 180 GLU A CG  1 
ATOM   521 C CD  . GLU A 1 69 ? -4.887  3.674   -15.017 1.00 103.07 ? 180 GLU A CD  1 
ATOM   522 O OE1 . GLU A 1 69 ? -5.982  3.147   -14.738 1.00 107.70 ? 180 GLU A OE1 1 
ATOM   523 O OE2 . GLU A 1 69 ? -4.722  4.346   -16.058 1.00 109.60 ? 180 GLU A OE2 1 
ATOM   524 N N   . PRO A 1 70 ? -6.059  1.728   -10.476 1.00 76.15  ? 181 PRO A N   1 
ATOM   525 C CA  . PRO A 1 70 ? -6.118  0.936   -9.248  1.00 69.82  ? 181 PRO A CA  1 
ATOM   526 C C   . PRO A 1 70 ? -4.877  0.057   -9.140  1.00 65.39  ? 181 PRO A C   1 
ATOM   527 O O   . PRO A 1 70 ? -4.185  -0.208  -10.128 1.00 64.22  ? 181 PRO A O   1 
ATOM   528 C CB  . PRO A 1 70 ? -7.408  0.119   -9.389  1.00 73.20  ? 181 PRO A CB  1 
ATOM   529 C CG  . PRO A 1 70 ? -7.762  0.156   -10.843 1.00 78.93  ? 181 PRO A CG  1 
ATOM   530 C CD  . PRO A 1 70 ? -6.950  1.212   -11.534 1.00 80.05  ? 181 PRO A CD  1 
ATOM   531 N N   . PHE A 1 71 ? -4.560  -0.322  -7.918  1.00 61.20  ? 182 PHE A N   1 
ATOM   532 C CA  . PHE A 1 71 ? -3.381  -1.120  -7.640  1.00 58.41  ? 182 PHE A CA  1 
ATOM   533 C C   . PHE A 1 71 ? -3.691  -1.851  -6.361  1.00 54.98  ? 182 PHE A C   1 
ATOM   534 O O   . PHE A 1 71 ? -4.015  -1.206  -5.354  1.00 51.64  ? 182 PHE A O   1 
ATOM   535 C CB  . PHE A 1 71 ? -2.180  -0.205  -7.457  1.00 58.06  ? 182 PHE A CB  1 
ATOM   536 C CG  . PHE A 1 71 ? -0.998  -0.868  -6.821  1.00 54.32  ? 182 PHE A CG  1 
ATOM   537 C CD1 . PHE A 1 71 ? -0.487  -2.044  -7.353  1.00 57.00  ? 182 PHE A CD1 1 
ATOM   538 C CD2 . PHE A 1 71 ? -0.386  -0.312  -5.710  1.00 53.20  ? 182 PHE A CD2 1 
ATOM   539 C CE1 . PHE A 1 71 ? 0.620   -2.657  -6.796  1.00 54.87  ? 182 PHE A CE1 1 
ATOM   540 C CE2 . PHE A 1 71 ? 0.699   -0.930  -5.134  1.00 50.37  ? 182 PHE A CE2 1 
ATOM   541 C CZ  . PHE A 1 71 ? 1.212   -2.099  -5.691  1.00 51.85  ? 182 PHE A CZ  1 
ATOM   542 N N   . ILE A 1 72 ? -3.605  -3.177  -6.407  1.00 54.89  ? 183 ILE A N   1 
ATOM   543 C CA  . ILE A 1 72 ? -4.088  -4.029  -5.336  1.00 53.34  ? 183 ILE A CA  1 
ATOM   544 C C   . ILE A 1 72 ? -2.985  -4.918  -4.851  1.00 50.51  ? 183 ILE A C   1 
ATOM   545 O O   . ILE A 1 72 ? -2.315  -5.549  -5.658  1.00 53.28  ? 183 ILE A O   1 
ATOM   546 C CB  . ILE A 1 72 ? -5.188  -5.007  -5.811  1.00 59.63  ? 183 ILE A CB  1 
ATOM   547 C CG1 . ILE A 1 72 ? -6.323  -4.280  -6.546  1.00 65.96  ? 183 ILE A CG1 1 
ATOM   548 C CG2 . ILE A 1 72 ? -5.730  -5.828  -4.637  1.00 58.80  ? 183 ILE A CG2 1 
ATOM   549 C CD1 . ILE A 1 72 ? -7.328  -3.611  -5.642  1.00 67.05  ? 183 ILE A CD1 1 
ATOM   550 N N   . LEU A 1 73 ? -2.870  -5.018  -3.524  1.00 46.15  ? 184 LEU A N   1 
ATOM   551 C CA  . LEU A 1 73 ? -2.065  -6.018  -2.865  1.00 44.12  ? 184 LEU A CA  1 
ATOM   552 C C   . LEU A 1 73 ? -2.967  -6.829  -1.967  1.00 44.61  ? 184 LEU A C   1 
ATOM   553 O O   . LEU A 1 73 ? -3.759  -6.297  -1.156  1.00 42.15  ? 184 LEU A O   1 
ATOM   554 C CB  . LEU A 1 73 ? -0.979  -5.383  -1.991  1.00 40.55  ? 184 LEU A CB  1 
ATOM   555 C CG  . LEU A 1 73 ? 0.127   -4.633  -2.729  1.00 41.38  ? 184 LEU A CG  1 
ATOM   556 C CD1 . LEU A 1 73 ? 1.016   -3.874  -1.766  1.00 38.88  ? 184 LEU A CD1 1 
ATOM   557 C CD2 . LEU A 1 73 ? 0.971   -5.600  -3.548  1.00 43.81  ? 184 LEU A CD2 1 
ATOM   558 N N   . ASP A 1 74 ? -2.798  -8.135  -2.051  1.00 46.57  ? 185 ASP A N   1 
ATOM   559 C CA  . ASP A 1 74 ? -3.476  -9.005  -1.116  1.00 48.78  ? 185 ASP A CA  1 
ATOM   560 C C   . ASP A 1 74 ? -2.841  -8.802  0.256   1.00 46.80  ? 185 ASP A C   1 
ATOM   561 O O   . ASP A 1 74 ? -1.692  -8.343  0.381   1.00 44.35  ? 185 ASP A O   1 
ATOM   562 C CB  . ASP A 1 74 ? -3.388  -10.465 -1.547  1.00 52.35  ? 185 ASP A CB  1 
ATOM   563 C CG  . ASP A 1 74 ? -4.027  -10.717 -2.904  1.00 57.00  ? 185 ASP A CG  1 
ATOM   564 O OD1 . ASP A 1 74 ? -5.159  -10.247 -3.186  1.00 59.67  ? 185 ASP A OD1 1 
ATOM   565 O OD2 . ASP A 1 74 ? -3.364  -11.385 -3.692  1.00 61.28  ? 185 ASP A OD2 1 
ATOM   566 N N   . SER A 1 75 ? -3.591  -9.167  1.278   1.00 45.99  ? 186 SER A N   1 
ATOM   567 C CA  . SER A 1 75 ? -3.140  -9.017  2.635   1.00 44.24  ? 186 SER A CA  1 
ATOM   568 C C   . SER A 1 75 ? -1.744  -9.655  2.781   1.00 45.29  ? 186 SER A C   1 
ATOM   569 O O   . SER A 1 75 ? -1.531  -10.802 2.348   1.00 46.60  ? 186 SER A O   1 
ATOM   570 C CB  . SER A 1 75 ? -4.152  -9.666  3.559   1.00 45.29  ? 186 SER A CB  1 
ATOM   571 O OG  . SER A 1 75 ? -3.812  -9.413  4.874   1.00 48.23  ? 186 SER A OG  1 
ATOM   572 N N   . LEU A 1 76 ? -0.792  -8.885  3.320   1.00 39.24  ? 187 LEU A N   1 
ATOM   573 C CA  . LEU A 1 76 ? 0.612   -9.300  3.498   1.00 40.18  ? 187 LEU A CA  1 
ATOM   574 C C   . LEU A 1 76 ? 1.388   -9.610  2.206   1.00 39.82  ? 187 LEU A C   1 
ATOM   575 O O   . LEU A 1 76 ? 2.436   -10.251 2.250   1.00 39.58  ? 187 LEU A O   1 
ATOM   576 C CB  . LEU A 1 76 ? 0.732   -10.475 4.493   1.00 42.62  ? 187 LEU A CB  1 
ATOM   577 C CG  . LEU A 1 76 ? 0.588   -10.140 5.978   1.00 42.52  ? 187 LEU A CG  1 
ATOM   578 C CD1 . LEU A 1 76 ? -0.410  -9.040  6.278   1.00 43.88  ? 187 LEU A CD1 1 
ATOM   579 C CD2 . LEU A 1 76 ? 0.258   -11.366 6.777   1.00 44.64  ? 187 LEU A CD2 1 
ATOM   580 N N   . GLN A 1 77 ? 0.885   -9.148  1.064   1.00 40.10  ? 188 GLN A N   1 
ATOM   581 C CA  . GLN A 1 77 ? 1.567   -9.364  -0.211  1.00 41.96  ? 188 GLN A CA  1 
ATOM   582 C C   . GLN A 1 77 ? 2.461   -8.143  -0.406  1.00 39.50  ? 188 GLN A C   1 
ATOM   583 O O   . GLN A 1 77 ? 1.939   -7.025  -0.541  1.00 39.68  ? 188 GLN A O   1 
ATOM   584 C CB  . GLN A 1 77 ? 0.549   -9.491  -1.362  1.00 44.59  ? 188 GLN A CB  1 
ATOM   585 C CG  . GLN A 1 77 ? 1.147   -9.536  -2.754  1.00 47.58  ? 188 GLN A CG  1 
ATOM   586 C CD  . GLN A 1 77 ? 0.120   -9.614  -3.879  1.00 50.64  ? 188 GLN A CD  1 
ATOM   587 O OE1 . GLN A 1 77 ? -0.983  -9.084  -3.801  1.00 51.29  ? 188 GLN A OE1 1 
ATOM   588 N NE2 . GLN A 1 77 ? 0.509   -10.265 -4.952  1.00 54.28  ? 188 GLN A NE2 1 
ATOM   589 N N   . ASP A 1 78 ? 3.778   -8.349  -0.443  1.00 38.37  ? 189 ASP A N   1 
ATOM   590 C CA  . ASP A 1 78 ? 4.718   -7.250  -0.712  1.00 41.05  ? 189 ASP A CA  1 
ATOM   591 C C   . ASP A 1 78 ? 4.673   -6.820  -2.137  1.00 45.26  ? 189 ASP A C   1 
ATOM   592 O O   . ASP A 1 78 ? 4.251   -7.590  -3.001  1.00 46.41  ? 189 ASP A O   1 
ATOM   593 C CB  . ASP A 1 78 ? 6.149   -7.661  -0.380  1.00 42.23  ? 189 ASP A CB  1 
ATOM   594 C CG  . ASP A 1 78 ? 6.375   -7.794  1.106   1.00 40.08  ? 189 ASP A CG  1 
ATOM   595 O OD1 . ASP A 1 78 ? 5.454   -7.538  1.890   1.00 37.45  ? 189 ASP A OD1 1 
ATOM   596 O OD2 . ASP A 1 78 ? 7.494   -8.151  1.492   1.00 43.03  ? 189 ASP A OD2 1 
ATOM   597 N N   . TRP A 1 79 ? 5.075   -5.588  -2.399  1.00 44.49  ? 190 TRP A N   1 
ATOM   598 C CA  . TRP A 1 79 ? 5.362   -5.177  -3.779  1.00 46.64  ? 190 TRP A CA  1 
ATOM   599 C C   . TRP A 1 79 ? 6.881   -5.166  -3.958  1.00 45.67  ? 190 TRP A C   1 
ATOM   600 O O   . TRP A 1 79 ? 7.591   -4.478  -3.169  1.00 44.56  ? 190 TRP A O   1 
ATOM   601 C CB  . TRP A 1 79 ? 4.801   -3.796  -4.053  1.00 46.12  ? 190 TRP A CB  1 
ATOM   602 C CG  . TRP A 1 79 ? 5.122   -3.304  -5.418  1.00 49.08  ? 190 TRP A CG  1 
ATOM   603 C CD1 . TRP A 1 79 ? 5.867   -2.205  -5.741  1.00 49.48  ? 190 TRP A CD1 1 
ATOM   604 C CD2 . TRP A 1 79 ? 4.701   -3.885  -6.661  1.00 52.05  ? 190 TRP A CD2 1 
ATOM   605 N NE1 . TRP A 1 79 ? 5.938   -2.071  -7.103  1.00 53.33  ? 190 TRP A NE1 1 
ATOM   606 C CE2 . TRP A 1 79 ? 5.236   -3.090  -7.695  1.00 53.88  ? 190 TRP A CE2 1 
ATOM   607 C CE3 . TRP A 1 79 ? 3.934   -5.001  -6.997  1.00 54.31  ? 190 TRP A CE3 1 
ATOM   608 C CZ2 . TRP A 1 79 ? 5.027   -3.374  -9.046  1.00 56.74  ? 190 TRP A CZ2 1 
ATOM   609 C CZ3 . TRP A 1 79 ? 3.724   -5.289  -8.358  1.00 56.91  ? 190 TRP A CZ3 1 
ATOM   610 C CH2 . TRP A 1 79 ? 4.269   -4.477  -9.355  1.00 58.98  ? 190 TRP A CH2 1 
ATOM   611 N N   . PRO A 1 80 ? 7.392   -5.902  -4.964  1.00 49.05  ? 191 PRO A N   1 
ATOM   612 C CA  . PRO A 1 80 ? 8.842   -5.996  -5.147  1.00 50.67  ? 191 PRO A CA  1 
ATOM   613 C C   . PRO A 1 80 ? 9.494   -4.712  -5.684  1.00 51.59  ? 191 PRO A C   1 
ATOM   614 O O   . PRO A 1 80 ? 10.726  -4.611  -5.707  1.00 50.45  ? 191 PRO A O   1 
ATOM   615 C CB  . PRO A 1 80 ? 8.985   -7.114  -6.190  1.00 54.05  ? 191 PRO A CB  1 
ATOM   616 C CG  . PRO A 1 80 ? 7.755   -7.016  -6.991  1.00 55.22  ? 191 PRO A CG  1 
ATOM   617 C CD  . PRO A 1 80 ? 6.677   -6.645  -6.033  1.00 52.34  ? 191 PRO A CD  1 
ATOM   618 N N   . GLY A 1 81 ? 8.674   -3.792  -6.182  1.00 52.50  ? 192 GLY A N   1 
ATOM   619 C CA  . GLY A 1 81 ? 9.129   -2.506  -6.679  1.00 54.55  ? 192 GLY A CA  1 
ATOM   620 C C   . GLY A 1 81 ? 8.919   -2.494  -8.180  1.00 58.69  ? 192 GLY A C   1 
ATOM   621 O O   . GLY A 1 81 ? 8.978   -3.547  -8.821  1.00 60.82  ? 192 GLY A O   1 
ATOM   622 N N   . GLY A 1 82 ? 8.664   -1.315  -8.738  1.00 60.21  ? 193 GLY A N   1 
ATOM   623 C CA  . GLY A 1 82 ? 8.439   -1.161  -10.173 1.00 65.96  ? 193 GLY A CA  1 
ATOM   624 C C   . GLY A 1 82 ? 7.159   -0.406  -10.465 1.00 68.89  ? 193 GLY A C   1 
ATOM   625 O O   . GLY A 1 82 ? 6.545   0.181   -9.571  1.00 64.72  ? 193 GLY A O   1 
ATOM   626 N N   . LYS A 1 83 ? 6.768   -0.402  -11.736 1.00 75.48  ? 194 LYS A N   1 
ATOM   627 C CA  . LYS A 1 83 ? 5.512   0.193   -12.140 1.00 76.69  ? 194 LYS A CA  1 
ATOM   628 C C   . LYS A 1 83 ? 4.526   -0.920  -11.975 1.00 75.67  ? 194 LYS A C   1 
ATOM   629 O O   . LYS A 1 83 ? 4.758   -2.012  -12.499 1.00 75.85  ? 194 LYS A O   1 
ATOM   630 C CB  . LYS A 1 83 ? 5.553   0.651   -13.594 1.00 83.29  ? 194 LYS A CB  1 
ATOM   631 C CG  . LYS A 1 83 ? 4.265   1.326   -14.060 1.00 85.82  ? 194 LYS A CG  1 
ATOM   632 C CD  . LYS A 1 83 ? 4.432   2.071   -15.378 1.00 92.38  ? 194 LYS A CD  1 
ATOM   633 C CE  . LYS A 1 83 ? 4.890   1.182   -16.536 1.00 97.87  ? 194 LYS A CE  1 
ATOM   634 N NZ  . LYS A 1 83 ? 4.101   -0.078  -16.667 1.00 99.01  ? 194 LYS A NZ  1 
ATOM   635 N N   . PRO A 1 84 ? 3.451   -0.658  -11.276 1.00 75.90  ? 195 PRO A N   1 
ATOM   636 C CA  . PRO A 1 84 ? 2.323   -1.559  -11.302 1.00 78.61  ? 195 PRO A CA  1 
ATOM   637 C C   . PRO A 1 84 ? 1.822   -1.451  -12.721 1.00 84.64  ? 195 PRO A C   1 
ATOM   638 O O   . PRO A 1 84 ? 1.105   -0.541  -13.061 1.00 82.84  ? 195 PRO A O   1 
ATOM   639 C CB  . PRO A 1 84 ? 1.346   -0.908  -10.339 1.00 76.73  ? 195 PRO A CB  1 
ATOM   640 C CG  . PRO A 1 84 ? 2.207   -0.137  -9.420  1.00 72.75  ? 195 PRO A CG  1 
ATOM   641 C CD  . PRO A 1 84 ? 3.249   0.426   -10.316 1.00 74.57  ? 195 PRO A CD  1 
ATOM   642 N N   . GLY A 1 85 ? 2.246   -2.377  -13.546 1.00 91.16  ? 196 GLY A N   1 
ATOM   643 C CA  . GLY A 1 85 ? 2.083   -2.248  -14.970 1.00 101.36 ? 196 GLY A CA  1 
ATOM   644 C C   . GLY A 1 85 ? 2.658   -3.488  -15.564 1.00 108.04 ? 196 GLY A C   1 
ATOM   645 O O   . GLY A 1 85 ? 1.965   -4.487  -15.609 1.00 113.95 ? 196 GLY A O   1 
ATOM   646 N N   . ASP A 1 86 ? 3.915   -3.451  -15.983 1.00 112.12 ? 197 ASP A N   1 
ATOM   647 C CA  . ASP A 1 86 ? 4.534   -4.686  -16.416 1.00 119.33 ? 197 ASP A CA  1 
ATOM   648 C C   . ASP A 1 86 ? 4.740   -5.545  -15.206 1.00 119.69 ? 197 ASP A C   1 
ATOM   649 O O   . ASP A 1 86 ? 4.004   -5.433  -14.253 1.00 119.05 ? 197 ASP A O   1 
ATOM   650 C CB  . ASP A 1 86 ? 5.831   -4.493  -17.179 1.00 119.95 ? 197 ASP A CB  1 
ATOM   651 C CG  . ASP A 1 86 ? 6.290   -5.768  -17.828 1.00 124.90 ? 197 ASP A CG  1 
ATOM   652 O OD1 . ASP A 1 86 ? 5.434   -6.492  -18.373 1.00 127.88 ? 197 ASP A OD1 1 
ATOM   653 O OD2 . ASP A 1 86 ? 7.481   -6.091  -17.729 1.00 124.25 ? 197 ASP A OD2 1 
ATOM   654 N N   . ASP A 1 87 ? 5.733   -6.418  -15.246 1.00 127.09 ? 198 ASP A N   1 
ATOM   655 C CA  . ASP A 1 87 ? 5.939   -7.394  -14.200 1.00 125.54 ? 198 ASP A CA  1 
ATOM   656 C C   . ASP A 1 87 ? 6.942   -8.422  -14.669 1.00 132.10 ? 198 ASP A C   1 
ATOM   657 O O   . ASP A 1 87 ? 6.564   -9.428  -15.257 1.00 139.52 ? 198 ASP A O   1 
ATOM   658 C CB  . ASP A 1 87 ? 4.625   -8.090  -13.918 1.00 125.94 ? 198 ASP A CB  1 
ATOM   659 C CG  . ASP A 1 87 ? 3.989   -8.611  -15.168 1.00 132.32 ? 198 ASP A CG  1 
ATOM   660 O OD1 . ASP A 1 87 ? 3.449   -7.802  -15.944 1.00 137.44 ? 198 ASP A OD1 1 
ATOM   661 O OD2 . ASP A 1 87 ? 4.046   -9.833  -15.382 1.00 131.79 ? 198 ASP A OD2 1 
HETATM 662 O O   . HOH B 2 .  ? 14.381  -1.599  8.553   1.00 37.40  ? 301 HOH A O   1 
HETATM 663 O O   . HOH B 2 .  ? 5.076   -4.564  10.977  1.00 41.80  ? 302 HOH A O   1 
HETATM 664 O O   . HOH B 2 .  ? -1.670  -1.928  10.789  1.00 31.70  ? 303 HOH A O   1 
HETATM 665 O O   . HOH B 2 .  ? 12.814  -0.185  -3.809  1.00 42.14  ? 304 HOH A O   1 
HETATM 666 O O   . HOH B 2 .  ? 10.801  0.998   0.208   1.00 32.79  ? 305 HOH A O   1 
HETATM 667 O O   . HOH B 2 .  ? 2.508   -1.358  12.720  1.00 33.09  ? 306 HOH A O   1 
HETATM 668 O O   . HOH B 2 .  ? 6.161   -3.188  6.912   1.00 29.10  ? 307 HOH A O   1 
HETATM 669 O O   . HOH B 2 .  ? 5.145   7.644   4.452   1.00 47.56  ? 308 HOH A O   1 
HETATM 670 O O   . HOH B 2 .  ? 12.162  2.506   -9.808  1.00 54.07  ? 309 HOH A O   1 
HETATM 671 O O   . HOH B 2 .  ? 4.994   -9.574  3.755   1.00 47.95  ? 310 HOH A O   1 
HETATM 672 O O   . HOH B 2 .  ? -1.456  -3.058  10.697  1.00 34.68  ? 311 HOH A O   1 
HETATM 673 O O   . HOH B 2 .  ? -9.907  -11.817 -3.198  1.00 69.44  ? 312 HOH A O   1 
HETATM 674 O O   . HOH B 2 .  ? 14.545  -3.689  -0.809  1.00 57.13  ? 313 HOH A O   1 
HETATM 675 O O   . HOH B 2 .  ? 8.662   7.528   5.922   1.00 41.24  ? 314 HOH A O   1 
HETATM 676 O O   . HOH B 2 .  ? -3.134  -9.435  -7.351  1.00 51.29  ? 315 HOH A O   1 
# 
loop_
_atom_site_anisotrop.id 
_atom_site_anisotrop.type_symbol 
_atom_site_anisotrop.pdbx_label_atom_id 
_atom_site_anisotrop.pdbx_label_alt_id 
_atom_site_anisotrop.pdbx_label_comp_id 
_atom_site_anisotrop.pdbx_label_asym_id 
_atom_site_anisotrop.pdbx_label_seq_id 
_atom_site_anisotrop.pdbx_PDB_ins_code 
_atom_site_anisotrop.U[1][1] 
_atom_site_anisotrop.U[2][2] 
_atom_site_anisotrop.U[3][3] 
_atom_site_anisotrop.U[1][2] 
_atom_site_anisotrop.U[1][3] 
_atom_site_anisotrop.U[2][3] 
_atom_site_anisotrop.pdbx_auth_seq_id 
_atom_site_anisotrop.pdbx_auth_comp_id 
_atom_site_anisotrop.pdbx_auth_asym_id 
_atom_site_anisotrop.pdbx_auth_atom_id 
1   N N   . LEU A 4  ? 0.6125 0.6574 0.6828 -0.0374 -0.0209 0.1163  115 LEU A N   
2   C CA  . LEU A 4  ? 0.5833 0.6229 0.6831 -0.0218 0.0001  0.1101  115 LEU A CA  
3   C C   . LEU A 4  ? 0.5482 0.5756 0.6110 -0.0305 0.0053  0.0869  115 LEU A C   
4   O O   . LEU A 4  ? 0.4769 0.5284 0.5491 -0.0398 0.0010  0.0954  115 LEU A O   
5   C CB  . LEU A 4  ? 0.6327 0.6420 0.7540 -0.0023 0.0196  0.1027  115 LEU A CB  
6   C CG  . LEU A 4  ? 0.6513 0.6540 0.8055 0.0162  0.0476  0.0923  115 LEU A CG  
7   C CD1 . LEU A 4  ? 0.6786 0.6610 0.8809 0.0362  0.0620  0.0986  115 LEU A CD1 
8   C CD2 . LEU A 4  ? 0.6697 0.6469 0.7782 0.0129  0.0630  0.0576  115 LEU A CD2 
9   N N   . VAL A 5  ? 0.5257 0.5284 0.5483 -0.0357 0.0064  0.0663  116 VAL A N   
10  C CA  . VAL A 5  ? 0.5434 0.5386 0.5385 -0.0457 0.0060  0.0559  116 VAL A CA  
11  C C   . VAL A 5  ? 0.5046 0.4868 0.4679 -0.0593 -0.0105 0.0480  116 VAL A C   
12  O O   . VAL A 5  ? 0.5316 0.4966 0.4748 -0.0565 -0.0131 0.0366  116 VAL A O   
13  C CB  . VAL A 5  ? 0.5504 0.5240 0.5243 -0.0386 0.0219  0.0391  116 VAL A CB  
14  C CG1 . VAL A 5  ? 0.5645 0.5346 0.5161 -0.0496 0.0197  0.0392  116 VAL A CG1 
15  C CG2 . VAL A 5  ? 0.5650 0.5477 0.5662 -0.0256 0.0445  0.0387  116 VAL A CG2 
16  N N   . THR A 6  ? 0.4991 0.4894 0.4618 -0.0744 -0.0194 0.0527  117 THR A N   
17  C CA  . THR A 6  ? 0.5111 0.4830 0.4474 -0.0879 -0.0318 0.0407  117 THR A CA  
18  C C   . THR A 6  ? 0.4999 0.4512 0.4290 -0.0947 -0.0298 0.0387  117 THR A C   
19  O O   . THR A 6  ? 0.5034 0.4706 0.4509 -0.1038 -0.0279 0.0521  117 THR A O   
20  C CB  . THR A 6  ? 0.5500 0.5463 0.4912 -0.1068 -0.0477 0.0474  117 THR A CB  
21  O OG1 . THR A 6  ? 0.6108 0.6347 0.5671 -0.1007 -0.0506 0.0615  117 THR A OG1 
22  C CG2 . THR A 6  ? 0.5945 0.5683 0.5024 -0.1199 -0.0562 0.0259  117 THR A CG2 
23  N N   . GLY A 7  ? 0.4740 0.3929 0.3820 -0.0911 -0.0307 0.0256  118 GLY A N   
24  C CA  . GLY A 7  ? 0.5040 0.3985 0.4079 -0.0954 -0.0303 0.0297  118 GLY A CA  
25  C C   . GLY A 7  ? 0.4861 0.3864 0.3868 -0.0861 -0.0198 0.0407  118 GLY A C   
26  O O   . GLY A 7  ? 0.4889 0.4048 0.3887 -0.0752 -0.0115 0.0382  118 GLY A O   
27  N N   . TRP A 8  ? 0.5095 0.3965 0.4072 -0.0932 -0.0197 0.0533  119 TRP A N   
28  C CA  . TRP A 8  ? 0.5363 0.4266 0.4186 -0.0879 -0.0124 0.0644  119 TRP A CA  
29  C C   . TRP A 8  ? 0.5184 0.4283 0.4071 -0.1010 -0.0022 0.0836  119 TRP A C   
30  O O   . TRP A 8  ? 0.4978 0.3957 0.3960 -0.1158 -0.0073 0.0980  119 TRP A O   
31  C CB  . TRP A 8  ? 0.5754 0.4350 0.4485 -0.0838 -0.0232 0.0694  119 TRP A CB  
32  C CG  . TRP A 8  ? 0.6073 0.4592 0.4795 -0.0694 -0.0284 0.0507  119 TRP A CG  
33  C CD1 . TRP A 8  ? 0.6048 0.4432 0.4868 -0.0676 -0.0322 0.0337  119 TRP A CD1 
34  C CD2 . TRP A 8  ? 0.6089 0.4721 0.4689 -0.0581 -0.0290 0.0461  119 TRP A CD2 
35  N NE1 . TRP A 8  ? 0.5850 0.4280 0.4650 -0.0541 -0.0328 0.0216  119 TRP A NE1 
36  C CE2 . TRP A 8  ? 0.6000 0.4576 0.4697 -0.0487 -0.0326 0.0297  119 TRP A CE2 
37  C CE3 . TRP A 8  ? 0.6403 0.5195 0.4795 -0.0581 -0.0272 0.0532  119 TRP A CE3 
38  C CZ2 . TRP A 8  ? 0.5820 0.4511 0.4492 -0.0394 -0.0354 0.0234  119 TRP A CZ2 
39  C CZ3 . TRP A 8  ? 0.6263 0.5136 0.4583 -0.0507 -0.0326 0.0438  119 TRP A CZ3 
40  C CH2 . TRP A 8  ? 0.6067 0.4897 0.4567 -0.0415 -0.0370 0.0305  119 TRP A CH2 
41  N N   . GLN A 9  ? 0.5313 0.4710 0.4176 -0.0959 0.0148  0.0825  120 GLN A N   
42  C CA  . GLN A 9  ? 0.5632 0.5310 0.4569 -0.1064 0.0311  0.0996  120 GLN A CA  
43  C C   . GLN A 9  ? 0.5830 0.5409 0.4494 -0.1163 0.0303  0.1192  120 GLN A C   
44  O O   . GLN A 9  ? 0.5979 0.5322 0.4412 -0.1110 0.0177  0.1189  120 GLN A O   
45  C CB  . GLN A 9  ? 0.5617 0.5602 0.4603 -0.0945 0.0548  0.0883  120 GLN A CB  
46  C CG  . GLN A 9  ? 0.5696 0.5808 0.5062 -0.0847 0.0540  0.0794  120 GLN A CG  
47  C CD  . GLN A 9  ? 0.5959 0.6348 0.5524 -0.0705 0.0808  0.0720  120 GLN A CD  
48  O OE1 . GLN A 9  ? 0.6616 0.6924 0.5903 -0.0620 0.0961  0.0552  120 GLN A OE1 
49  N NE2 . GLN A 9  ? 0.5823 0.6544 0.5895 -0.0685 0.0867  0.0838  120 GLN A NE2 
50  N N   . THR A 10 ? 0.6170 0.5961 0.4913 -0.1320 0.0417  0.1414  121 THR A N   
51  C CA  . THR A 10 ? 0.6802 0.6534 0.5278 -0.1444 0.0405  0.1681  121 THR A CA  
52  C C   . THR A 10 ? 0.7101 0.7040 0.5124 -0.1372 0.0547  0.1601  121 THR A C   
53  O O   . THR A 10 ? 0.7108 0.7267 0.5115 -0.1270 0.0736  0.1366  121 THR A O   
54  C CB  . THR A 10 ? 0.7318 0.7280 0.5991 -0.1666 0.0522  0.1964  121 THR A CB  
55  O OG1 . THR A 10 ? 0.7464 0.7925 0.6210 -0.1634 0.0811  0.1886  121 THR A OG1 
56  C CG2 . THR A 10 ? 0.7172 0.6927 0.6287 -0.1802 0.0360  0.2007  121 THR A CG2 
57  N N   . ALA A 11 ? 0.7665 0.7519 0.5328 -0.1430 0.0440  0.1793  122 ALA A N   
58  C CA  . ALA A 11 ? 0.8154 0.8212 0.5295 -0.1414 0.0519  0.1694  122 ALA A CA  
59  C C   . ALA A 11 ? 0.8920 0.9125 0.5672 -0.1602 0.0488  0.2080  122 ALA A C   
60  O O   . ALA A 11 ? 0.8867 0.8857 0.5786 -0.1684 0.0303  0.2446  122 ALA A O   
61  C CB  . ALA A 11 ? 0.7915 0.7760 0.4967 -0.1262 0.0322  0.1467  122 ALA A CB  
62  N N   . LYS A 12 ? 0.9763 1.0320 0.5989 -0.1683 0.0678  0.2004  123 LYS A N   
63  C CA  . LYS A 12 ? 1.0683 1.1468 0.6432 -0.1894 0.0648  0.2393  123 LYS A CA  
64  C C   . LYS A 12 ? 1.0707 1.1261 0.6364 -0.1869 0.0256  0.2628  123 LYS A C   
65  O O   . LYS A 12 ? 1.0196 1.0583 0.5919 -0.1711 0.0095  0.2359  123 LYS A O   
66  C CB  . LYS A 12 ? 1.1717 1.2939 0.6792 -0.2005 0.0924  0.2191  123 LYS A CB  
67  C CG  . LYS A 12 ? 1.2674 1.4285 0.7734 -0.2122 0.1339  0.2235  123 LYS A CG  
68  C CD  . LYS A 12 ? 1.2828 1.4474 0.8352 -0.1932 0.1644  0.1807  123 LYS A CD  
69  C CE  . LYS A 12 ? 1.3288 1.5368 0.9040 -0.2031 0.2027  0.1951  123 LYS A CE  
70  N NZ  . LYS A 12 ? 1.3041 1.5250 0.9307 -0.1819 0.2346  0.1573  123 LYS A NZ  
71  N N   . PRO A 13 ? 1.1066 1.1633 0.6643 -0.2019 0.0100  0.3167  124 PRO A N   
72  C CA  . PRO A 13 ? 1.1312 1.1766 0.6814 -0.1991 -0.0269 0.3480  124 PRO A CA  
73  C C   . PRO A 13 ? 1.1373 1.2080 0.6383 -0.1971 -0.0379 0.3208  124 PRO A C   
74  O O   . PRO A 13 ? 1.1709 1.2797 0.6097 -0.2125 -0.0190 0.3014  124 PRO A O   
75  C CB  . PRO A 13 ? 1.2097 1.2747 0.7340 -0.2233 -0.0304 0.4097  124 PRO A CB  
76  C CG  . PRO A 13 ? 1.1990 1.2557 0.7588 -0.2324 -0.0046 0.4162  124 PRO A CG  
77  C CD  . PRO A 13 ? 1.1451 1.2123 0.7128 -0.2217 0.0250  0.3562  124 PRO A CD  
78  N N   . GLY A 14 ? 1.0952 1.1450 0.6267 -0.1792 -0.0660 0.3150  125 GLY A N   
79  C CA  . GLY A 14 ? 1.0879 1.1605 0.5848 -0.1791 -0.0800 0.2877  125 GLY A CA  
80  C C   . GLY A 14 ? 1.0266 1.0937 0.5200 -0.1712 -0.0572 0.2232  125 GLY A C   
81  O O   . GLY A 14 ? 1.0253 1.1099 0.4844 -0.1770 -0.0645 0.1959  125 GLY A O   
82  N N   . GLU A 15 ? 0.9419 0.9866 0.4722 -0.1603 -0.0312 0.2009  126 GLU A N   
83  C CA  . GLU A 15 ? 0.9199 0.9579 0.4554 -0.1509 -0.0100 0.1475  126 GLU A CA  
84  C C   . GLU A 15 ? 0.8455 0.8484 0.4478 -0.1292 -0.0160 0.1363  126 GLU A C   
85  O O   . GLU A 15 ? 0.8190 0.8013 0.4596 -0.1233 -0.0275 0.1631  126 GLU A O   
86  C CB  . GLU A 15 ? 0.9502 1.0053 0.4659 -0.1584 0.0295  0.1301  126 GLU A CB  
87  C CG  . GLU A 15 ? 1.0452 1.1391 0.4898 -0.1828 0.0391  0.1456  126 GLU A CG  
88  C CD  . GLU A 15 ? 1.0928 1.2085 0.5001 -0.1888 0.0817  0.1050  126 GLU A CD  
89  O OE1 . GLU A 15 ? 1.0912 1.1922 0.5376 -0.1719 0.1058  0.0706  126 GLU A OE1 
90  O OE2 . GLU A 15 ? 1.2133 1.3627 0.5518 -0.2105 0.0926  0.1088  126 GLU A OE2 
91  N N   . LEU A 16 ? 0.8221 0.8167 0.4347 -0.1193 -0.0085 0.0966  127 LEU A N   
92  C CA  . LEU A 16 ? 0.7764 0.7449 0.4425 -0.1019 -0.0108 0.0835  127 LEU A CA  
93  C C   . LEU A 16 ? 0.7408 0.7094 0.4229 -0.0979 0.0176  0.0625  127 LEU A C   
94  O O   . LEU A 16 ? 0.7493 0.7320 0.4046 -0.1024 0.0390  0.0416  127 LEU A O   
95  C CB  . LEU A 16 ? 0.7793 0.7428 0.4516 -0.0950 -0.0246 0.0612  127 LEU A CB  
96  C CG  . LEU A 16 ? 0.7994 0.7690 0.4746 -0.0945 -0.0549 0.0840  127 LEU A CG  
97  C CD1 . LEU A 16 ? 0.8124 0.7897 0.4872 -0.0945 -0.0656 0.0603  127 LEU A CD1 
98  C CD2 . LEU A 16 ? 0.7693 0.7160 0.4934 -0.0797 -0.0644 0.1037  127 LEU A CD2 
99  N N   . PRO A 17 ? 0.6881 0.6420 0.4155 -0.0895 0.0178  0.0668  128 PRO A N   
100 C CA  . PRO A 17 ? 0.6579 0.6182 0.4109 -0.0838 0.0398  0.0509  128 PRO A CA  
101 C C   . PRO A 17 ? 0.6332 0.5837 0.3972 -0.0722 0.0416  0.0222  128 PRO A C   
102 O O   . PRO A 17 ? 0.6105 0.5514 0.3615 -0.0713 0.0266  0.0137  128 PRO A O   
103 C CB  . PRO A 17 ? 0.6641 0.6147 0.4569 -0.0841 0.0313  0.0677  128 PRO A CB  
104 C CG  . PRO A 17 ? 0.6536 0.5798 0.4472 -0.0816 0.0066  0.0753  128 PRO A CG  
105 C CD  . PRO A 17 ? 0.6580 0.5903 0.4149 -0.0858 -0.0019 0.0853  128 PRO A CD  
106 N N   . TYR A 18 ? 0.6303 0.5855 0.4243 -0.0639 0.0593  0.0114  129 TYR A N   
107 C CA  . TYR A 18 ? 0.6214 0.5637 0.4351 -0.0532 0.0603  -0.0082 129 TYR A CA  
108 C C   . TYR A 18 ? 0.5890 0.5171 0.4139 -0.0515 0.0353  -0.0028 129 TYR A C   
109 O O   . TYR A 18 ? 0.5494 0.4769 0.3875 -0.0537 0.0239  0.0131  129 TYR A O   
110 C CB  . TYR A 18 ? 0.6095 0.5623 0.4679 -0.0427 0.0775  -0.0074 129 TYR A CB  
111 C CG  . TYR A 18 ? 0.5971 0.5339 0.4734 -0.0319 0.0835  -0.0255 129 TYR A CG  
112 C CD1 . TYR A 18 ? 0.5707 0.4957 0.4644 -0.0293 0.0650  -0.0212 129 TYR A CD1 
113 C CD2 . TYR A 18 ? 0.6269 0.5575 0.5002 -0.0258 0.1088  -0.0480 129 TYR A CD2 
114 C CE1 . TYR A 18 ? 0.5712 0.4796 0.4832 -0.0221 0.0695  -0.0325 129 TYR A CE1 
115 C CE2 . TYR A 18 ? 0.6594 0.5666 0.5537 -0.0170 0.1141  -0.0640 129 TYR A CE2 
116 C CZ  . TYR A 18 ? 0.6066 0.5028 0.5215 -0.0159 0.0933  -0.0532 129 TYR A CZ  
117 O OH  . TYR A 18 ? 0.6365 0.5078 0.5746 -0.0094 0.0986  -0.0643 129 TYR A OH  
118 N N   . ILE A 19 ? 0.5700 0.4871 0.3895 -0.0495 0.0289  -0.0180 130 ILE A N   
119 C CA  . ILE A 19 ? 0.5705 0.4806 0.4047 -0.0469 0.0114  -0.0150 130 ILE A CA  
120 C C   . ILE A 19 ? 0.5702 0.4739 0.4268 -0.0418 0.0168  -0.0248 130 ILE A C   
121 O O   . ILE A 19 ? 0.5747 0.4693 0.4238 -0.0442 0.0209  -0.0406 130 ILE A O   
122 C CB  . ILE A 19 ? 0.5702 0.4805 0.3853 -0.0512 -0.0051 -0.0155 130 ILE A CB  
123 C CG1 . ILE A 19 ? 0.6017 0.5176 0.3961 -0.0561 -0.0118 0.0012  130 ILE A CG1 
124 C CG2 . ILE A 19 ? 0.5618 0.4702 0.3994 -0.0458 -0.0169 -0.0123 130 ILE A CG2 
125 C CD1 . ILE A 19 ? 0.6140 0.5380 0.3943 -0.0596 -0.0312 0.0088  130 ILE A CD1 
126 N N   . ALA A 20 ? 0.5280 0.4362 0.4113 -0.0376 0.0156  -0.0140 131 ALA A N   
127 C CA  . ALA A 20 ? 0.4767 0.3816 0.3830 -0.0341 0.0164  -0.0137 131 ALA A CA  
128 C C   . ALA A 20 ? 0.4746 0.3795 0.3751 -0.0381 0.0032  -0.0150 131 ALA A C   
129 O O   . ALA A 20 ? 0.4494 0.3619 0.3476 -0.0392 -0.0051 -0.0090 131 ALA A O   
130 C CB  . ALA A 20 ? 0.4836 0.4030 0.4166 -0.0311 0.0166  0.0036  131 ALA A CB  
131 N N   . PHE A 21 ? 0.4650 0.3620 0.3653 -0.0414 0.0031  -0.0250 132 PHE A N   
132 C CA  . PHE A 21 ? 0.4517 0.3559 0.3543 -0.0460 -0.0066 -0.0254 132 PHE A CA  
133 C C   . PHE A 21 ? 0.4597 0.3636 0.3851 -0.0475 -0.0031 -0.0163 132 PHE A C   
134 O O   . PHE A 21 ? 0.4794 0.3687 0.4173 -0.0513 0.0018  -0.0203 132 PHE A O   
135 C CB  . PHE A 21 ? 0.4938 0.3949 0.3839 -0.0543 -0.0114 -0.0392 132 PHE A CB  
136 C CG  . PHE A 21 ? 0.4667 0.3850 0.3655 -0.0593 -0.0227 -0.0375 132 PHE A CG  
137 C CD1 . PHE A 21 ? 0.4430 0.3761 0.3600 -0.0559 -0.0226 -0.0279 132 PHE A CD1 
138 C CD2 . PHE A 21 ? 0.4978 0.4232 0.3865 -0.0695 -0.0333 -0.0460 132 PHE A CD2 
139 C CE1 . PHE A 21 ? 0.4432 0.3986 0.3746 -0.0591 -0.0291 -0.0267 132 PHE A CE1 
140 C CE2 . PHE A 21 ? 0.4734 0.4234 0.3794 -0.0743 -0.0448 -0.0415 132 PHE A CE2 
141 C CZ  . PHE A 21 ? 0.4624 0.4276 0.3932 -0.0675 -0.0409 -0.0319 132 PHE A CZ  
142 N N   . SER A 22 ? 0.4110 0.3297 0.3404 -0.0465 -0.0055 -0.0034 133 SER A N   
143 C CA  . SER A 22 ? 0.4107 0.3346 0.3581 -0.0490 -0.0037 0.0130  133 SER A CA  
144 C C   . SER A 22 ? 0.3873 0.3261 0.3375 -0.0574 -0.0053 0.0190  133 SER A C   
145 O O   . SER A 22 ? 0.4291 0.3702 0.3949 -0.0624 -0.0041 0.0361  133 SER A O   
146 C CB  . SER A 22 ? 0.4033 0.3417 0.3491 -0.0473 -0.0069 0.0262  133 SER A CB  
147 O OG  . SER A 22 ? 0.4168 0.3673 0.3403 -0.0511 -0.0117 0.0189  133 SER A OG  
148 N N   . ALA A 23 ? 0.3775 0.3299 0.3168 -0.0583 -0.0070 0.0085  134 ALA A N   
149 C CA  . ALA A 23 ? 0.3983 0.3734 0.3436 -0.0653 -0.0040 0.0131  134 ALA A CA  
150 C C   . ALA A 23 ? 0.4193 0.4045 0.3692 -0.0624 -0.0056 -0.0010 134 ALA A C   
151 O O   . ALA A 23 ? 0.4188 0.3950 0.3609 -0.0542 -0.0105 -0.0110 134 ALA A O   
152 C CB  . ALA A 23 ? 0.4001 0.3965 0.3291 -0.0676 -0.0005 0.0193  134 ALA A CB  
153 N N   . HIS A 24 ? 0.4516 0.4602 0.4186 -0.0697 -0.0019 0.0031  135 HIS A N   
154 C CA  . HIS A 24 ? 0.4712 0.5012 0.4568 -0.0683 -0.0047 -0.0040 135 HIS A CA  
155 C C   . HIS A 24 ? 0.4662 0.5341 0.4703 -0.0746 0.0071  0.0038  135 HIS A C   
156 O O   . HIS A 24 ? 0.4645 0.5367 0.4761 -0.0896 0.0106  0.0180  135 HIS A O   
157 C CB  . HIS A 24 ? 0.4948 0.5117 0.4897 -0.0794 -0.0162 -0.0069 135 HIS A CB  
158 C CG  . HIS A 24 ? 0.5414 0.5868 0.5585 -0.0834 -0.0255 -0.0094 135 HIS A CG  
159 N ND1 . HIS A 24 ? 0.6448 0.6820 0.6576 -0.0927 -0.0406 -0.0171 135 HIS A ND1 
160 C CD2 . HIS A 24 ? 0.5754 0.6628 0.6218 -0.0805 -0.0223 -0.0046 135 HIS A CD2 
161 C CE1 . HIS A 24 ? 0.6125 0.6874 0.6514 -0.0969 -0.0510 -0.0134 135 HIS A CE1 
162 N NE2 . HIS A 24 ? 0.5776 0.6841 0.6426 -0.0875 -0.0390 -0.0050 135 HIS A NE2 
163 N N   . VAL A 25 ? 0.4694 0.5643 0.4849 -0.0628 0.0151  -0.0041 136 VAL A N   
164 C CA  . VAL A 25 ? 0.4828 0.6219 0.5206 -0.0668 0.0311  0.0004  136 VAL A CA  
165 C C   . VAL A 25 ? 0.4719 0.6439 0.5531 -0.0593 0.0284  -0.0014 136 VAL A C   
166 O O   . VAL A 25 ? 0.4517 0.6193 0.5410 -0.0400 0.0245  -0.0104 136 VAL A O   
167 C CB  . VAL A 25 ? 0.5180 0.6673 0.5332 -0.0580 0.0508  -0.0103 136 VAL A CB  
168 C CG1 . VAL A 25 ? 0.5246 0.7253 0.5603 -0.0624 0.0732  -0.0073 136 VAL A CG1 
169 C CG2 . VAL A 25 ? 0.5433 0.6693 0.5172 -0.0682 0.0482  -0.0039 136 VAL A CG2 
170 N N   . TYR A 26 ? 0.4915 0.6979 0.6054 -0.0757 0.0287  0.0111  137 TYR A N   
171 C CA  . TYR A 26 ? 0.5059 0.7569 0.6711 -0.0734 0.0230  0.0151  137 TYR A CA  
172 C C   . TYR A 26 ? 0.5219 0.8296 0.7209 -0.0749 0.0481  0.0215  137 TYR A C   
173 O O   . TYR A 26 ? 0.5096 0.8271 0.7004 -0.0947 0.0596  0.0327  137 TYR A O   
174 C CB  . TYR A 26 ? 0.5396 0.7900 0.7207 -0.0981 -0.0008 0.0234  137 TYR A CB  
175 C CG  . TYR A 26 ? 0.5388 0.8414 0.7731 -0.0982 -0.0145 0.0302  137 TYR A CG  
176 C CD1 . TYR A 26 ? 0.5349 0.8370 0.7739 -0.0808 -0.0326 0.0279  137 TYR A CD1 
177 C CD2 . TYR A 26 ? 0.5557 0.9127 0.8393 -0.1171 -0.0111 0.0437  137 TYR A CD2 
178 C CE1 . TYR A 26 ? 0.5465 0.9026 0.8382 -0.0807 -0.0493 0.0403  137 TYR A CE1 
179 C CE2 . TYR A 26 ? 0.5686 0.9827 0.9086 -0.1182 -0.0269 0.0534  137 TYR A CE2 
180 C CZ  . TYR A 26 ? 0.5680 0.9825 0.9120 -0.0991 -0.0472 0.0525  137 TYR A CZ  
181 O OH  . TYR A 26 ? 0.5868 1.0632 0.9897 -0.0994 -0.0673 0.0682  137 TYR A OH  
182 N N   . THR A 27 ? 0.5474 0.8942 0.7885 -0.0532 0.0571  0.0171  138 THR A N   
183 C CA  . THR A 27 ? 0.5403 0.9503 0.8245 -0.0486 0.0855  0.0203  138 THR A CA  
184 C C   . THR A 27 ? 0.5271 0.9839 0.8816 -0.0366 0.0735  0.0291  138 THR A C   
185 O O   . THR A 27 ? 0.5236 0.9574 0.8814 -0.0235 0.0492  0.0287  138 THR A O   
186 C CB  . THR A 27 ? 0.5543 0.9576 0.8164 -0.0238 0.1169  -0.0022 138 THR A CB  
187 O OG1 . THR A 27 ? 0.5336 0.8978 0.7933 0.0026  0.1056  -0.0157 138 THR A OG1 
188 C CG2 . THR A 27 ? 0.5758 0.9449 0.7672 -0.0402 0.1258  -0.0070 138 THR A CG2 
189 N N   . SER A 28 ? 0.5445 1.0722 0.9578 -0.0419 0.0895  0.0411  139 SER A N   
190 C CA  . SER A 28 ? 0.5453 1.1304 1.0383 -0.0262 0.0795  0.0530  139 SER A CA  
191 C C   . SER A 28 ? 0.5544 1.1240 1.0608 0.0184  0.0925  0.0380  139 SER A C   
192 O O   . SER A 28 ? 0.5486 1.1161 1.0846 0.0338  0.0661  0.0479  139 SER A O   
193 C CB  . SER A 28 ? 0.5520 1.2245 1.1142 -0.0364 0.1012  0.0684  139 SER A CB  
194 O OG  . SER A 28 ? 0.5724 1.2570 1.1145 -0.0308 0.1467  0.0557  139 SER A OG  
195 N N   . ALA A 29 ? 0.5636 1.1186 1.0446 0.0360  0.1318  0.0144  140 ALA A N   
196 C CA  . ALA A 29 ? 0.5891 1.1107 1.0737 0.0753  0.1472  -0.0070 140 ALA A CA  
197 C C   . ALA A 29 ? 0.5873 1.0336 1.0241 0.0775  0.1139  -0.0083 140 ALA A C   
198 O O   . ALA A 29 ? 0.6098 1.0041 0.9723 0.0598  0.1097  -0.0193 140 ALA A O   
199 C CB  . ALA A 29 ? 0.6238 1.1307 1.0647 0.0814  0.1914  -0.0386 140 ALA A CB  
200 N N   . PRO A 30 ? 0.5909 1.0364 1.0725 0.0985  0.0900  0.0067  141 PRO A N   
201 C CA  . PRO A 30 ? 0.5834 0.9651 1.0199 0.0971  0.0581  0.0109  141 PRO A CA  
202 C C   . PRO A 30 ? 0.6067 0.9151 0.9856 0.1078  0.0737  -0.0159 141 PRO A C   
203 O O   . PRO A 30 ? 0.5717 0.8312 0.8860 0.0892  0.0567  -0.0186 141 PRO A O   
204 C CB  . PRO A 30 ? 0.5942 1.0025 1.1025 0.1222  0.0367  0.0365  141 PRO A CB  
205 C CG  . PRO A 30 ? 0.5750 1.0704 1.1628 0.1236  0.0430  0.0528  141 PRO A CG  
206 C CD  . PRO A 30 ? 0.5876 1.0975 1.1678 0.1237  0.0896  0.0265  141 PRO A CD  
207 N N   . ASP A 31 ? 0.6433 0.9454 1.0484 0.1366  0.1066  -0.0369 142 ASP A N   
208 C CA  . ASP A 31 ? 0.6870 0.9202 1.0392 0.1432  0.1230  -0.0675 142 ASP A CA  
209 C C   . ASP A 31 ? 0.6908 0.9050 0.9613 0.1133  0.1340  -0.0876 142 ASP A C   
210 O O   . ASP A 31 ? 0.6981 0.8567 0.9167 0.1095  0.1364  -0.1077 142 ASP A O   
211 C CB  . ASP A 31 ? 0.7329 0.9619 1.1332 0.1794  0.1603  -0.0923 142 ASP A CB  
212 C CG  . ASP A 31 ? 0.7404 1.0371 1.1775 0.1853  0.1992  -0.1051 142 ASP A CG  
213 O OD1 . ASP A 31 ? 0.7065 1.0571 1.1384 0.1604  0.1952  -0.0893 142 ASP A OD1 
214 O OD2 . ASP A 31 ? 0.7886 1.0827 1.2628 0.2154  0.2364  -0.1317 142 ASP A OD2 
215 N N   . LYS A 32 ? 0.6987 0.9613 0.9629 0.0913  0.1397  -0.0791 143 LYS A N   
216 C CA  . LYS A 32 ? 0.7206 0.9718 0.9141 0.0609  0.1427  -0.0851 143 LYS A CA  
217 C C   . LYS A 32 ? 0.6577 0.8908 0.8206 0.0347  0.1077  -0.0615 143 LYS A C   
218 O O   . LYS A 32 ? 0.6460 0.8771 0.7665 0.0110  0.1082  -0.0576 143 LYS A O   
219 C CB  . LYS A 32 ? 0.7526 1.0614 0.9508 0.0508  0.1751  -0.0894 143 LYS A CB  
220 C CG  . LYS A 32 ? 0.8673 1.1701 1.0358 0.0606  0.2146  -0.1266 143 LYS A CG  
221 C CD  . LYS A 32 ? 0.9203 1.1602 1.0119 0.0484  0.2054  -0.1456 143 LYS A CD  
222 C CE  . LYS A 32 ? 0.9904 1.2320 1.0307 0.0424  0.2407  -0.1821 143 LYS A CE  
223 N NZ  . LYS A 32 ? 1.0562 1.2977 1.1374 0.0747  0.2767  -0.2170 143 LYS A NZ  
224 N N   . ARG A 33 ? 0.6124 0.8315 0.7954 0.0393  0.0787  -0.0459 144 ARG A N   
225 C CA  . ARG A 33 ? 0.5741 0.7659 0.7214 0.0174  0.0510  -0.0329 144 ARG A CA  
226 C C   . ARG A 33 ? 0.5498 0.6842 0.6484 0.0191  0.0450  -0.0435 144 ARG A C   
227 O O   . ARG A 33 ? 0.5578 0.6682 0.6585 0.0374  0.0525  -0.0562 144 ARG A O   
228 C CB  . ARG A 33 ? 0.5661 0.7730 0.7463 0.0159  0.0229  -0.0139 144 ARG A CB  
229 C CG  . ARG A 33 ? 0.5758 0.8442 0.8063 0.0061  0.0227  -0.0003 144 ARG A CG  
230 C CD  . ARG A 33 ? 0.5789 0.8766 0.8559 0.0123  -0.0028 0.0172  144 ARG A CD  
231 N NE  . ARG A 33 ? 0.5934 0.9598 0.9299 0.0037  -0.0019 0.0307  144 ARG A NE  
232 C CZ  . ARG A 33 ? 0.5795 0.9939 0.9729 0.0082  -0.0227 0.0502  144 ARG A CZ  
233 N NH1 . ARG A 33 ? 0.5743 0.9750 0.9706 0.0217  -0.0473 0.0613  144 ARG A NH1 
234 N NH2 . ARG A 33 ? 0.5713 1.0533 1.0223 -0.0029 -0.0203 0.0627  144 ARG A NH2 
235 N N   . SER A 34 ? 0.5136 0.6248 0.5742 -0.0001 0.0315  -0.0373 145 SER A N   
236 C CA  . SER A 34 ? 0.5016 0.5665 0.5232 -0.0003 0.0246  -0.0434 145 SER A CA  
237 C C   . SER A 34 ? 0.4452 0.4939 0.4465 -0.0158 0.0077  -0.0322 145 SER A C   
238 O O   . SER A 34 ? 0.4182 0.4832 0.4261 -0.0297 0.0051  -0.0236 145 SER A O   
239 C CB  . SER A 34 ? 0.5183 0.5749 0.5061 -0.0061 0.0411  -0.0573 145 SER A CB  
240 O OG  . SER A 34 ? 0.5044 0.5793 0.4772 -0.0251 0.0429  -0.0464 145 SER A OG  
241 N N   . VAL A 35 ? 0.4433 0.4585 0.4229 -0.0137 -0.0017 -0.0328 146 VAL A N   
242 C CA  . VAL A 35 ? 0.4403 0.4361 0.3971 -0.0258 -0.0108 -0.0270 146 VAL A CA  
243 C C   . VAL A 35 ? 0.4479 0.4191 0.3794 -0.0264 -0.0086 -0.0303 146 VAL A C   
244 O O   . VAL A 35 ? 0.4736 0.4319 0.4027 -0.0183 -0.0063 -0.0376 146 VAL A O   
245 C CB  . VAL A 35 ? 0.4462 0.4365 0.4043 -0.0265 -0.0258 -0.0216 146 VAL A CB  
246 C CG1 . VAL A 35 ? 0.4699 0.4882 0.4508 -0.0345 -0.0321 -0.0181 146 VAL A CG1 
247 C CG2 . VAL A 35 ? 0.4522 0.4344 0.4156 -0.0131 -0.0322 -0.0183 146 VAL A CG2 
248 N N   . THR A 36 ? 0.4260 0.3911 0.3447 -0.0362 -0.0094 -0.0242 147 THR A N   
249 C CA  . THR A 36 ? 0.4298 0.3801 0.3321 -0.0389 -0.0106 -0.0230 147 THR A CA  
250 C C   . THR A 36 ? 0.4276 0.3625 0.3277 -0.0385 -0.0159 -0.0179 147 THR A C   
251 O O   . THR A 36 ? 0.4130 0.3464 0.3179 -0.0414 -0.0151 -0.0141 147 THR A O   
252 C CB  . THR A 36 ? 0.4577 0.4206 0.3524 -0.0487 -0.0079 -0.0152 147 THR A CB  
253 O OG1 . THR A 36 ? 0.4205 0.4024 0.3091 -0.0515 0.0002  -0.0217 147 THR A OG1 
254 C CG2 . THR A 36 ? 0.4765 0.4328 0.3586 -0.0538 -0.0127 -0.0131 147 THR A CG2 
255 N N   . LEU A 37 ? 0.4378 0.3592 0.3310 -0.0355 -0.0190 -0.0190 148 LEU A N   
256 C CA  . LEU A 37 ? 0.4499 0.3617 0.3367 -0.0361 -0.0210 -0.0136 148 LEU A CA  
257 C C   . LEU A 37 ? 0.4520 0.3579 0.3354 -0.0410 -0.0203 -0.0089 148 LEU A C   
258 O O   . LEU A 37 ? 0.4580 0.3541 0.3395 -0.0428 -0.0228 -0.0122 148 LEU A O   
259 C CB  . LEU A 37 ? 0.4608 0.3676 0.3456 -0.0311 -0.0279 -0.0112 148 LEU A CB  
260 C CG  . LEU A 37 ? 0.4823 0.4035 0.3772 -0.0279 -0.0328 -0.0134 148 LEU A CG  
261 C CD1 . LEU A 37 ? 0.5276 0.4498 0.4264 -0.0221 -0.0435 -0.0036 148 LEU A CD1 
262 C CD2 . LEU A 37 ? 0.4739 0.4011 0.3627 -0.0363 -0.0318 -0.0177 148 LEU A CD2 
263 N N   . ASN A 38 ? 0.4212 0.3331 0.3087 -0.0438 -0.0158 -0.0023 149 ASN A N   
264 C CA  . ASN A 38 ? 0.4178 0.3344 0.3106 -0.0504 -0.0162 0.0058  149 ASN A CA  
265 C C   . ASN A 38 ? 0.4276 0.3491 0.3189 -0.0594 -0.0232 0.0040  149 ASN A C   
266 O O   . ASN A 38 ? 0.4247 0.3406 0.3139 -0.0691 -0.0279 0.0042  149 ASN A O   
267 C CB  . ASN A 38 ? 0.4369 0.3433 0.3228 -0.0531 -0.0159 0.0106  149 ASN A CB  
268 C CG  . ASN A 38 ? 0.4508 0.3621 0.3312 -0.0497 -0.0064 0.0132  149 ASN A CG  
269 O OD1 . ASN A 38 ? 0.4608 0.3801 0.3493 -0.0454 0.0025  0.0097  149 ASN A OD1 
270 N ND2 . ASN A 38 ? 0.4712 0.3765 0.3370 -0.0525 -0.0073 0.0192  149 ASN A ND2 
271 N N   . GLY A 39 ? 0.4129 0.3462 0.3035 -0.0593 -0.0237 0.0026  150 GLY A N   
272 C CA  . GLY A 39 ? 0.4599 0.4057 0.3396 -0.0712 -0.0296 0.0004  150 GLY A CA  
273 C C   . GLY A 39 ? 0.4882 0.4194 0.3490 -0.0734 -0.0278 -0.0205 150 GLY A C   
274 O O   . GLY A 39 ? 0.5609 0.5018 0.4045 -0.0858 -0.0304 -0.0281 150 GLY A O   
275 N N   . GLU A 40 ? 0.5028 0.4125 0.3676 -0.0616 -0.0230 -0.0298 151 GLU A N   
276 C CA  . GLU A 40 ? 0.5628 0.4569 0.4219 -0.0574 -0.0172 -0.0497 151 GLU A CA  
277 C C   . GLU A 40 ? 0.5331 0.4370 0.4043 -0.0427 -0.0099 -0.0517 151 GLU A C   
278 O O   . GLU A 40 ? 0.4901 0.3983 0.3738 -0.0357 -0.0130 -0.0401 151 GLU A O   
279 C CB  . GLU A 40 ? 0.6421 0.5028 0.5083 -0.0549 -0.0196 -0.0529 151 GLU A CB  
280 C CG  . GLU A 40 ? 0.7302 0.5652 0.6001 -0.0468 -0.0110 -0.0752 151 GLU A CG  
281 C CD  . GLU A 40 ? 0.8175 0.6104 0.6980 -0.0477 -0.0145 -0.0757 151 GLU A CD  
282 O OE1 . GLU A 40 ? 0.8402 0.6284 0.7173 -0.0625 -0.0236 -0.0624 151 GLU A OE1 
283 O OE2 . GLU A 40 ? 0.8314 0.5960 0.7298 -0.0335 -0.0073 -0.0869 151 GLU A OE2 
284 N N   . ARG A 41 ? 0.5307 0.4404 0.3982 -0.0402 0.0006  -0.0686 152 ARG A N   
285 C CA  . ARG A 41 ? 0.5859 0.5131 0.4723 -0.0274 0.0094  -0.0706 152 ARG A CA  
286 C C   . ARG A 41 ? 0.5801 0.4881 0.4928 -0.0090 0.0117  -0.0759 152 ARG A C   
287 O O   . ARG A 41 ? 0.5739 0.4538 0.4859 -0.0055 0.0168  -0.0911 152 ARG A O   
288 C CB  . ARG A 41 ? 0.6428 0.5926 0.5144 -0.0332 0.0242  -0.0850 152 ARG A CB  
289 C CG  . ARG A 41 ? 0.7112 0.6920 0.6055 -0.0256 0.0333  -0.0793 152 ARG A CG  
290 C CD  . ARG A 41 ? 0.8111 0.8172 0.6922 -0.0296 0.0536  -0.0953 152 ARG A CD  
291 N NE  . ARG A 41 ? 0.8608 0.8803 0.7026 -0.0514 0.0508  -0.0902 152 ARG A NE  
292 C CZ  . ARG A 41 ? 0.9730 1.0177 0.7866 -0.0622 0.0667  -0.1026 152 ARG A CZ  
293 N NH1 . ARG A 41 ? 0.9669 1.0245 0.7908 -0.0506 0.0914  -0.1252 152 ARG A NH1 
294 N NH2 . ARG A 41 ? 1.0017 1.0634 0.7782 -0.0844 0.0587  -0.0909 152 ARG A NH2 
295 N N   . TYR A 42 ? 0.5625 0.4850 0.5005 0.0012  0.0058  -0.0616 153 TYR A N   
296 C CA  . TYR A 42 ? 0.5596 0.4730 0.5300 0.0197  0.0033  -0.0567 153 TYR A CA  
297 C C   . TYR A 42 ? 0.5732 0.5237 0.5791 0.0318  0.0087  -0.0541 153 TYR A C   
298 O O   . TYR A 42 ? 0.5421 0.5240 0.5447 0.0221  0.0119  -0.0529 153 TYR A O   
299 C CB  . TYR A 42 ? 0.5691 0.4718 0.5374 0.0175  -0.0153 -0.0348 153 TYR A CB  
300 C CG  . TYR A 42 ? 0.5746 0.4477 0.5173 0.0058  -0.0193 -0.0330 153 TYR A CG  
301 C CD1 . TYR A 42 ? 0.6094 0.4463 0.5594 0.0099  -0.0190 -0.0343 153 TYR A CD1 
302 C CD2 . TYR A 42 ? 0.5339 0.4147 0.4521 -0.0093 -0.0226 -0.0287 153 TYR A CD2 
303 C CE1 . TYR A 42 ? 0.5948 0.4092 0.5259 -0.0047 -0.0235 -0.0301 153 TYR A CE1 
304 C CE2 . TYR A 42 ? 0.5475 0.4106 0.4507 -0.0199 -0.0252 -0.0246 153 TYR A CE2 
305 C CZ  . TYR A 42 ? 0.5838 0.4158 0.4924 -0.0196 -0.0264 -0.0250 153 TYR A CZ  
306 O OH  . TYR A 42 ? 0.6026 0.4226 0.5001 -0.0342 -0.0295 -0.0185 153 TYR A OH  
307 N N   . ARG A 43 ? 0.5880 0.5357 0.6341 0.0528  0.0097  -0.0502 154 ARG A N   
308 C CA  . ARG A 43 ? 0.5843 0.5729 0.6789 0.0681  0.0148  -0.0446 154 ARG A CA  
309 C C   . ARG A 43 ? 0.5637 0.5655 0.6912 0.0770  -0.0085 -0.0154 154 ARG A C   
310 O O   . ARG A 43 ? 0.5780 0.5515 0.6912 0.0751  -0.0245 -0.0007 154 ARG A O   
311 C CB  . ARG A 43 ? 0.6508 0.6303 0.7762 0.0902  0.0398  -0.0654 154 ARG A CB  
312 C CG  . ARG A 43 ? 0.6998 0.6670 0.7866 0.0800  0.0637  -0.0981 154 ARG A CG  
313 C CD  . ARG A 43 ? 0.7004 0.7186 0.7815 0.0688  0.0759  -0.1007 154 ARG A CD  
314 N NE  . ARG A 43 ? 0.7798 0.7940 0.8196 0.0576  0.0988  -0.1292 154 ARG A NE  
315 C CZ  . ARG A 43 ? 0.7969 0.8519 0.8187 0.0431  0.1120  -0.1311 154 ARG A CZ  
316 N NH1 . ARG A 43 ? 0.7852 0.8843 0.8332 0.0386  0.1065  -0.1081 154 ARG A NH1 
317 N NH2 . ARG A 43 ? 0.8688 0.9217 0.8444 0.0297  0.1299  -0.1548 154 ARG A NH2 
318 N N   . GLU A 44 ? 0.5774 0.6274 0.7507 0.0855  -0.0108 -0.0043 155 GLU A N   
319 C CA  . GLU A 44 ? 0.5825 0.6552 0.7949 0.0951  -0.0354 0.0270  155 GLU A CA  
320 C C   . GLU A 44 ? 0.6085 0.6453 0.8516 0.1207  -0.0329 0.0349  155 GLU A C   
321 O O   . GLU A 44 ? 0.6125 0.6328 0.8848 0.1416  -0.0071 0.0151  155 GLU A O   
322 C CB  . GLU A 44 ? 0.5756 0.7137 0.8464 0.1018  -0.0370 0.0381  155 GLU A CB  
323 C CG  . GLU A 44 ? 0.5489 0.7209 0.7965 0.0727  -0.0429 0.0346  155 GLU A CG  
324 C CD  . GLU A 44 ? 0.5665 0.8080 0.8758 0.0735  -0.0516 0.0516  155 GLU A CD  
325 O OE1 . GLU A 44 ? 0.5878 0.8581 0.9640 0.1010  -0.0437 0.0616  155 GLU A OE1 
326 O OE2 . GLU A 44 ? 0.5614 0.8284 0.8561 0.0456  -0.0665 0.0551  155 GLU A OE2 
327 N N   . GLY A 45 ? 0.6045 0.6248 0.8364 0.1170  -0.0580 0.0626  156 GLY A N   
328 C CA  . GLY A 45 ? 0.6425 0.6233 0.9046 0.1382  -0.0598 0.0787  156 GLY A CA  
329 C C   . GLY A 45 ? 0.6529 0.5724 0.8648 0.1250  -0.0576 0.0710  156 GLY A C   
330 O O   . GLY A 45 ? 0.6721 0.5625 0.8958 0.1312  -0.0700 0.0973  156 GLY A O   
331 N N   . ASP A 46 ? 0.6341 0.5372 0.7948 0.1060  -0.0428 0.0392  157 ASP A N   
332 C CA  . ASP A 46 ? 0.6430 0.4963 0.7612 0.0908  -0.0407 0.0315  157 ASP A CA  
333 C C   . ASP A 46 ? 0.6424 0.4995 0.7280 0.0732  -0.0632 0.0608  157 ASP A C   
334 O O   . ASP A 46 ? 0.6470 0.5446 0.7178 0.0632  -0.0774 0.0733  157 ASP A O   
335 C CB  . ASP A 46 ? 0.6455 0.4960 0.7195 0.0728  -0.0249 -0.0022 157 ASP A CB  
336 C CG  . ASP A 46 ? 0.6564 0.4977 0.7450 0.0838  0.0005  -0.0357 157 ASP A CG  
337 O OD1 . ASP A 46 ? 0.6925 0.5148 0.8251 0.1067  0.0103  -0.0391 157 ASP A OD1 
338 O OD2 . ASP A 46 ? 0.6499 0.5038 0.7053 0.0691  0.0115  -0.0577 157 ASP A OD2 
339 N N   . SER A 47 ? 0.6643 0.4787 0.7363 0.0665  -0.0646 0.0691  158 SER A N   
340 C CA  . SER A 47 ? 0.6775 0.4940 0.7131 0.0473  -0.0789 0.0932  158 SER A CA  
341 C C   . SER A 47 ? 0.6882 0.4836 0.6844 0.0270  -0.0666 0.0710  158 SER A C   
342 O O   . SER A 47 ? 0.7172 0.4708 0.7186 0.0235  -0.0604 0.0661  158 SER A O   
343 C CB  . SER A 47 ? 0.7228 0.5150 0.7829 0.0544  -0.0920 0.1314  158 SER A CB  
344 O OG  . SER A 47 ? 0.7715 0.5719 0.7904 0.0329  -0.1029 0.1558  158 SER A OG  
345 N N   . PRO A 48 ? 0.6549 0.4789 0.6169 0.0128  -0.0641 0.0586  159 PRO A N   
346 C CA  . PRO A 48 ? 0.6505 0.4643 0.5847 -0.0042 -0.0542 0.0428  159 PRO A CA  
347 C C   . PRO A 48 ? 0.6674 0.4690 0.5840 -0.0196 -0.0569 0.0618  159 PRO A C   
348 O O   . PRO A 48 ? 0.6779 0.4747 0.5827 -0.0331 -0.0497 0.0523  159 PRO A O   
349 C CB  . PRO A 48 ? 0.6256 0.4741 0.5387 -0.0106 -0.0520 0.0323  159 PRO A CB  
350 C CG  . PRO A 48 ? 0.6171 0.4895 0.5483 0.0010  -0.0579 0.0330  159 PRO A CG  
351 C CD  . PRO A 48 ? 0.6322 0.4984 0.5857 0.0117  -0.0704 0.0582  159 PRO A CD  
352 N N   . TYR A 49 ? 0.6878 0.4944 0.6023 -0.0196 -0.0678 0.0915  160 TYR A N   
353 C CA  . TYR A 49 ? 0.7261 0.5324 0.6197 -0.0360 -0.0688 0.1150  160 TYR A CA  
354 C C   . TYR A 49 ? 0.7432 0.5500 0.6453 -0.0304 -0.0850 0.1524  160 TYR A C   
355 O O   . TYR A 49 ? 0.7256 0.5482 0.6428 -0.0162 -0.0957 0.1564  160 TYR A O   
356 C CB  . TYR A 49 ? 0.6982 0.5397 0.5564 -0.0470 -0.0614 0.1061  160 TYR A CB  
357 C CG  . TYR A 49 ? 0.7557 0.6065 0.5904 -0.0639 -0.0553 0.1249  160 TYR A CG  
358 C CD1 . TYR A 49 ? 0.7658 0.6118 0.6056 -0.0749 -0.0427 0.1194  160 TYR A CD1 
359 C CD2 . TYR A 49 ? 0.7948 0.6667 0.6016 -0.0710 -0.0618 0.1497  160 TYR A CD2 
360 C CE1 . TYR A 49 ? 0.8046 0.6675 0.6283 -0.0905 -0.0330 0.1375  160 TYR A CE1 
361 C CE2 . TYR A 49 ? 0.8187 0.7055 0.5998 -0.0878 -0.0515 0.1663  160 TYR A CE2 
362 C CZ  . TYR A 49 ? 0.8469 0.7293 0.6396 -0.0966 -0.0353 0.1604  160 TYR A CZ  
363 O OH  . TYR A 49 ? 0.8728 0.7772 0.6458 -0.1133 -0.0213 0.1782  160 TYR A OH  
364 N N   . GLN A 50 ? 0.8176 0.6112 0.7151 -0.0419 -0.0886 0.1844  161 GLN A N   
365 C CA  . GLN A 50 ? 0.8563 0.6486 0.7683 -0.0357 -0.1070 0.2277  161 GLN A CA  
366 C C   . GLN A 50 ? 0.8433 0.6865 0.7121 -0.0463 -0.1179 0.2470  161 GLN A C   
367 O O   . GLN A 50 ? 0.8180 0.6845 0.6437 -0.0627 -0.1059 0.2324  161 GLN A O   
368 C CB  . GLN A 50 ? 0.9688 0.7230 0.8958 -0.0460 -0.1078 0.2605  161 GLN A CB  
369 C CG  . GLN A 50 ? 1.0034 0.7770 0.8902 -0.0734 -0.0999 0.2783  161 GLN A CG  
370 C CD  . GLN A 50 ? 1.0847 0.8294 0.9878 -0.0855 -0.1067 0.3272  161 GLN A CD  
371 O OE1 . GLN A 50 ? 1.1919 0.9244 1.1179 -0.0755 -0.1244 0.3665  161 GLN A OE1 
372 N NE2 . GLN A 50 ? 1.0942 0.8312 0.9903 -0.1080 -0.0931 0.3290  161 GLN A NE2 
373 N N   . GLY A 51 ? 0.8702 0.7351 0.7486 -0.0379 -0.1399 0.2761  162 GLY A N   
374 C CA  . GLY A 51 ? 0.8590 0.7255 0.7859 -0.0135 -0.1512 0.2732  162 GLY A CA  
375 C C   . GLY A 51 ? 0.8117 0.7229 0.7084 -0.0194 -0.1520 0.2430  162 GLY A C   
376 O O   . GLY A 51 ? 0.8158 0.7703 0.6875 -0.0293 -0.1706 0.2597  162 GLY A O   
377 N N   . LEU A 52 ? 0.7464 0.6454 0.6418 -0.0177 -0.1320 0.1989  163 LEU A N   
378 C CA  . LEU A 52 ? 0.7149 0.6424 0.6009 -0.0188 -0.1298 0.1678  163 LEU A CA  
379 C C   . LEU A 52 ? 0.6871 0.6057 0.6288 0.0044  -0.1275 0.1563  163 LEU A C   
380 O O   . LEU A 52 ? 0.6624 0.5451 0.6257 0.0141  -0.1123 0.1415  163 LEU A O   
381 C CB  . LEU A 52 ? 0.6842 0.6024 0.5390 -0.0303 -0.1077 0.1326  163 LEU A CB  
382 C CG  . LEU A 52 ? 0.6565 0.5954 0.5036 -0.0332 -0.1034 0.1016  163 LEU A CG  
383 C CD1 . LEU A 52 ? 0.6844 0.6557 0.4899 -0.0511 -0.1147 0.1043  163 LEU A CD1 
384 C CD2 . LEU A 52 ? 0.6221 0.5432 0.4616 -0.0360 -0.0813 0.0730  163 LEU A CD2 
385 N N   . VAL A 53 ? 0.6803 0.6354 0.6448 0.0111  -0.1416 0.1617  164 VAL A N   
386 C CA  . VAL A 53 ? 0.6782 0.6355 0.7015 0.0346  -0.1366 0.1528  164 VAL A CA  
387 C C   . VAL A 53 ? 0.6496 0.6422 0.6679 0.0268  -0.1338 0.1269  164 VAL A C   
388 O O   . VAL A 53 ? 0.6474 0.6745 0.6388 0.0086  -0.1499 0.1319  164 VAL A O   
389 C CB  . VAL A 53 ? 0.6929 0.6731 0.7685 0.0524  -0.1589 0.1941  164 VAL A CB  
390 C CG1 . VAL A 53 ? 0.6813 0.6615 0.8273 0.0819  -0.1464 0.1831  164 VAL A CG1 
391 C CG2 . VAL A 53 ? 0.7239 0.6743 0.7989 0.0539  -0.1687 0.2322  164 VAL A CG2 
392 N N   . ILE A 54 ? 0.6285 0.6125 0.6703 0.0376  -0.1136 0.0995  165 ILE A N   
393 C CA  . ILE A 54 ? 0.6212 0.6397 0.6700 0.0312  -0.1105 0.0817  165 ILE A CA  
394 C C   . ILE A 54 ? 0.6617 0.7230 0.7698 0.0465  -0.1240 0.1021  165 ILE A C   
395 O O   . ILE A 54 ? 0.6825 0.7378 0.8410 0.0717  -0.1116 0.1026  165 ILE A O   
396 C CB  . ILE A 54 ? 0.6177 0.6187 0.6676 0.0349  -0.0839 0.0504  165 ILE A CB  
397 C CG1 . ILE A 54 ? 0.6042 0.5716 0.6032 0.0193  -0.0745 0.0355  165 ILE A CG1 
398 C CG2 . ILE A 54 ? 0.6049 0.6457 0.6719 0.0283  -0.0808 0.0395  165 ILE A CG2 
399 C CD1 . ILE A 54 ? 0.5871 0.5378 0.5825 0.0207  -0.0528 0.0110  165 ILE A CD1 
400 N N   . GLU A 55 ? 0.6748 0.7806 0.7788 0.0306  -0.1487 0.1178  166 GLU A N   
401 C CA  . GLU A 55 ? 0.6890 0.8490 0.8551 0.0419  -0.1671 0.1432  166 GLU A CA  
402 C C   . GLU A 55 ? 0.6726 0.8672 0.8767 0.0424  -0.1539 0.1243  166 GLU A C   
403 O O   . GLU A 55 ? 0.6746 0.8914 0.9457 0.0680  -0.1443 0.1313  166 GLU A O   
404 C CB  . GLU A 55 ? 0.7037 0.9045 0.8474 0.0193  -0.2037 0.1702  166 GLU A CB  
405 C CG  . GLU A 55 ? 0.7522 0.9288 0.8578 0.0165  -0.2172 0.1961  166 GLU A CG  
406 C CD  . GLU A 55 ? 0.7778 0.9523 0.9447 0.0472  -0.2260 0.2367  166 GLU A CD  
407 O OE1 . GLU A 55 ? 0.7689 0.9661 1.0130 0.0734  -0.2221 0.2444  166 GLU A OE1 
408 O OE2 . GLU A 55 ? 0.8174 0.9676 0.9581 0.0453  -0.2353 0.2629  166 GLU A OE2 
409 N N   . GLN A 56 ? 0.6629 0.8632 0.8294 0.0149  -0.1520 0.1021  167 GLN A N   
410 C CA  . GLN A 56 ? 0.6458 0.8762 0.8459 0.0110  -0.1370 0.0863  167 GLN A CA  
411 C C   . GLN A 56 ? 0.5821 0.7825 0.7323 -0.0115 -0.1217 0.0578  167 GLN A C   
412 O O   . GLN A 56 ? 0.5788 0.7577 0.6774 -0.0330 -0.1318 0.0503  167 GLN A O   
413 C CB  . GLN A 56 ? 0.6904 0.9906 0.9360 -0.0016 -0.1620 0.1053  167 GLN A CB  
414 C CG  . GLN A 56 ? 0.7496 1.0942 1.0735 0.0279  -0.1713 0.1369  167 GLN A CG  
415 C CD  . GLN A 56 ? 0.7571 1.1759 1.1543 0.0264  -0.1746 0.1472  167 GLN A CD  
416 O OE1 . GLN A 56 ? 0.7866 1.2632 1.2112 0.0115  -0.2088 0.1727  167 GLN A OE1 
417 N NE2 . GLN A 56 ? 0.7620 1.1857 1.1922 0.0402  -0.1392 0.1287  167 GLN A NE2 
418 N N   . ILE A 57 ? 0.5529 0.7538 0.7212 -0.0054 -0.0957 0.0433  168 ILE A N   
419 C CA  . ILE A 57 ? 0.5460 0.7254 0.6805 -0.0251 -0.0818 0.0243  168 ILE A CA  
420 C C   . ILE A 57 ? 0.5508 0.7776 0.7203 -0.0444 -0.0871 0.0283  168 ILE A C   
421 O O   . ILE A 57 ? 0.5380 0.8070 0.7590 -0.0337 -0.0762 0.0350  168 ILE A O   
422 C CB  . ILE A 57 ? 0.5100 0.6643 0.6361 -0.0110 -0.0520 0.0104  168 ILE A CB  
423 C CG1 . ILE A 57 ? 0.5119 0.6212 0.6095 0.0044  -0.0496 0.0069  168 ILE A CG1 
424 C CG2 . ILE A 57 ? 0.5219 0.6616 0.6202 -0.0313 -0.0412 0.0003  168 ILE A CG2 
425 C CD1 . ILE A 57 ? 0.5003 0.5869 0.5869 0.0147  -0.0244 -0.0090 168 ILE A CD1 
426 N N   . GLU A 58 ? 0.5889 0.8084 0.7324 -0.0738 -0.1029 0.0229  169 GLU A N   
427 C CA  . GLU A 58 ? 0.5823 0.8373 0.7541 -0.1007 -0.1107 0.0245  169 GLU A CA  
428 C C   . GLU A 58 ? 0.5664 0.7893 0.7210 -0.1144 -0.0905 0.0128  169 GLU A C   
429 O O   . GLU A 58 ? 0.5013 0.6809 0.6220 -0.1038 -0.0748 0.0046  169 GLU A O   
430 C CB  . GLU A 58 ? 0.6123 0.8731 0.7628 -0.1290 -0.1422 0.0221  169 GLU A CB  
431 C CG  . GLU A 58 ? 0.6471 0.9542 0.8205 -0.1211 -0.1692 0.0432  169 GLU A CG  
432 C CD  . GLU A 58 ? 0.6678 1.0493 0.9176 -0.1219 -0.1781 0.0635  169 GLU A CD  
433 O OE1 . GLU A 58 ? 0.6484 1.0517 0.9469 -0.0920 -0.1571 0.0737  169 GLU A OE1 
434 O OE2 . GLU A 58 ? 0.7190 1.1390 0.9811 -0.1536 -0.2049 0.0677  169 GLU A OE2 
435 N N   . GLN A 59 ? 0.5665 0.8131 0.7483 -0.1402 -0.0932 0.0156  170 GLN A N   
436 C CA  . GLN A 59 ? 0.5875 0.8039 0.7599 -0.1557 -0.0764 0.0117  170 GLN A CA  
437 C C   . GLN A 59 ? 0.6008 0.7502 0.7235 -0.1653 -0.0785 -0.0051 170 GLN A C   
438 O O   . GLN A 59 ? 0.5850 0.6992 0.6914 -0.1592 -0.0612 -0.0050 170 GLN A O   
439 C CB  . GLN A 59 ? 0.6210 0.8752 0.8373 -0.1863 -0.0828 0.0205  170 GLN A CB  
440 C CG  . GLN A 59 ? 0.6382 0.8772 0.8626 -0.2014 -0.0632 0.0282  170 GLN A CG  
441 C CD  . GLN A 59 ? 0.6760 0.9621 0.9526 -0.2329 -0.0698 0.0410  170 GLN A CD  
442 O OE1 . GLN A 59 ? 0.6670 1.0220 0.9899 -0.2291 -0.0732 0.0525  170 GLN A OE1 
443 N NE2 . GLN A 59 ? 0.7232 0.9731 0.9995 -0.2644 -0.0719 0.0400  170 GLN A NE2 
444 N N   . ASP A 60 ? 0.6359 0.7715 0.7359 -0.1805 -0.0989 -0.0190 171 ASP A N   
445 C CA  . ASP A 60 ? 0.6783 0.7516 0.7360 -0.1914 -0.0965 -0.0405 171 ASP A CA  
446 C C   . ASP A 60 ? 0.6515 0.7036 0.6628 -0.1751 -0.0998 -0.0511 171 ASP A C   
447 O O   . ASP A 60 ? 0.6915 0.6990 0.6679 -0.1820 -0.0953 -0.0712 171 ASP A O   
448 C CB  . ASP A 60 ? 0.7466 0.8126 0.8073 -0.2297 -0.1122 -0.0562 171 ASP A CB  
449 C CG  . ASP A 60 ? 0.8080 0.9259 0.8720 -0.2458 -0.1421 -0.0557 171 ASP A CG  
450 O OD1 . ASP A 60 ? 0.7652 0.9263 0.8392 -0.2237 -0.1497 -0.0379 171 ASP A OD1 
451 O OD2 . ASP A 60 ? 0.9579 1.0743 1.0175 -0.2822 -0.1597 -0.0720 171 ASP A OD2 
452 N N   . MET A 61 ? 0.6073 0.6903 0.6214 -0.1539 -0.1055 -0.0373 172 MET A N   
453 C CA  . MET A 61 ? 0.6101 0.6762 0.5822 -0.1416 -0.1097 -0.0414 172 MET A CA  
454 C C   . MET A 61 ? 0.5547 0.6446 0.5432 -0.1143 -0.1101 -0.0215 172 MET A C   
455 O O   . MET A 61 ? 0.5553 0.6803 0.5874 -0.1049 -0.1091 -0.0080 172 MET A O   
456 C CB  . MET A 61 ? 0.6663 0.7462 0.6110 -0.1651 -0.1339 -0.0503 172 MET A CB  
457 C CG  . MET A 61 ? 0.6756 0.8189 0.6550 -0.1689 -0.1600 -0.0284 172 MET A CG  
458 S SD  . MET A 61 ? 0.7959 0.9702 0.7465 -0.2068 -0.1957 -0.0356 172 MET A SD  
459 C CE  . MET A 61 ? 0.8357 0.9681 0.7712 -0.2436 -0.1876 -0.0730 172 MET A CE  
460 N N   . VAL A 62 ? 0.5559 0.6266 0.5117 -0.1025 -0.1103 -0.0201 173 VAL A N   
461 C CA  . VAL A 62 ? 0.5583 0.6441 0.5303 -0.0790 -0.1140 -0.0005 173 VAL A CA  
462 C C   . VAL A 62 ? 0.5647 0.6609 0.5084 -0.0855 -0.1357 0.0102  173 VAL A C   
463 O O   . VAL A 62 ? 0.5678 0.6435 0.4632 -0.1006 -0.1361 -0.0026 173 VAL A O   
464 C CB  . VAL A 62 ? 0.5325 0.5857 0.5001 -0.0578 -0.0920 -0.0021 173 VAL A CB  
465 C CG1 . VAL A 62 ? 0.5581 0.5727 0.4850 -0.0646 -0.0809 -0.0157 173 VAL A CG1 
466 C CG2 . VAL A 62 ? 0.5462 0.6010 0.5243 -0.0375 -0.0969 0.0148  173 VAL A CG2 
467 N N   . ILE A 63 ? 0.5669 0.6995 0.5451 -0.0741 -0.1526 0.0352  174 ILE A N   
468 C CA  . ILE A 63 ? 0.6223 0.7774 0.5833 -0.0801 -0.1786 0.0566  174 ILE A CA  
469 C C   . ILE A 63 ? 0.6017 0.7346 0.5676 -0.0544 -0.1724 0.0767  174 ILE A C   
470 O O   . ILE A 63 ? 0.5739 0.7100 0.5915 -0.0290 -0.1657 0.0889  174 ILE A O   
471 C CB  . ILE A 63 ? 0.6545 0.8718 0.6634 -0.0856 -0.2059 0.0779  174 ILE A CB  
472 C CG1 . ILE A 63 ? 0.6620 0.8976 0.6758 -0.1137 -0.2091 0.0561  174 ILE A CG1 
473 C CG2 . ILE A 63 ? 0.7160 0.9654 0.7041 -0.0961 -0.2390 0.1063  174 ILE A CG2 
474 C CD1 . ILE A 63 ? 0.6619 0.9593 0.7473 -0.1123 -0.2235 0.0749  174 ILE A CD1 
475 N N   . PHE A 64 ? 0.6164 0.7234 0.5295 -0.0622 -0.1706 0.0767  175 PHE A N   
476 C CA  . PHE A 64 ? 0.6654 0.7523 0.5790 -0.0455 -0.1692 0.1003  175 PHE A CA  
477 C C   . PHE A 64 ? 0.7161 0.8361 0.6179 -0.0540 -0.1994 0.1361  175 PHE A C   
478 O O   . PHE A 64 ? 0.7412 0.8966 0.6156 -0.0780 -0.2195 0.1354  175 PHE A O   
479 C CB  . PHE A 64 ? 0.6673 0.7137 0.5326 -0.0517 -0.1491 0.0858  175 PHE A CB  
480 C CG  . PHE A 64 ? 0.6517 0.6689 0.5212 -0.0471 -0.1229 0.0558  175 PHE A CG  
481 C CD1 . PHE A 64 ? 0.6555 0.6694 0.5017 -0.0628 -0.1140 0.0284  175 PHE A CD1 
482 C CD2 . PHE A 64 ? 0.6284 0.6184 0.5229 -0.0289 -0.1078 0.0557  175 PHE A CD2 
483 C CE1 . PHE A 64 ? 0.6233 0.6128 0.4772 -0.0579 -0.0923 0.0090  175 PHE A CE1 
484 C CE2 . PHE A 64 ? 0.6053 0.5752 0.4992 -0.0279 -0.0876 0.0327  175 PHE A CE2 
485 C CZ  . PHE A 64 ? 0.6069 0.5788 0.4827 -0.0412 -0.0808 0.0131  175 PHE A CZ  
486 N N   . SER A 65 ? 0.7488 0.8558 0.6705 -0.0364 -0.2032 0.1682  176 SER A N   
487 C CA  . SER A 65 ? 0.7934 0.9169 0.6843 -0.0474 -0.2253 0.2055  176 SER A CA  
488 C C   . SER A 65 ? 0.7998 0.8782 0.6518 -0.0498 -0.2040 0.2024  176 SER A C   
489 O O   . SER A 65 ? 0.7590 0.7959 0.6376 -0.0324 -0.1824 0.1914  176 SER A O   
490 C CB  . SER A 65 ? 0.8161 0.9597 0.7706 -0.0252 -0.2481 0.2540  176 SER A CB  
491 O OG  . SER A 65 ? 0.8121 0.9088 0.8165 0.0046  -0.2269 0.2537  176 SER A OG  
492 N N   . PHE A 66 ? 0.8495 0.9407 0.6370 -0.0740 -0.2097 0.2112  177 PHE A N   
493 C CA  . PHE A 66 ? 0.8603 0.9224 0.6159 -0.0785 -0.1928 0.2202  177 PHE A CA  
494 C C   . PHE A 66 ? 0.9486 1.0381 0.6712 -0.0935 -0.2152 0.2689  177 PHE A C   
495 O O   . PHE A 66 ? 0.9820 1.1117 0.6478 -0.1190 -0.2293 0.2696  177 PHE A O   
496 C CB  . PHE A 66 ? 0.8400 0.8906 0.5439 -0.0946 -0.1658 0.1774  177 PHE A CB  
497 C CG  . PHE A 66 ? 0.8440 0.8712 0.5263 -0.0984 -0.1447 0.1853  177 PHE A CG  
498 C CD1 . PHE A 66 ? 0.8232 0.8133 0.5509 -0.0811 -0.1357 0.1976  177 PHE A CD1 
499 C CD2 . PHE A 66 ? 0.8729 0.9160 0.4903 -0.1209 -0.1322 0.1784  177 PHE A CD2 
500 C CE1 . PHE A 66 ? 0.8445 0.8171 0.5575 -0.0887 -0.1180 0.2070  177 PHE A CE1 
501 C CE2 . PHE A 66 ? 0.8829 0.9123 0.4874 -0.1252 -0.1107 0.1885  177 PHE A CE2 
502 C CZ  . PHE A 66 ? 0.8784 0.8738 0.5326 -0.1101 -0.1054 0.2047  177 PHE A CZ  
503 N N   . ASN A 67 ? 0.9891 1.0544 0.7449 -0.0800 -0.2179 0.3093  178 ASN A N   
504 C CA  . ASN A 67 ? 1.0614 1.1497 0.8017 -0.0901 -0.2425 0.3695  178 ASN A CA  
505 C C   . ASN A 67 ? 1.1001 1.2487 0.8370 -0.0985 -0.2812 0.3976  178 ASN A C   
506 O O   . ASN A 67 ? 1.1232 1.3138 0.8004 -0.1253 -0.3006 0.4269  178 ASN A O   
507 C CB  . ASN A 67 ? 1.0945 1.1841 0.7616 -0.1169 -0.2251 0.3722  178 ASN A CB  
508 C CG  . ASN A 67 ? 1.0882 1.1245 0.7775 -0.1082 -0.1948 0.3624  178 ASN A CG  
509 O OD1 . ASN A 67 ? 1.0424 1.0373 0.7977 -0.0849 -0.1935 0.3692  178 ASN A OD1 
510 N ND2 . ASN A 67 ? 1.1097 1.1489 0.7456 -0.1280 -0.1692 0.3446  178 ASN A ND2 
511 N N   . GLY A 68 ? 1.0803 1.2376 0.8826 -0.0769 -0.2920 0.3891  179 GLY A N   
512 C CA  . GLY A 68 ? 1.1193 1.3395 0.9383 -0.0823 -0.3304 0.4154  179 GLY A CA  
513 C C   . GLY A 68 ? 1.1158 1.3649 0.9019 -0.1025 -0.3298 0.3640  179 GLY A C   
514 O O   . GLY A 68 ? 1.0818 1.3500 0.9255 -0.0895 -0.3375 0.3527  179 GLY A O   
515 N N   . GLU A 69 ? 1.1369 1.3859 0.8345 -0.1339 -0.3166 0.3310  180 GLU A N   
516 C CA  . GLU A 69 ? 1.1201 1.3944 0.7738 -0.1610 -0.3190 0.2841  180 GLU A CA  
517 C C   . GLU A 69 ? 1.0198 1.2617 0.7179 -0.1450 -0.2939 0.2338  180 GLU A C   
518 O O   . GLU A 69 ? 0.9428 1.1345 0.6696 -0.1213 -0.2631 0.2186  180 GLU A O   
519 C CB  . GLU A 69 ? 1.1913 1.4627 0.7422 -0.1945 -0.3021 0.2544  180 GLU A CB  
520 C CG  . GLU A 69 ? 1.2737 1.5784 0.7617 -0.2166 -0.3197 0.3003  180 GLU A CG  
521 C CD  . GLU A 69 ? 1.3543 1.7292 0.8327 -0.2372 -0.3712 0.3439  180 GLU A CD  
522 O OE1 . GLU A 69 ? 1.3909 1.7945 0.9066 -0.2394 -0.3940 0.3333  180 GLU A OE1 
523 O OE2 . GLU A 69 ? 1.4414 1.8486 0.8744 -0.2542 -0.3905 0.3928  180 GLU A OE2 
524 N N   . PRO A 70 ? 0.9727 1.2453 0.6754 -0.1613 -0.3082 0.2097  181 PRO A N   
525 C CA  . PRO A 70 ? 0.8901 1.1323 0.6307 -0.1494 -0.2830 0.1665  181 PRO A CA  
526 C C   . PRO A 70 ? 0.8685 1.0632 0.5529 -0.1599 -0.2474 0.1181  181 PRO A C   
527 O O   . PRO A 70 ? 0.8778 1.0724 0.4899 -0.1824 -0.2432 0.1081  181 PRO A O   
528 C CB  . PRO A 70 ? 0.9101 1.2014 0.6697 -0.1698 -0.3101 0.1589  181 PRO A CB  
529 C CG  . PRO A 70 ? 0.9843 1.3266 0.6879 -0.2027 -0.3466 0.1818  181 PRO A CG  
530 C CD  . PRO A 70 ? 1.0133 1.3472 0.6809 -0.1961 -0.3462 0.2180  181 PRO A CD  
531 N N   . PHE A 71 ? 0.8160 0.9727 0.5368 -0.1417 -0.2201 0.0913  182 PHE A N   
532 C CA  . PHE A 71 ? 0.8066 0.9192 0.4934 -0.1449 -0.1861 0.0516  182 PHE A CA  
533 C C   . PHE A 71 ? 0.7537 0.8476 0.4879 -0.1344 -0.1722 0.0277  182 PHE A C   
534 O O   . PHE A 71 ? 0.6935 0.7850 0.4833 -0.1104 -0.1696 0.0432  182 PHE A O   
535 C CB  . PHE A 71 ? 0.8133 0.8965 0.4963 -0.1270 -0.1657 0.0660  182 PHE A CB  
536 C CG  . PHE A 71 ? 0.7819 0.8247 0.4573 -0.1215 -0.1308 0.0330  182 PHE A CG  
537 C CD1 . PHE A 71 ? 0.8339 0.8673 0.4644 -0.1397 -0.1150 -0.0032 182 PHE A CD1 
538 C CD2 . PHE A 71 ? 0.7637 0.7790 0.4785 -0.0987 -0.1143 0.0379  182 PHE A CD2 
539 C CE1 . PHE A 71 ? 0.8171 0.8167 0.4511 -0.1310 -0.0832 -0.0286 182 PHE A CE1 
540 C CE2 . PHE A 71 ? 0.7380 0.7251 0.4506 -0.0944 -0.0868 0.0136  182 PHE A CE2 
541 C CZ  . PHE A 71 ? 0.7710 0.7516 0.4476 -0.1086 -0.0712 -0.0168 182 PHE A CZ  
542 N N   . ILE A 72 ? 0.7646 0.8445 0.4766 -0.1531 -0.1622 -0.0096 183 ILE A N   
543 C CA  . ILE A 72 ? 0.7344 0.8031 0.4892 -0.1507 -0.1542 -0.0273 183 ILE A CA  
544 C C   . ILE A 72 ? 0.7184 0.7396 0.4611 -0.1478 -0.1226 -0.0576 183 ILE A C   
545 O O   . ILE A 72 ? 0.7751 0.7784 0.4710 -0.1624 -0.1117 -0.0822 183 ILE A O   
546 C CB  . ILE A 72 ? 0.8067 0.9007 0.5582 -0.1812 -0.1752 -0.0425 183 ILE A CB  
547 C CG1 . ILE A 72 ? 0.8640 1.0174 0.6247 -0.1905 -0.2129 -0.0107 183 ILE A CG1 
548 C CG2 . ILE A 72 ? 0.7820 0.8670 0.5849 -0.1798 -0.1663 -0.0536 183 ILE A CG2 
549 C CD1 . ILE A 72 ? 0.8412 1.0272 0.6791 -0.1687 -0.2229 0.0194  183 ILE A CD1 
550 N N   . LEU A 73 ? 0.6539 0.6586 0.4411 -0.1298 -0.1081 -0.0556 184 LEU A N   
551 C CA  . LEU A 73 ? 0.6393 0.6057 0.4315 -0.1272 -0.0834 -0.0772 184 LEU A CA  
552 C C   . LEU A 73 ? 0.6311 0.6005 0.4634 -0.1337 -0.0861 -0.0799 184 LEU A C   
553 O O   . LEU A 73 ? 0.5784 0.5739 0.4491 -0.1244 -0.0934 -0.0606 184 LEU A O   
554 C CB  . LEU A 73 ? 0.5951 0.5441 0.4017 -0.1030 -0.0650 -0.0655 184 LEU A CB  
555 C CG  . LEU A 73 ? 0.6182 0.5616 0.3926 -0.0972 -0.0570 -0.0606 184 LEU A CG  
556 C CD1 . LEU A 73 ? 0.5826 0.5157 0.3789 -0.0777 -0.0452 -0.0461 184 LEU A CD1 
557 C CD2 . LEU A 73 ? 0.6671 0.5900 0.4076 -0.1076 -0.0391 -0.0875 184 LEU A CD2 
558 N N   . ASP A 74 ? 0.6672 0.6076 0.4945 -0.1488 -0.0764 -0.1043 185 ASP A N   
559 C CA  . ASP A 74 ? 0.6830 0.6196 0.5508 -0.1565 -0.0753 -0.1035 185 ASP A CA  
560 C C   . ASP A 74 ? 0.6517 0.5780 0.5484 -0.1333 -0.0581 -0.0862 185 ASP A C   
561 O O   . ASP A 74 ? 0.6299 0.5408 0.5143 -0.1155 -0.0450 -0.0833 185 ASP A O   
562 C CB  . ASP A 74 ? 0.7442 0.6417 0.6030 -0.1790 -0.0683 -0.1333 185 ASP A CB  
563 C CG  . ASP A 74 ? 0.8121 0.7207 0.6331 -0.2087 -0.0868 -0.1563 185 ASP A CG  
564 O OD1 . ASP A 74 ? 0.8277 0.7840 0.6555 -0.2222 -0.1133 -0.1428 185 ASP A OD1 
565 O OD2 . ASP A 74 ? 0.8904 0.7623 0.6754 -0.2186 -0.0741 -0.1882 185 ASP A OD2 
566 N N   . SER A 75 ? 0.6247 0.5641 0.5585 -0.1368 -0.0585 -0.0738 186 SER A N   
567 C CA  . SER A 75 ? 0.5960 0.5339 0.5511 -0.1206 -0.0447 -0.0563 186 SER A CA  
568 C C   . SER A 75 ? 0.6258 0.5217 0.5734 -0.1124 -0.0282 -0.0613 186 SER A C   
569 O O   . SER A 75 ? 0.6529 0.5152 0.6025 -0.1236 -0.0225 -0.0763 186 SER A O   
570 C CB  . SER A 75 ? 0.5911 0.5475 0.5823 -0.1331 -0.0450 -0.0443 186 SER A CB  
571 O OG  . SER A 75 ? 0.6218 0.5857 0.6249 -0.1201 -0.0329 -0.0263 186 SER A OG  
572 N N   . LEU A 76 ? 0.5503 0.4481 0.4927 -0.0934 -0.0208 -0.0500 187 LEU A N   
573 C CA  . LEU A 76 ? 0.5706 0.4415 0.5145 -0.0824 -0.0069 -0.0484 187 LEU A CA  
574 C C   . LEU A 76 ? 0.5814 0.4269 0.5047 -0.0817 0.0016  -0.0707 187 LEU A C   
575 O O   . LEU A 76 ? 0.5821 0.4038 0.5182 -0.0727 0.0166  -0.0725 187 LEU A O   
576 C CB  . LEU A 76 ? 0.5960 0.4512 0.5721 -0.0853 0.0001  -0.0342 187 LEU A CB  
577 C CG  . LEU A 76 ? 0.5813 0.4637 0.5705 -0.0825 -0.0017 -0.0073 187 LEU A CG  
578 C CD1 . LEU A 76 ? 0.5899 0.5090 0.5684 -0.0839 -0.0090 -0.0069 187 LEU A CD1 
579 C CD2 . LEU A 76 ? 0.6016 0.4742 0.6202 -0.0931 0.0012  0.0105  187 LEU A CD2 
580 N N   . GLN A 77 ? 0.5921 0.4467 0.4848 -0.0907 -0.0070 -0.0861 188 GLN A N   
581 C CA  . GLN A 77 ? 0.6317 0.4688 0.4937 -0.0934 0.0031  -0.1093 188 GLN A CA  
582 C C   . GLN A 77 ? 0.6003 0.4544 0.4463 -0.0793 0.0064  -0.0969 188 GLN A C   
583 O O   . GLN A 77 ? 0.5984 0.4776 0.4317 -0.0799 -0.0088 -0.0842 188 GLN A O   
584 C CB  . GLN A 77 ? 0.6732 0.5180 0.5029 -0.1161 -0.0112 -0.1293 188 GLN A CB  
585 C CG  . GLN A 77 ? 0.7296 0.5655 0.5125 -0.1231 -0.0017 -0.1544 188 GLN A CG  
586 C CD  . GLN A 77 ? 0.7766 0.6279 0.5197 -0.1507 -0.0210 -0.1718 188 GLN A CD  
587 O OE1 . GLN A 77 ? 0.7716 0.6564 0.5208 -0.1596 -0.0467 -0.1546 188 GLN A OE1 
588 N NE2 . GLN A 77 ? 0.8431 0.6738 0.5455 -0.1646 -0.0079 -0.2064 188 GLN A NE2 
589 N N   . ASP A 78 ? 0.5881 0.4291 0.4406 -0.0670 0.0261  -0.0988 189 ASP A N   
590 C CA  . ASP A 78 ? 0.6204 0.4787 0.4607 -0.0579 0.0305  -0.0868 189 ASP A CA  
591 C C   . ASP A 78 ? 0.6862 0.5527 0.4807 -0.0682 0.0314  -0.0995 189 ASP A C   
592 O O   . ASP A 78 ? 0.7130 0.5681 0.4824 -0.0811 0.0348  -0.1249 189 ASP A O   
593 C CB  . ASP A 78 ? 0.6282 0.4796 0.4967 -0.0431 0.0518  -0.0828 189 ASP A CB  
594 C CG  . ASP A 78 ? 0.5860 0.4412 0.4957 -0.0343 0.0461  -0.0597 189 ASP A CG  
595 O OD1 . ASP A 78 ? 0.5499 0.4117 0.4613 -0.0397 0.0297  -0.0499 189 ASP A OD1 
596 O OD2 . ASP A 78 ? 0.6125 0.4689 0.5534 -0.0224 0.0585  -0.0499 189 ASP A OD2 
597 N N   . TRP A 79 ? 0.6746 0.5606 0.4553 -0.0657 0.0271  -0.0814 190 TRP A N   
598 C CA  . TRP A 79 ? 0.7129 0.6106 0.4486 -0.0755 0.0327  -0.0869 190 TRP A CA  
599 C C   . TRP A 79 ? 0.6971 0.5973 0.4408 -0.0661 0.0598  -0.0865 190 TRP A C   
600 O O   . TRP A 79 ? 0.6700 0.5782 0.4448 -0.0562 0.0594  -0.0639 190 TRP A O   
601 C CB  . TRP A 79 ? 0.7049 0.6231 0.4244 -0.0802 0.0102  -0.0607 190 TRP A CB  
602 C CG  . TRP A 79 ? 0.7527 0.6876 0.4247 -0.0923 0.0138  -0.0572 190 TRP A CG  
603 C CD1 . TRP A 79 ? 0.7558 0.7033 0.4209 -0.0917 0.0169  -0.0323 190 TRP A CD1 
604 C CD2 . TRP A 79 ? 0.8049 0.7478 0.4250 -0.1110 0.0141  -0.0781 190 TRP A CD2 
605 N NE1 . TRP A 79 ? 0.8160 0.7822 0.4280 -0.1078 0.0204  -0.0324 190 TRP A NE1 
606 C CE2 . TRP A 79 ? 0.8342 0.7993 0.4140 -0.1202 0.0186  -0.0622 190 TRP A CE2 
607 C CE3 . TRP A 79 ? 0.8425 0.7764 0.4444 -0.1243 0.0108  -0.1092 190 TRP A CE3 
608 C CZ2 . TRP A 79 ? 0.8862 0.8687 0.4012 -0.1422 0.0200  -0.0768 190 TRP A CZ2 
609 C CZ3 . TRP A 79 ? 0.8922 0.8396 0.4303 -0.1476 0.0110  -0.1284 190 TRP A CZ3 
610 C CH2 . TRP A 79 ? 0.9249 0.8985 0.4176 -0.1560 0.0158  -0.1122 190 TRP A CH2 
611 N N   . PRO A 80 ? 0.7498 0.6461 0.4678 -0.0702 0.0842  -0.1126 191 PRO A N   
612 C CA  . PRO A 80 ? 0.7618 0.6664 0.4971 -0.0588 0.1151  -0.1135 191 PRO A CA  
613 C C   . PRO A 80 ? 0.7693 0.7051 0.4860 -0.0645 0.1165  -0.0879 191 PRO A C   
614 O O   . PRO A 80 ? 0.7415 0.6933 0.4821 -0.0562 0.1398  -0.0810 191 PRO A O   
615 C CB  . PRO A 80 ? 0.8194 0.7096 0.5246 -0.0635 0.1432  -0.1552 191 PRO A CB  
616 C CG  . PRO A 80 ? 0.8540 0.7444 0.4997 -0.0871 0.1217  -0.1676 191 PRO A CG  
617 C CD  . PRO A 80 ? 0.8106 0.6980 0.4802 -0.0877 0.0860  -0.1451 191 PRO A CD  
618 N N   . GLY A 81 ? 0.7903 0.7362 0.4682 -0.0792 0.0925  -0.0722 192 GLY A N   
619 C CA  . GLY A 81 ? 0.8139 0.7833 0.4755 -0.0873 0.0890  -0.0415 192 GLY A CA  
620 C C   . GLY A 81 ? 0.8827 0.8704 0.4768 -0.1060 0.0956  -0.0495 192 GLY A C   
621 O O   . GLY A 81 ? 0.9206 0.9044 0.4859 -0.1102 0.1166  -0.0858 192 GLY A O   
622 N N   . GLY A 82 ? 0.9048 0.9106 0.4723 -0.1188 0.0776  -0.0159 193 GLY A N   
623 C CA  . GLY A 82 ? 0.9927 1.0240 0.4896 -0.1407 0.0787  -0.0138 193 GLY A CA  
624 C C   . GLY A 82 ? 1.0345 1.0730 0.5102 -0.1518 0.0376  0.0146  193 GLY A C   
625 O O   . GLY A 82 ? 0.9717 0.9948 0.4925 -0.1400 0.0126  0.0350  193 GLY A O   
626 N N   . LYS A 83 ? 1.1316 1.1975 0.5389 -0.1749 0.0313  0.0169  194 LYS A N   
627 C CA  . LYS A 83 ? 1.1479 1.2299 0.5359 -0.1866 -0.0103 0.0464  194 LYS A CA  
628 C C   . LYS A 83 ? 1.1398 1.2130 0.5224 -0.1904 -0.0223 0.0077  194 LYS A C   
629 O O   . LYS A 83 ? 1.1566 1.2277 0.4975 -0.2025 -0.0005 -0.0374 194 LYS A O   
630 C CB  . LYS A 83 ? 1.2431 1.3659 0.5555 -0.2142 -0.0148 0.0702  194 LYS A CB  
631 C CG  . LYS A 83 ? 1.2716 1.4192 0.5702 -0.2261 -0.0625 0.1109  194 LYS A CG  
632 C CD  . LYS A 83 ? 1.3624 1.5529 0.5947 -0.2522 -0.0708 0.1531  194 LYS A CD  
633 C CE  . LYS A 83 ? 1.4538 1.6729 0.5919 -0.2811 -0.0444 0.1139  194 LYS A CE  
634 N NZ  . LYS A 83 ? 1.4794 1.6959 0.5864 -0.2931 -0.0513 0.0586  194 LYS A NZ  
635 N N   . PRO A 84 ? 1.1301 1.1976 0.5561 -0.1811 -0.0539 0.0231  195 PRO A N   
636 C CA  . PRO A 84 ? 1.1656 1.2368 0.5843 -0.1920 -0.0728 -0.0033 195 PRO A CA  
637 C C   . PRO A 84 ? 1.2529 1.3657 0.5975 -0.2233 -0.0931 0.0067  195 PRO A C   
638 O O   . PRO A 84 ? 1.2194 1.3620 0.5662 -0.2278 -0.1268 0.0524  195 PRO A O   
639 C CB  . PRO A 84 ? 1.1202 1.1895 0.6056 -0.1740 -0.1017 0.0265  195 PRO A CB  
640 C CG  . PRO A 84 ? 1.0625 1.1061 0.5955 -0.1495 -0.0849 0.0438  195 PRO A CG  
641 C CD  . PRO A 84 ? 1.0959 1.1508 0.5867 -0.1594 -0.0694 0.0608  195 PRO A CD  
642 N N   . GLY A 85 ? 1.3564 1.4713 0.6358 -0.2448 -0.0710 -0.0360 196 GLY A N   
643 C CA  . GLY A 85 ? 1.5005 1.6578 0.6928 -0.2783 -0.0821 -0.0298 196 GLY A CA  
644 C C   . GLY A 85 ? 1.6099 1.7529 0.7422 -0.2957 -0.0458 -0.0951 196 GLY A C   
645 O O   . GLY A 85 ? 1.6931 1.8246 0.8119 -0.3114 -0.0542 -0.1367 196 GLY A O   
646 N N   . ASP A 86 ? 1.6720 1.8136 0.7745 -0.2928 -0.0033 -0.1063 197 ASP A N   
647 C CA  . ASP A 86 ? 1.7845 1.9046 0.8447 -0.3016 0.0397  -0.1746 197 ASP A CA  
648 C C   . ASP A 86 ? 1.7810 1.8463 0.9205 -0.2724 0.0587  -0.2070 197 ASP A C   
649 O O   . ASP A 86 ? 1.7570 1.8079 0.9582 -0.2592 0.0298  -0.1877 197 ASP A O   
650 C CB  . ASP A 86 ? 1.8017 1.9404 0.8157 -0.3041 0.0859  -0.1807 197 ASP A CB  
651 C CG  . ASP A 86 ? 1.8886 2.0093 0.8478 -0.3168 0.1301  -0.2564 197 ASP A CG  
652 O OD1 . ASP A 86 ? 1.9461 2.0637 0.8492 -0.3461 0.1133  -0.2950 197 ASP A OD1 
653 O OD2 . ASP A 86 ? 1.8781 1.9849 0.8581 -0.2967 0.1818  -0.2797 197 ASP A OD2 
654 N N   . ASP A 87 ? 1.8839 1.9211 1.0238 -0.2619 0.1084  -0.2544 198 ASP A N   
655 C CA  . ASP A 87 ? 1.8579 1.8424 1.0697 -0.2366 0.1270  -0.2857 198 ASP A CA  
656 C C   . ASP A 87 ? 1.9554 1.9148 1.1491 -0.2316 0.1831  -0.3437 198 ASP A C   
657 O O   . ASP A 87 ? 2.0726 2.0082 1.2204 -0.2522 0.1932  -0.3993 198 ASP A O   
658 C CB  . ASP A 87 ? 1.8684 1.8312 1.0853 -0.2525 0.0931  -0.3050 198 ASP A CB  
659 C CG  . ASP A 87 ? 1.9758 1.9519 1.0998 -0.2947 0.0847  -0.3446 198 ASP A CG  
660 O OD1 . ASP A 87 ? 2.0427 2.0694 1.1098 -0.3194 0.0534  -0.3138 198 ASP A OD1 
661 O OD2 . ASP A 87 ? 1.9882 1.9235 1.0958 -0.3042 0.1093  -0.4063 198 ASP A OD2 
# 
